data_1O8C
#
_entry.id   1O8C
#
_cell.length_a   189.313
_cell.length_b   189.313
_cell.length_c   98.654
_cell.angle_alpha   90.00
_cell.angle_beta   90.00
_cell.angle_gamma   120.00
#
_symmetry.space_group_name_H-M   'P 61'
#
loop_
_entity.id
_entity.type
_entity.pdbx_description
1 polymer YHDH
2 non-polymer 'NADPH DIHYDRO-NICOTINAMIDE-ADENINE-DINUCLEOTIDE PHOSPHATE'
3 water water
#
_entity_poly.entity_id   1
_entity_poly.type   'polypeptide(L)'
_entity_poly.pdbx_seq_one_letter_code
;MSYYHHHHHHLESTSLYKKAGLQALLLEQQDGKTLASVQTLDESRLPEGDVTVDVHWSSLNYKDALAITGKGKIIRNFPM
IPGIDFAGTVRTSEDPRFHAGQEVLLTGWGVGENHWGGLAEQARVKGDWLVAMPQGLDARKAMIIGTAGFTAMLCVMALE
DAGVRPQDGEIVVTGASGGVGSTAVALLHKLGYQVVAVSGRESTHEYLKSLGASRVLPRDEFAESRPLEKQVWAGAIDTV
GDKVLAKVLAQMNYGGCVAACGLAGGFTLPTTVMPFILRNVRLQGVDSVMTPPERRAQAWQRLVADLPESFYTQAAKEIS
LSEAPNFAEAIINNQIQGRTLVKVN
;
_entity_poly.pdbx_strand_id   A,B,C,D
#
# COMPACT_ATOMS: atom_id res chain seq x y z
N LEU A 22 -30.76 -1.78 31.76
CA LEU A 22 -30.19 -0.73 30.83
C LEU A 22 -28.79 -1.03 30.20
N GLN A 23 -28.74 -1.46 28.93
CA GLN A 23 -27.46 -1.71 28.22
C GLN A 23 -26.87 -0.41 27.67
N ALA A 24 -25.57 -0.22 27.82
CA ALA A 24 -24.90 1.02 27.37
C ALA A 24 -23.47 0.76 26.94
N LEU A 25 -23.07 1.34 25.81
CA LEU A 25 -21.67 1.38 25.43
C LEU A 25 -20.98 2.41 26.32
N LEU A 26 -19.92 1.98 27.00
CA LEU A 26 -19.26 2.77 28.03
C LEU A 26 -17.77 2.89 27.73
N LEU A 27 -17.26 4.13 27.71
CA LEU A 27 -15.84 4.41 27.52
C LEU A 27 -15.10 4.59 28.85
N GLU A 28 -14.00 3.89 29.02
CA GLU A 28 -13.19 3.97 30.24
C GLU A 28 -11.78 4.30 29.79
N GLN A 29 -11.00 4.90 30.67
CA GLN A 29 -9.65 5.33 30.31
C GLN A 29 -8.60 4.79 31.27
N GLN A 30 -7.57 4.15 30.73
CA GLN A 30 -6.35 3.86 31.49
C GLN A 30 -5.08 3.87 30.65
N ASP A 31 -3.99 4.40 31.22
CA ASP A 31 -2.70 4.58 30.53
C ASP A 31 -2.83 5.24 29.16
N GLY A 32 -3.62 6.31 29.10
CA GLY A 32 -3.84 7.06 27.87
C GLY A 32 -4.90 6.49 26.95
N LYS A 33 -5.07 5.17 26.92
CA LYS A 33 -5.94 4.52 25.91
C LYS A 33 -7.41 4.47 26.35
N THR A 34 -8.32 4.51 25.37
CA THR A 34 -9.75 4.36 25.59
C THR A 34 -10.18 2.91 25.38
N LEU A 35 -10.94 2.38 26.33
CA LEU A 35 -11.54 1.06 26.21
C LEU A 35 -13.05 1.19 26.07
N ALA A 36 -13.61 0.52 25.07
CA ALA A 36 -15.05 0.54 24.84
C ALA A 36 -15.63 -0.87 25.03
N SER A 37 -16.68 -0.93 25.86
CA SER A 37 -17.42 -2.15 26.15
C SER A 37 -18.89 -1.82 26.49
N VAL A 38 -19.79 -2.77 26.26
CA VAL A 38 -21.20 -2.62 26.64
C VAL A 38 -21.40 -3.23 28.01
N GLN A 39 -21.94 -2.43 28.92
CA GLN A 39 -22.18 -2.85 30.30
C GLN A 39 -23.65 -2.66 30.65
N THR A 40 -24.12 -3.38 31.66
CA THR A 40 -25.45 -3.20 32.18
C THR A 40 -25.41 -2.16 33.31
N LEU A 41 -25.80 -0.92 33.00
CA LEU A 41 -25.96 0.13 34.00
C LEU A 41 -27.36 0.21 34.55
N ASP A 42 -27.49 0.89 35.68
CA ASP A 42 -28.79 1.12 36.28
C ASP A 42 -29.23 2.51 35.89
N GLU A 43 -30.54 2.71 35.83
CA GLU A 43 -31.15 4.04 35.68
C GLU A 43 -30.45 5.13 36.53
N SER A 44 -30.09 4.78 37.77
CA SER A 44 -29.49 5.70 38.73
C SER A 44 -28.17 6.31 38.29
N ARG A 45 -27.42 5.61 37.45
CA ARG A 45 -26.12 6.12 37.01
C ARG A 45 -26.22 7.23 35.96
N LEU A 46 -27.36 7.34 35.27
CA LEU A 46 -27.57 8.41 34.28
C LEU A 46 -27.52 9.82 34.88
N PRO A 47 -27.08 10.80 34.09
CA PRO A 47 -26.99 12.19 34.58
C PRO A 47 -28.37 12.85 34.70
N GLU A 48 -28.45 13.90 35.51
CA GLU A 48 -29.68 14.69 35.61
C GLU A 48 -30.04 15.27 34.24
N GLY A 49 -31.35 15.46 34.04
CA GLY A 49 -31.90 16.00 32.80
C GLY A 49 -33.41 15.78 32.80
N ASP A 50 -34.17 16.83 32.54
CA ASP A 50 -35.61 16.77 32.72
C ASP A 50 -36.41 15.93 31.71
N VAL A 51 -35.76 15.30 30.74
CA VAL A 51 -36.46 14.38 29.85
C VAL A 51 -35.67 13.09 29.73
N THR A 52 -36.30 11.97 30.11
CA THR A 52 -35.73 10.64 29.90
C THR A 52 -36.29 10.03 28.65
N VAL A 53 -35.41 9.50 27.79
CA VAL A 53 -35.80 8.91 26.52
C VAL A 53 -35.37 7.45 26.46
N ASP A 54 -36.31 6.55 26.21
CA ASP A 54 -35.97 5.18 25.83
C ASP A 54 -35.44 5.16 24.40
N VAL A 55 -34.13 5.11 24.27
CA VAL A 55 -33.48 5.13 22.96
C VAL A 55 -33.69 3.84 22.20
N HIS A 56 -34.17 3.95 20.97
CA HIS A 56 -34.35 2.78 20.10
C HIS A 56 -33.34 2.72 18.96
N TRP A 57 -32.76 3.87 18.62
CA TRP A 57 -31.79 3.94 17.55
C TRP A 57 -30.75 5.02 17.83
N SER A 58 -29.55 4.79 17.32
CA SER A 58 -28.48 5.76 17.34
C SER A 58 -27.71 5.56 16.06
N SER A 59 -26.53 6.18 15.94
CA SER A 59 -25.71 6.05 14.73
C SER A 59 -24.25 6.30 15.07
N LEU A 60 -23.37 6.00 14.12
CA LEU A 60 -21.97 6.34 14.24
C LEU A 60 -21.58 7.42 13.25
N ASN A 61 -21.08 8.52 13.77
CA ASN A 61 -20.48 9.60 12.99
C ASN A 61 -18.97 9.58 13.19
N TYR A 62 -18.24 10.38 12.41
CA TYR A 62 -16.79 10.43 12.56
C TYR A 62 -16.39 10.84 13.99
N LYS A 63 -17.11 11.78 14.58
CA LYS A 63 -16.79 12.28 15.92
C LYS A 63 -16.99 11.18 16.96
N ASP A 64 -18.03 10.37 16.78
CA ASP A 64 -18.27 9.20 17.62
C ASP A 64 -17.14 8.17 17.50
N ALA A 65 -16.63 7.97 16.29
CA ALA A 65 -15.54 7.05 16.07
C ALA A 65 -14.24 7.53 16.73
N LEU A 66 -13.98 8.84 16.71
CA LEU A 66 -12.80 9.42 17.38
C LEU A 66 -12.88 9.19 18.89
N ALA A 67 -14.07 9.38 19.44
CA ALA A 67 -14.34 9.19 20.86
C ALA A 67 -14.13 7.71 21.29
N ILE A 68 -14.73 6.79 20.54
CA ILE A 68 -14.65 5.39 20.86
C ILE A 68 -13.25 4.80 20.72
N THR A 69 -12.47 5.27 19.73
CA THR A 69 -11.10 4.79 19.58
C THR A 69 -10.09 5.57 20.40
N GLY A 70 -10.53 6.65 21.05
CA GLY A 70 -9.64 7.51 21.80
C GLY A 70 -8.72 8.41 20.97
N LYS A 71 -8.97 8.51 19.67
CA LYS A 71 -8.21 9.43 18.82
C LYS A 71 -8.73 10.86 19.00
N GLY A 72 -7.81 11.83 18.93
CA GLY A 72 -8.16 13.24 18.94
C GLY A 72 -8.64 13.94 20.23
N LYS A 73 -8.74 13.27 21.38
CA LYS A 73 -9.15 13.93 22.63
C LYS A 73 -10.52 14.59 22.52
N ILE A 74 -11.50 13.86 22.01
CA ILE A 74 -12.87 14.33 21.92
C ILE A 74 -13.51 14.39 23.32
N ILE A 75 -13.10 13.46 24.18
CA ILE A 75 -13.71 13.26 25.48
C ILE A 75 -12.66 13.48 26.56
N ARG A 76 -13.00 14.33 27.52
CA ARG A 76 -12.06 14.67 28.60
C ARG A 76 -12.48 14.07 29.96
N ASN A 77 -13.73 13.59 30.08
CA ASN A 77 -14.24 13.09 31.37
C ASN A 77 -14.83 11.69 31.32
N PHE A 78 -14.17 10.76 32.01
CA PHE A 78 -14.55 9.35 32.00
C PHE A 78 -15.07 8.93 33.37
N PRO A 79 -15.88 7.87 33.44
CA PRO A 79 -16.42 7.16 32.26
C PRO A 79 -17.50 7.94 31.50
N MET A 80 -17.70 7.54 30.23
CA MET A 80 -18.55 8.28 29.29
C MET A 80 -19.32 7.36 28.37
N ILE A 81 -20.61 7.59 28.25
CA ILE A 81 -21.41 6.98 27.19
C ILE A 81 -21.28 7.85 25.95
N PRO A 82 -20.73 7.32 24.86
CA PRO A 82 -20.61 8.09 23.63
C PRO A 82 -21.93 8.14 22.85
N GLY A 83 -21.93 8.79 21.70
CA GLY A 83 -23.11 8.85 20.88
C GLY A 83 -23.69 10.24 20.85
N ILE A 84 -23.35 10.99 19.80
CA ILE A 84 -23.86 12.35 19.62
C ILE A 84 -25.30 12.34 19.09
N ASP A 85 -25.81 11.18 18.70
CA ASP A 85 -27.15 11.01 18.12
C ASP A 85 -28.00 10.01 18.91
N PHE A 86 -29.29 10.30 19.04
CA PHE A 86 -30.26 9.25 19.36
C PHE A 86 -31.66 9.61 18.90
N ALA A 87 -32.50 8.60 18.83
CA ALA A 87 -33.91 8.76 18.58
C ALA A 87 -34.67 7.67 19.33
N GLY A 88 -35.79 8.02 19.93
CA GLY A 88 -36.59 7.08 20.68
C GLY A 88 -37.89 7.65 21.18
N THR A 89 -38.41 7.04 22.24
CA THR A 89 -39.68 7.42 22.83
C THR A 89 -39.46 8.00 24.22
N VAL A 90 -40.14 9.11 24.48
CA VAL A 90 -40.03 9.82 25.74
C VAL A 90 -40.64 8.94 26.81
N ARG A 91 -39.84 8.64 27.83
CA ARG A 91 -40.28 7.88 28.98
C ARG A 91 -41.01 8.78 29.99
N THR A 92 -40.32 9.83 30.46
CA THR A 92 -40.92 10.88 31.31
C THR A 92 -40.37 12.23 30.95
N SER A 93 -41.02 13.27 31.45
CA SER A 93 -40.71 14.65 31.10
C SER A 93 -41.19 15.63 32.18
N GLU A 94 -40.29 16.47 32.66
CA GLU A 94 -40.61 17.62 33.49
C GLU A 94 -40.54 18.87 32.64
N ASP A 95 -40.49 18.67 31.33
CA ASP A 95 -40.55 19.73 30.34
C ASP A 95 -41.92 19.58 29.65
N PRO A 96 -42.78 20.57 29.76
CA PRO A 96 -44.16 20.42 29.24
C PRO A 96 -44.27 20.44 27.70
N ARG A 97 -43.16 20.64 26.98
CA ARG A 97 -43.16 20.51 25.52
C ARG A 97 -43.10 19.06 25.09
N PHE A 98 -42.68 18.16 25.97
CA PHE A 98 -42.55 16.74 25.64
C PHE A 98 -43.34 15.90 26.61
N HIS A 99 -43.89 14.79 26.12
CA HIS A 99 -44.77 13.92 26.92
C HIS A 99 -44.41 12.44 26.72
N ALA A 100 -44.69 11.63 27.74
CA ALA A 100 -44.52 10.18 27.64
C ALA A 100 -45.21 9.64 26.38
N GLY A 101 -44.48 8.87 25.58
CA GLY A 101 -45.04 8.29 24.36
C GLY A 101 -44.62 9.00 23.10
N GLN A 102 -44.09 10.22 23.24
CA GLN A 102 -43.74 11.03 22.08
C GLN A 102 -42.42 10.58 21.46
N GLU A 103 -42.43 10.48 20.14
CA GLU A 103 -41.22 10.19 19.39
C GLU A 103 -40.39 11.46 19.31
N VAL A 104 -39.14 11.36 19.72
CA VAL A 104 -38.20 12.49 19.66
C VAL A 104 -36.86 12.04 19.05
N LEU A 105 -36.07 13.01 18.62
CA LEU A 105 -34.68 12.78 18.21
C LEU A 105 -33.77 13.80 18.85
N LEU A 106 -32.48 13.54 18.80
CA LEU A 106 -31.46 14.45 19.31
C LEU A 106 -30.19 14.31 18.47
N THR A 107 -29.60 15.44 18.10
CA THR A 107 -28.22 15.48 17.63
C THR A 107 -27.48 16.65 18.29
N GLY A 108 -26.23 16.40 18.69
CA GLY A 108 -25.34 17.44 19.17
C GLY A 108 -25.58 17.93 20.59
N TRP A 109 -25.38 19.23 20.81
CA TRP A 109 -25.54 19.90 22.09
C TRP A 109 -24.57 19.44 23.18
N GLY A 110 -23.47 18.81 22.77
CA GLY A 110 -22.50 18.26 23.71
C GLY A 110 -22.81 16.83 24.16
N VAL A 111 -23.97 16.33 23.78
CA VAL A 111 -24.33 14.94 24.06
C VAL A 111 -23.39 14.02 23.29
N GLY A 112 -22.95 12.94 23.93
CA GLY A 112 -21.92 12.08 23.39
C GLY A 112 -20.49 12.61 23.50
N GLU A 113 -20.29 13.79 24.11
CA GLU A 113 -18.97 14.39 24.28
C GLU A 113 -18.68 14.71 25.73
N ASN A 114 -19.45 15.63 26.30
CA ASN A 114 -19.32 16.03 27.69
C ASN A 114 -20.60 15.73 28.51
N HIS A 115 -21.45 14.87 27.97
CA HIS A 115 -22.72 14.51 28.61
C HIS A 115 -23.19 13.15 28.07
N TRP A 116 -23.49 12.20 28.95
CA TRP A 116 -23.77 10.83 28.54
C TRP A 116 -24.76 10.78 27.38
N GLY A 117 -24.41 9.98 26.36
CA GLY A 117 -24.99 10.06 25.04
C GLY A 117 -25.95 8.97 24.65
N GLY A 118 -26.07 8.77 23.33
CA GLY A 118 -27.17 8.02 22.74
C GLY A 118 -26.91 6.58 22.41
N LEU A 119 -25.68 6.11 22.60
CA LEU A 119 -25.36 4.70 22.39
C LEU A 119 -25.65 3.90 23.68
N ALA A 120 -26.94 3.85 24.03
CA ALA A 120 -27.43 3.25 25.27
C ALA A 120 -28.95 3.16 25.19
N GLU A 121 -29.57 2.26 25.95
CA GLU A 121 -31.01 2.06 25.88
C GLU A 121 -31.82 3.20 26.50
N GLN A 122 -31.15 4.04 27.30
CA GLN A 122 -31.75 5.23 27.90
C GLN A 122 -30.78 6.39 27.89
N ALA A 123 -31.31 7.59 27.64
CA ALA A 123 -30.58 8.84 27.83
C ALA A 123 -31.44 9.84 28.61
N ARG A 124 -30.79 10.72 29.36
CA ARG A 124 -31.47 11.79 30.07
C ARG A 124 -30.81 13.11 29.68
N VAL A 125 -31.62 14.04 29.18
CA VAL A 125 -31.15 15.27 28.58
C VAL A 125 -32.05 16.46 28.90
N LYS A 126 -31.57 17.66 28.60
CA LYS A 126 -32.36 18.87 28.74
C LYS A 126 -33.35 18.91 27.58
N GLY A 127 -34.57 19.35 27.85
CA GLY A 127 -35.60 19.43 26.83
C GLY A 127 -35.22 20.31 25.66
N ASP A 128 -34.42 21.34 25.92
CA ASP A 128 -33.94 22.26 24.86
C ASP A 128 -33.09 21.55 23.80
N TRP A 129 -32.52 20.40 24.15
CA TRP A 129 -31.64 19.65 23.24
C TRP A 129 -32.40 18.73 22.30
N LEU A 130 -33.68 18.50 22.59
CA LEU A 130 -34.51 17.59 21.83
C LEU A 130 -35.23 18.26 20.67
N VAL A 131 -35.58 17.44 19.68
CA VAL A 131 -36.38 17.86 18.55
C VAL A 131 -37.54 16.88 18.43
N ALA A 132 -38.76 17.41 18.53
CA ALA A 132 -39.98 16.60 18.33
C ALA A 132 -39.93 16.00 16.94
N MET A 133 -40.33 14.75 16.81
CA MET A 133 -40.17 13.99 15.58
C MET A 133 -40.85 14.73 14.43
N PRO A 134 -40.07 15.15 13.42
CA PRO A 134 -40.66 15.76 12.23
C PRO A 134 -41.70 14.85 11.56
N GLN A 135 -42.75 15.47 11.03
CA GLN A 135 -43.78 14.77 10.25
C GLN A 135 -43.14 14.19 9.00
N GLY A 136 -43.42 12.92 8.74
CA GLY A 136 -42.88 12.22 7.60
C GLY A 136 -41.64 11.42 7.93
N LEU A 137 -41.23 11.46 9.20
CA LEU A 137 -40.03 10.80 9.66
C LEU A 137 -40.34 9.87 10.84
N ASP A 138 -39.48 8.90 11.10
CA ASP A 138 -39.54 8.10 12.34
C ASP A 138 -38.13 7.96 12.93
N ALA A 139 -38.01 7.28 14.08
CA ALA A 139 -36.72 7.24 14.79
C ALA A 139 -35.61 6.54 13.98
N ARG A 140 -35.97 5.50 13.24
CA ARG A 140 -34.99 4.77 12.45
C ARG A 140 -34.42 5.66 11.34
N LYS A 141 -35.30 6.27 10.56
CA LYS A 141 -34.89 7.11 9.44
C LYS A 141 -34.11 8.33 9.94
N ALA A 142 -34.54 8.89 11.06
CA ALA A 142 -33.89 10.05 11.67
C ALA A 142 -32.43 9.77 12.02
N MET A 143 -32.12 8.53 12.38
CA MET A 143 -30.76 8.17 12.78
C MET A 143 -29.93 7.68 11.61
N ILE A 144 -30.57 7.21 10.55
CA ILE A 144 -29.86 6.98 9.29
C ILE A 144 -29.29 8.32 8.82
N ILE A 145 -30.08 9.38 8.95
CA ILE A 145 -29.64 10.73 8.65
C ILE A 145 -28.58 11.11 9.68
N GLY A 146 -28.98 11.16 10.94
CA GLY A 146 -28.08 11.47 12.04
C GLY A 146 -27.40 12.81 11.92
N THR A 147 -26.33 12.98 12.70
CA THR A 147 -25.57 14.22 12.69
C THR A 147 -24.97 14.47 11.30
N ALA A 148 -24.54 13.41 10.63
CA ALA A 148 -23.88 13.57 9.32
C ALA A 148 -24.83 14.11 8.26
N GLY A 149 -26.06 13.61 8.26
CA GLY A 149 -27.06 14.02 7.29
C GLY A 149 -27.62 15.40 7.60
N PHE A 150 -27.81 15.65 8.90
CA PHE A 150 -28.20 16.95 9.43
C PHE A 150 -27.17 17.99 8.97
N THR A 151 -25.91 17.62 9.07
CA THR A 151 -24.80 18.48 8.71
C THR A 151 -24.76 18.70 7.21
N ALA A 152 -25.02 17.64 6.43
CA ALA A 152 -25.10 17.78 4.98
C ALA A 152 -26.18 18.77 4.58
N MET A 153 -27.31 18.72 5.28
CA MET A 153 -28.43 19.62 4.97
C MET A 153 -28.05 21.07 5.26
N LEU A 154 -27.41 21.29 6.41
CA LEU A 154 -26.94 22.62 6.75
C LEU A 154 -25.94 23.17 5.71
N CYS A 155 -25.15 22.27 5.12
CA CYS A 155 -24.19 22.64 4.10
C CYS A 155 -24.88 23.05 2.81
N VAL A 156 -25.90 22.30 2.42
CA VAL A 156 -26.70 22.62 1.23
C VAL A 156 -27.38 23.95 1.44
N MET A 157 -27.92 24.18 2.63
CA MET A 157 -28.59 25.43 2.98
C MET A 157 -27.65 26.61 2.99
N ALA A 158 -26.38 26.39 3.32
CA ALA A 158 -25.37 27.45 3.28
C ALA A 158 -25.08 27.85 1.83
N LEU A 159 -25.04 26.86 0.94
CA LEU A 159 -24.83 27.12 -0.48
C LEU A 159 -25.98 27.91 -1.08
N GLU A 160 -27.19 27.59 -0.63
CA GLU A 160 -28.40 28.34 -1.05
C GLU A 160 -28.42 29.76 -0.51
N ASP A 161 -27.98 29.95 0.73
CA ASP A 161 -27.83 31.29 1.31
C ASP A 161 -26.84 32.14 0.55
N ALA A 162 -25.86 31.49 -0.07
CA ALA A 162 -24.82 32.19 -0.85
C ALA A 162 -25.23 32.43 -2.30
N GLY A 163 -26.44 32.05 -2.67
CA GLY A 163 -26.97 32.24 -4.02
C GLY A 163 -26.51 31.21 -5.04
N VAL A 164 -25.98 30.08 -4.57
CA VAL A 164 -25.51 29.03 -5.47
C VAL A 164 -26.70 28.18 -5.89
N ARG A 165 -27.04 28.27 -7.18
CA ARG A 165 -28.15 27.56 -7.78
C ARG A 165 -27.59 26.55 -8.79
N PRO A 166 -28.39 25.55 -9.18
CA PRO A 166 -27.97 24.54 -10.16
C PRO A 166 -27.33 25.08 -11.45
N GLN A 167 -27.87 26.16 -12.00
CA GLN A 167 -27.41 26.69 -13.29
C GLN A 167 -26.02 27.36 -13.21
N ASP A 168 -25.55 27.62 -12.00
CA ASP A 168 -24.27 28.30 -11.79
C ASP A 168 -23.04 27.43 -12.05
N GLY A 169 -23.21 26.11 -12.08
CA GLY A 169 -22.11 25.21 -12.37
C GLY A 169 -22.03 24.04 -11.42
N GLU A 170 -20.90 23.33 -11.48
CA GLU A 170 -20.76 22.07 -10.75
C GLU A 170 -20.53 22.28 -9.26
N ILE A 171 -21.09 21.39 -8.45
CA ILE A 171 -20.84 21.38 -7.03
C ILE A 171 -19.94 20.19 -6.72
N VAL A 172 -18.84 20.43 -5.99
CA VAL A 172 -17.93 19.37 -5.58
C VAL A 172 -18.17 18.97 -4.12
N VAL A 173 -18.15 17.66 -3.87
CA VAL A 173 -18.33 17.10 -2.54
C VAL A 173 -17.13 16.23 -2.24
N THR A 174 -16.39 16.55 -1.16
CA THR A 174 -15.22 15.77 -0.77
C THR A 174 -15.56 14.76 0.34
N GLY A 175 -14.71 13.75 0.48
CA GLY A 175 -14.98 12.63 1.35
C GLY A 175 -16.38 12.10 1.05
N ALA A 176 -16.66 11.96 -0.24
CA ALA A 176 -18.03 11.82 -0.73
C ALA A 176 -18.69 10.50 -0.33
N SER A 177 -17.88 9.46 -0.14
CA SER A 177 -18.38 8.12 0.14
C SER A 177 -18.80 7.96 1.60
N GLY A 178 -18.43 8.92 2.43
CA GLY A 178 -18.79 8.90 3.84
C GLY A 178 -20.23 9.30 4.12
N GLY A 179 -20.50 9.59 5.39
CA GLY A 179 -21.86 9.90 5.82
C GLY A 179 -22.38 11.25 5.35
N VAL A 180 -21.64 12.30 5.67
CA VAL A 180 -22.02 13.65 5.25
C VAL A 180 -22.00 13.70 3.74
N GLY A 181 -20.91 13.19 3.16
CA GLY A 181 -20.71 13.23 1.72
C GLY A 181 -21.81 12.52 0.96
N SER A 182 -22.19 11.31 1.41
CA SER A 182 -23.25 10.53 0.76
C SER A 182 -24.57 11.31 0.76
N THR A 183 -24.90 11.85 1.93
CA THR A 183 -26.12 12.64 2.08
C THR A 183 -26.08 13.86 1.18
N ALA A 184 -24.93 14.52 1.12
CA ALA A 184 -24.79 15.74 0.33
C ALA A 184 -25.00 15.46 -1.15
N VAL A 185 -24.39 14.39 -1.66
CA VAL A 185 -24.51 14.02 -3.07
C VAL A 185 -25.99 13.78 -3.42
N ALA A 186 -26.67 13.03 -2.56
CA ALA A 186 -28.07 12.69 -2.80
C ALA A 186 -28.97 13.91 -2.73
N LEU A 187 -28.73 14.79 -1.76
CA LEU A 187 -29.51 16.02 -1.62
C LEU A 187 -29.34 16.93 -2.85
N LEU A 188 -28.10 17.16 -3.23
CA LEU A 188 -27.76 18.03 -4.36
C LEU A 188 -28.29 17.51 -5.70
N HIS A 189 -28.17 16.21 -5.92
CA HIS A 189 -28.72 15.59 -7.13
C HIS A 189 -30.23 15.74 -7.16
N LYS A 190 -30.89 15.48 -6.04
CA LYS A 190 -32.32 15.73 -5.90
C LYS A 190 -32.71 17.18 -6.24
N LEU A 191 -31.92 18.14 -5.76
CA LEU A 191 -32.25 19.57 -5.91
C LEU A 191 -31.87 20.15 -7.28
N GLY A 192 -31.32 19.31 -8.16
CA GLY A 192 -31.09 19.69 -9.55
C GLY A 192 -29.65 20.03 -9.89
N TYR A 193 -28.75 19.99 -8.90
CA TYR A 193 -27.33 20.29 -9.14
C TYR A 193 -26.60 19.16 -9.85
N GLN A 194 -25.63 19.53 -10.67
CA GLN A 194 -24.65 18.58 -11.20
C GLN A 194 -23.56 18.41 -10.14
N VAL A 195 -23.45 17.20 -9.60
CA VAL A 195 -22.53 16.91 -8.48
C VAL A 195 -21.31 16.14 -8.92
N VAL A 196 -20.15 16.57 -8.44
CA VAL A 196 -18.88 15.88 -8.67
C VAL A 196 -18.37 15.43 -7.31
N ALA A 197 -18.11 14.13 -7.18
CA ALA A 197 -17.62 13.54 -5.95
C ALA A 197 -16.10 13.36 -5.99
N VAL A 198 -15.45 13.62 -4.87
CA VAL A 198 -14.03 13.32 -4.71
C VAL A 198 -13.88 12.17 -3.70
N SER A 199 -13.22 11.10 -4.13
CA SER A 199 -12.98 9.94 -3.28
C SER A 199 -11.56 9.43 -3.44
N GLY A 200 -10.99 8.95 -2.33
CA GLY A 200 -9.66 8.36 -2.35
C GLY A 200 -9.63 6.86 -2.58
N ARG A 201 -10.79 6.28 -2.92
CA ARG A 201 -10.91 4.83 -3.13
C ARG A 201 -11.70 4.52 -4.40
N GLU A 202 -11.14 3.62 -5.22
CA GLU A 202 -11.77 3.13 -6.45
C GLU A 202 -13.08 2.35 -6.18
N SER A 203 -13.15 1.68 -5.02
CA SER A 203 -14.31 0.85 -4.66
C SER A 203 -15.61 1.62 -4.41
N THR A 204 -15.52 2.95 -4.24
CA THR A 204 -16.69 3.77 -3.96
C THR A 204 -17.40 4.26 -5.21
N HIS A 205 -16.80 4.10 -6.39
CA HIS A 205 -17.27 4.83 -7.59
C HIS A 205 -18.71 4.52 -7.96
N GLU A 206 -19.04 3.23 -8.07
CA GLU A 206 -20.39 2.81 -8.48
C GLU A 206 -21.42 3.22 -7.44
N TYR A 207 -21.06 3.13 -6.17
CA TYR A 207 -21.95 3.57 -5.11
C TYR A 207 -22.25 5.06 -5.25
N LEU A 208 -21.23 5.86 -5.51
CA LEU A 208 -21.39 7.32 -5.61
C LEU A 208 -22.20 7.74 -6.81
N LYS A 209 -21.96 7.12 -7.96
CA LYS A 209 -22.79 7.31 -9.15
C LYS A 209 -24.26 6.94 -8.92
N SER A 210 -24.50 5.92 -8.10
CA SER A 210 -25.87 5.50 -7.81
C SER A 210 -26.60 6.50 -6.87
N LEU A 211 -25.83 7.28 -6.11
CA LEU A 211 -26.39 8.34 -5.26
C LEU A 211 -26.72 9.61 -6.06
N GLY A 212 -26.13 9.76 -7.24
CA GLY A 212 -26.39 10.91 -8.10
C GLY A 212 -25.17 11.71 -8.58
N ALA A 213 -23.96 11.20 -8.33
CA ALA A 213 -22.74 11.88 -8.76
C ALA A 213 -22.51 11.71 -10.26
N SER A 214 -22.24 12.82 -10.96
CA SER A 214 -21.97 12.80 -12.39
C SER A 214 -20.62 12.19 -12.69
N ARG A 215 -19.65 12.44 -11.82
CA ARG A 215 -18.38 11.75 -11.91
C ARG A 215 -17.63 11.73 -10.60
N VAL A 216 -16.58 10.91 -10.53
CA VAL A 216 -15.80 10.72 -9.30
C VAL A 216 -14.32 10.99 -9.56
N LEU A 217 -13.79 12.01 -8.91
CA LEU A 217 -12.39 12.41 -9.04
C LEU A 217 -11.56 11.83 -7.90
N PRO A 218 -10.32 11.44 -8.16
CA PRO A 218 -9.48 10.84 -7.11
C PRO A 218 -8.93 11.88 -6.13
N ARG A 219 -8.74 11.46 -4.89
CA ARG A 219 -8.28 12.36 -3.85
C ARG A 219 -6.83 12.77 -4.03
N ASP A 220 -6.02 11.93 -4.68
CA ASP A 220 -4.60 12.25 -4.90
C ASP A 220 -4.39 13.39 -5.90
N GLU A 221 -5.45 13.83 -6.57
CA GLU A 221 -5.42 15.03 -7.39
C GLU A 221 -5.76 16.31 -6.63
N PHE A 222 -5.92 16.19 -5.31
CA PHE A 222 -6.18 17.32 -4.40
C PHE A 222 -5.15 17.34 -3.24
N ALA A 223 -3.88 17.09 -3.58
CA ALA A 223 -2.78 17.04 -2.62
C ALA A 223 -1.98 18.34 -2.59
N GLU A 224 -1.77 18.96 -3.75
CA GLU A 224 -1.10 20.26 -3.82
C GLU A 224 -1.81 21.25 -4.76
N SER A 225 -1.60 22.54 -4.51
CA SER A 225 -2.29 23.58 -5.26
C SER A 225 -1.53 24.89 -5.27
N ARG A 226 -1.70 25.63 -6.35
CA ARG A 226 -1.31 27.04 -6.40
C ARG A 226 -2.34 27.85 -5.61
N PRO A 227 -2.01 29.09 -5.25
CA PRO A 227 -2.98 29.94 -4.55
C PRO A 227 -4.28 30.08 -5.36
N LEU A 228 -4.13 30.17 -6.68
CA LEU A 228 -5.27 30.22 -7.60
C LEU A 228 -5.13 29.19 -8.74
N GLU A 229 -6.04 28.21 -8.74
CA GLU A 229 -6.14 27.24 -9.83
C GLU A 229 -7.22 27.73 -10.79
N LYS A 230 -7.38 27.04 -11.90
CA LYS A 230 -8.45 27.34 -12.84
C LYS A 230 -9.82 27.25 -12.16
N GLN A 231 -10.71 28.20 -12.44
CA GLN A 231 -12.06 28.21 -11.85
C GLN A 231 -12.92 27.07 -12.40
N VAL A 232 -13.38 26.17 -11.53
CA VAL A 232 -14.28 25.08 -11.94
C VAL A 232 -15.52 24.83 -11.06
N TRP A 233 -15.53 25.21 -9.79
CA TRP A 233 -16.68 24.93 -8.91
C TRP A 233 -17.56 26.15 -8.61
N ALA A 234 -18.86 26.06 -8.90
CA ALA A 234 -19.84 27.05 -8.43
C ALA A 234 -19.99 26.99 -6.92
N GLY A 235 -19.88 25.78 -6.40
CA GLY A 235 -19.99 25.56 -4.97
C GLY A 235 -19.32 24.28 -4.53
N ALA A 236 -19.23 24.07 -3.23
CA ALA A 236 -18.56 22.88 -2.67
C ALA A 236 -19.02 22.57 -1.25
N ILE A 237 -19.07 21.27 -0.94
CA ILE A 237 -19.29 20.80 0.42
C ILE A 237 -18.08 19.97 0.80
N ASP A 238 -17.36 20.42 1.82
CA ASP A 238 -16.09 19.80 2.19
C ASP A 238 -16.12 19.13 3.55
N THR A 239 -15.68 17.87 3.59
CA THR A 239 -15.66 17.08 4.81
C THR A 239 -14.26 16.67 5.25
N VAL A 240 -13.21 17.10 4.54
CA VAL A 240 -11.87 16.58 4.85
C VAL A 240 -10.87 17.63 5.37
N GLY A 241 -11.05 18.89 5.01
CA GLY A 241 -10.16 19.95 5.46
C GLY A 241 -8.79 19.74 4.87
N ASP A 242 -7.76 20.21 5.57
CA ASP A 242 -6.37 19.99 5.16
C ASP A 242 -6.12 20.42 3.72
N LYS A 243 -5.35 19.66 2.95
CA LYS A 243 -4.90 20.08 1.63
C LYS A 243 -6.00 19.95 0.58
N VAL A 244 -6.96 19.07 0.83
CA VAL A 244 -8.11 18.93 -0.06
C VAL A 244 -8.95 20.22 -0.09
N LEU A 245 -9.28 20.75 1.09
CA LEU A 245 -10.03 21.98 1.20
C LEU A 245 -9.26 23.16 0.60
N ALA A 246 -7.94 23.16 0.80
CA ALA A 246 -7.11 24.26 0.29
C ALA A 246 -7.16 24.33 -1.24
N LYS A 247 -7.14 23.16 -1.89
CA LYS A 247 -7.19 23.06 -3.34
C LYS A 247 -8.58 23.43 -3.85
N VAL A 248 -9.61 22.93 -3.19
CA VAL A 248 -10.99 23.26 -3.55
C VAL A 248 -11.20 24.78 -3.52
N LEU A 249 -10.66 25.45 -2.50
CA LEU A 249 -10.74 26.91 -2.38
C LEU A 249 -10.07 27.60 -3.58
N ALA A 250 -8.92 27.08 -3.98
CA ALA A 250 -8.21 27.60 -5.13
C ALA A 250 -8.93 27.37 -6.46
N GLN A 251 -9.87 26.43 -6.48
CA GLN A 251 -10.62 26.04 -7.69
C GLN A 251 -12.01 26.70 -7.81
N MET A 252 -12.42 27.46 -6.79
CA MET A 252 -13.75 28.06 -6.77
C MET A 252 -13.92 29.16 -7.82
N ASN A 253 -15.06 29.12 -8.52
CA ASN A 253 -15.52 30.22 -9.37
C ASN A 253 -15.62 31.53 -8.61
N TYR A 254 -15.53 32.64 -9.35
CA TYR A 254 -15.79 33.95 -8.78
C TYR A 254 -17.17 33.91 -8.10
N GLY A 255 -17.22 34.35 -6.84
CA GLY A 255 -18.45 34.43 -6.09
C GLY A 255 -18.94 33.11 -5.54
N GLY A 256 -18.17 32.05 -5.73
CA GLY A 256 -18.57 30.73 -5.28
C GLY A 256 -18.49 30.57 -3.77
N CYS A 257 -19.10 29.51 -3.27
CA CYS A 257 -19.14 29.27 -1.84
C CYS A 257 -18.73 27.85 -1.48
N VAL A 258 -17.94 27.73 -0.42
CA VAL A 258 -17.56 26.45 0.14
C VAL A 258 -18.16 26.29 1.55
N ALA A 259 -18.99 25.27 1.72
CA ALA A 259 -19.50 24.89 3.03
C ALA A 259 -18.55 23.86 3.60
N ALA A 260 -17.83 24.22 4.65
CA ALA A 260 -16.81 23.36 5.24
C ALA A 260 -17.29 22.89 6.60
N CYS A 261 -17.33 21.57 6.79
CA CYS A 261 -17.85 20.97 8.02
C CYS A 261 -16.94 19.93 8.68
N GLY A 262 -15.82 19.58 8.04
CA GLY A 262 -15.00 18.46 8.46
C GLY A 262 -13.49 18.62 8.56
N LEU A 263 -12.86 17.55 9.03
CA LEU A 263 -11.43 17.46 9.26
C LEU A 263 -10.91 16.03 9.06
N ALA A 264 -11.56 15.26 8.18
CA ALA A 264 -11.19 13.85 7.98
C ALA A 264 -9.75 13.66 7.48
N GLY A 265 -9.25 14.63 6.73
CA GLY A 265 -7.88 14.60 6.24
C GLY A 265 -6.90 15.42 7.07
N GLY A 266 -7.39 16.07 8.12
CA GLY A 266 -6.56 16.90 8.99
C GLY A 266 -7.26 18.21 9.36
N PHE A 267 -6.97 18.72 10.55
CA PHE A 267 -7.66 19.87 11.10
C PHE A 267 -7.05 21.20 10.65
N THR A 268 -5.82 21.17 10.16
CA THR A 268 -5.18 22.40 9.66
C THR A 268 -5.75 22.82 8.29
N LEU A 269 -5.53 24.08 7.95
CA LEU A 269 -5.98 24.63 6.67
C LEU A 269 -4.90 25.53 6.12
N PRO A 270 -3.95 24.95 5.39
CA PRO A 270 -2.83 25.71 4.81
C PRO A 270 -3.26 26.28 3.45
N THR A 271 -3.91 27.44 3.49
CA THR A 271 -4.46 28.08 2.30
C THR A 271 -3.87 29.49 2.13
N THR A 272 -4.50 30.31 1.29
CA THR A 272 -4.10 31.71 1.11
C THR A 272 -5.33 32.59 1.06
N VAL A 273 -5.10 33.90 1.03
CA VAL A 273 -6.19 34.86 0.94
C VAL A 273 -6.66 35.08 -0.50
N MET A 274 -5.95 34.51 -1.47
CA MET A 274 -6.15 34.86 -2.87
C MET A 274 -7.54 34.55 -3.43
N PRO A 275 -8.11 33.37 -3.15
CA PRO A 275 -9.48 33.09 -3.57
C PRO A 275 -10.47 34.07 -2.91
N PHE A 276 -10.18 34.44 -1.67
CA PHE A 276 -11.06 35.33 -0.96
C PHE A 276 -11.02 36.75 -1.56
N ILE A 277 -9.82 37.30 -1.74
CA ILE A 277 -9.66 38.70 -2.08
C ILE A 277 -9.65 38.98 -3.57
N LEU A 278 -9.41 37.95 -4.41
CA LEU A 278 -9.45 38.13 -5.88
C LEU A 278 -10.63 37.46 -6.54
N ARG A 279 -11.29 36.54 -5.85
CA ARG A 279 -12.47 35.87 -6.38
C ARG A 279 -13.71 35.94 -5.50
N ASN A 280 -13.70 36.79 -4.47
CA ASN A 280 -14.87 37.02 -3.63
C ASN A 280 -15.50 35.72 -3.15
N VAL A 281 -14.66 34.77 -2.73
CA VAL A 281 -15.12 33.45 -2.31
C VAL A 281 -15.61 33.47 -0.87
N ARG A 282 -16.73 32.82 -0.59
CA ARG A 282 -17.21 32.61 0.79
C ARG A 282 -16.83 31.24 1.31
N LEU A 283 -16.14 31.17 2.45
CA LEU A 283 -15.91 29.91 3.15
C LEU A 283 -16.84 29.91 4.37
N GLN A 284 -18.00 29.29 4.20
CA GLN A 284 -18.97 29.15 5.27
C GLN A 284 -18.67 27.93 6.14
N GLY A 285 -18.29 28.17 7.38
CA GLY A 285 -18.19 27.10 8.34
C GLY A 285 -19.57 26.63 8.72
N VAL A 286 -19.73 25.31 8.88
CA VAL A 286 -20.99 24.71 9.30
C VAL A 286 -20.76 23.82 10.51
N ASP A 287 -21.39 24.19 11.61
CA ASP A 287 -21.38 23.43 12.86
C ASP A 287 -22.78 22.88 13.04
N SER A 288 -22.85 21.69 13.62
CA SER A 288 -24.10 21.01 13.92
C SER A 288 -24.40 20.91 15.42
N VAL A 289 -23.39 21.15 16.26
CA VAL A 289 -23.51 20.97 17.71
C VAL A 289 -24.48 21.97 18.34
N MET A 290 -24.32 23.23 18.00
CA MET A 290 -25.09 24.32 18.62
C MET A 290 -26.04 25.06 17.68
N THR A 291 -26.40 24.43 16.58
CA THR A 291 -27.37 24.98 15.63
C THR A 291 -28.61 25.42 16.40
N PRO A 292 -28.98 26.71 16.33
CA PRO A 292 -30.18 27.21 17.03
C PRO A 292 -31.49 26.49 16.64
N PRO A 293 -32.44 26.42 17.58
CA PRO A 293 -33.73 25.74 17.36
C PRO A 293 -34.42 25.94 15.99
N GLU A 294 -34.53 27.19 15.53
CA GLU A 294 -35.28 27.49 14.31
C GLU A 294 -34.62 26.92 13.05
N ARG A 295 -33.31 27.11 12.92
CA ARG A 295 -32.55 26.58 11.79
C ARG A 295 -32.42 25.06 11.88
N ARG A 296 -32.35 24.54 13.10
CA ARG A 296 -32.33 23.11 13.32
C ARG A 296 -33.61 22.48 12.75
N ALA A 297 -34.76 22.96 13.22
CA ALA A 297 -36.09 22.53 12.76
C ALA A 297 -36.23 22.66 11.25
N GLN A 298 -35.75 23.77 10.68
CA GLN A 298 -35.80 23.99 9.23
C GLN A 298 -35.00 22.89 8.49
N ALA A 299 -33.81 22.57 8.99
CA ALA A 299 -32.97 21.55 8.37
C ALA A 299 -33.64 20.18 8.36
N TRP A 300 -34.28 19.83 9.47
CA TRP A 300 -34.98 18.56 9.56
C TRP A 300 -36.19 18.52 8.62
N GLN A 301 -36.93 19.62 8.56
CA GLN A 301 -38.08 19.69 7.69
C GLN A 301 -37.61 19.52 6.22
N ARG A 302 -36.44 20.07 5.91
CA ARG A 302 -35.91 20.03 4.54
C ARG A 302 -35.44 18.62 4.20
N LEU A 303 -34.94 17.89 5.18
CA LEU A 303 -34.44 16.53 4.97
C LEU A 303 -35.56 15.58 4.65
N VAL A 304 -36.69 15.74 5.34
CA VAL A 304 -37.86 14.93 5.09
C VAL A 304 -38.32 15.08 3.63
N ALA A 305 -38.24 16.31 3.11
CA ALA A 305 -38.68 16.60 1.76
C ALA A 305 -37.64 16.26 0.69
N ASP A 306 -36.36 16.45 0.99
CA ASP A 306 -35.36 16.51 -0.07
C ASP A 306 -34.45 15.30 -0.15
N LEU A 307 -34.44 14.47 0.89
CA LEU A 307 -33.70 13.20 0.87
C LEU A 307 -34.64 12.11 0.34
N PRO A 308 -34.31 11.51 -0.81
CA PRO A 308 -35.19 10.53 -1.43
C PRO A 308 -35.24 9.23 -0.61
N GLU A 309 -36.37 8.53 -0.62
CA GLU A 309 -36.48 7.32 0.19
C GLU A 309 -35.43 6.26 -0.17
N SER A 310 -34.98 6.25 -1.42
CA SER A 310 -33.94 5.30 -1.86
C SER A 310 -32.64 5.40 -1.06
N PHE A 311 -32.37 6.58 -0.50
CA PHE A 311 -31.20 6.82 0.32
C PHE A 311 -31.16 5.95 1.57
N TYR A 312 -32.30 5.84 2.25
CA TYR A 312 -32.36 5.07 3.51
C TYR A 312 -32.00 3.59 3.33
N THR A 313 -32.14 3.04 2.12
CA THR A 313 -31.64 1.68 1.87
C THR A 313 -30.33 1.60 1.07
N GLN A 314 -29.93 2.65 0.36
CA GLN A 314 -28.65 2.63 -0.40
C GLN A 314 -27.44 2.96 0.47
N ALA A 315 -27.65 3.77 1.50
CA ALA A 315 -26.57 4.33 2.29
C ALA A 315 -26.47 3.75 3.67
N ALA A 316 -27.44 2.95 4.09
CA ALA A 316 -27.50 2.55 5.50
C ALA A 316 -27.05 1.12 5.71
N LYS A 317 -26.41 0.89 6.84
CA LYS A 317 -26.07 -0.43 7.31
C LYS A 317 -26.46 -0.50 8.78
N GLU A 318 -27.37 -1.41 9.12
CA GLU A 318 -27.77 -1.60 10.50
C GLU A 318 -26.78 -2.53 11.24
N ILE A 319 -26.37 -2.11 12.43
CA ILE A 319 -25.57 -2.93 13.32
C ILE A 319 -26.15 -2.89 14.71
N SER A 320 -25.73 -3.79 15.58
CA SER A 320 -26.18 -3.79 16.97
C SER A 320 -25.26 -2.91 17.80
N LEU A 321 -25.70 -2.59 19.01
CA LEU A 321 -24.96 -1.70 19.90
C LEU A 321 -23.51 -2.12 20.13
N SER A 322 -23.28 -3.38 20.48
CA SER A 322 -21.97 -3.82 20.99
C SER A 322 -20.94 -4.02 19.88
N GLU A 323 -21.38 -4.02 18.63
CA GLU A 323 -20.45 -4.10 17.52
C GLU A 323 -20.10 -2.73 16.96
N ALA A 324 -20.51 -1.67 17.65
CA ALA A 324 -20.18 -0.29 17.28
C ALA A 324 -18.66 -0.03 17.19
N PRO A 325 -17.88 -0.50 18.15
CA PRO A 325 -16.42 -0.29 18.09
C PRO A 325 -15.74 -0.89 16.86
N ASN A 326 -16.24 -2.00 16.33
CA ASN A 326 -15.73 -2.55 15.06
C ASN A 326 -15.83 -1.49 13.96
N PHE A 327 -16.98 -0.84 13.90
CA PHE A 327 -17.27 0.15 12.86
C PHE A 327 -16.66 1.52 13.15
N ALA A 328 -16.39 1.83 14.42
CA ALA A 328 -15.67 3.04 14.78
C ALA A 328 -14.25 2.93 14.25
N GLU A 329 -13.61 1.77 14.43
CA GLU A 329 -12.27 1.53 13.90
C GLU A 329 -12.26 1.66 12.35
N ALA A 330 -13.30 1.13 11.73
CA ALA A 330 -13.44 1.17 10.29
C ALA A 330 -13.54 2.61 9.78
N ILE A 331 -14.27 3.46 10.50
CA ILE A 331 -14.41 4.86 10.11
C ILE A 331 -13.06 5.54 10.12
N ILE A 332 -12.32 5.34 11.21
CA ILE A 332 -11.00 5.96 11.41
C ILE A 332 -10.04 5.47 10.34
N ASN A 333 -10.19 4.20 9.95
CA ASN A 333 -9.27 3.55 9.03
C ASN A 333 -9.70 3.71 7.59
N ASN A 334 -10.72 4.53 7.35
CA ASN A 334 -11.18 4.82 6.00
C ASN A 334 -11.65 3.54 5.29
N GLN A 335 -12.47 2.75 5.97
CA GLN A 335 -12.97 1.47 5.47
C GLN A 335 -14.50 1.44 5.58
N ILE A 336 -15.12 2.60 5.65
CA ILE A 336 -16.56 2.73 5.81
C ILE A 336 -17.17 3.46 4.62
N GLN A 337 -18.42 3.15 4.35
CA GLN A 337 -19.17 3.72 3.22
C GLN A 337 -20.60 3.96 3.68
N GLY A 338 -21.07 5.20 3.56
CA GLY A 338 -22.44 5.53 3.87
C GLY A 338 -22.61 5.85 5.35
N ARG A 339 -23.76 5.43 5.88
CA ARG A 339 -24.18 5.74 7.25
C ARG A 339 -24.37 4.46 8.06
N THR A 340 -23.81 4.44 9.27
CA THR A 340 -23.90 3.31 10.15
C THR A 340 -25.01 3.55 11.16
N LEU A 341 -26.11 2.81 11.01
CA LEU A 341 -27.27 2.92 11.88
C LEU A 341 -27.11 1.91 12.99
N VAL A 342 -27.38 2.35 14.22
CA VAL A 342 -27.22 1.47 15.39
C VAL A 342 -28.55 1.14 16.04
N LYS A 343 -28.97 -0.12 15.97
CA LYS A 343 -30.12 -0.60 16.76
C LYS A 343 -29.67 -0.83 18.20
N VAL A 344 -30.30 -0.11 19.13
CA VAL A 344 -29.87 -0.04 20.51
C VAL A 344 -30.45 -1.17 21.38
N ASN A 345 -31.67 -1.61 21.09
CA ASN A 345 -32.28 -2.74 21.84
C ASN A 345 -31.91 -4.12 21.29
N LEU B 22 25.31 -54.97 33.89
CA LEU B 22 25.02 -54.28 32.58
C LEU B 22 25.85 -52.99 32.37
N GLN B 23 26.84 -53.05 31.50
CA GLN B 23 27.70 -51.89 31.23
C GLN B 23 27.01 -50.95 30.22
N ALA B 24 27.07 -49.65 30.49
CA ALA B 24 26.44 -48.67 29.61
C ALA B 24 27.10 -47.30 29.69
N LEU B 25 27.27 -46.67 28.53
CA LEU B 25 27.60 -45.26 28.49
C LEU B 25 26.33 -44.48 28.81
N LEU B 26 26.41 -43.60 29.81
CA LEU B 26 25.23 -42.88 30.28
C LEU B 26 25.45 -41.38 30.19
N LEU B 27 24.48 -40.66 29.64
CA LEU B 27 24.58 -39.21 29.54
C LEU B 27 23.70 -38.55 30.60
N GLU B 28 24.29 -37.64 31.37
CA GLU B 28 23.59 -36.81 32.34
C GLU B 28 23.73 -35.36 31.91
N GLN B 29 23.02 -34.47 32.58
CA GLN B 29 23.15 -33.05 32.31
C GLN B 29 23.19 -32.27 33.62
N GLN B 30 24.24 -31.47 33.81
CA GLN B 30 24.18 -30.37 34.79
C GLN B 30 24.78 -29.09 34.24
N ASP B 31 24.17 -27.96 34.63
CA ASP B 31 24.54 -26.62 34.16
C ASP B 31 24.63 -26.53 32.63
N GLY B 32 23.71 -27.17 31.92
CA GLY B 32 23.64 -27.09 30.46
C GLY B 32 24.71 -27.87 29.70
N LYS B 33 25.49 -28.70 30.40
CA LYS B 33 26.56 -29.49 29.78
C LYS B 33 26.27 -30.97 29.97
N THR B 34 26.55 -31.76 28.94
CA THR B 34 26.35 -33.21 28.98
C THR B 34 27.57 -33.86 29.63
N LEU B 35 27.34 -34.86 30.48
CA LEU B 35 28.41 -35.60 31.15
C LEU B 35 28.31 -37.07 30.77
N ALA B 36 29.35 -37.57 30.09
CA ALA B 36 29.37 -38.95 29.62
C ALA B 36 30.25 -39.77 30.52
N SER B 37 29.73 -40.88 31.02
CA SER B 37 30.57 -41.86 31.72
C SER B 37 30.01 -43.28 31.57
N VAL B 38 30.91 -44.24 31.61
CA VAL B 38 30.52 -45.65 31.64
C VAL B 38 30.15 -46.02 33.07
N GLN B 39 28.88 -46.43 33.25
CA GLN B 39 28.38 -46.91 34.53
C GLN B 39 27.91 -48.35 34.43
N THR B 40 27.71 -48.98 35.58
CA THR B 40 27.05 -50.27 35.66
C THR B 40 25.61 -50.01 36.10
N LEU B 41 24.67 -50.38 35.25
CA LEU B 41 23.27 -50.19 35.53
C LEU B 41 22.63 -51.54 35.79
N ASP B 42 21.62 -51.53 36.64
CA ASP B 42 20.77 -52.67 36.85
C ASP B 42 19.95 -52.90 35.58
N GLU B 43 19.66 -54.17 35.27
CA GLU B 43 18.71 -54.52 34.21
C GLU B 43 17.37 -53.78 34.33
N SER B 44 16.91 -53.63 35.58
CA SER B 44 15.59 -53.04 35.85
C SER B 44 15.44 -51.59 35.36
N ARG B 45 16.57 -50.91 35.13
CA ARG B 45 16.57 -49.54 34.65
C ARG B 45 16.22 -49.36 33.19
N LEU B 46 16.25 -50.46 32.42
CA LEU B 46 15.99 -50.38 30.98
C LEU B 46 14.52 -50.08 30.71
N PRO B 47 14.23 -49.47 29.56
CA PRO B 47 12.85 -49.19 29.20
C PRO B 47 12.11 -50.47 28.85
N GLU B 48 10.79 -50.39 28.79
CA GLU B 48 9.99 -51.53 28.37
C GLU B 48 10.13 -51.74 26.84
N GLY B 49 9.94 -52.99 26.42
CA GLY B 49 10.07 -53.34 25.01
C GLY B 49 9.82 -54.81 24.75
N ASP B 50 9.29 -55.10 23.56
CA ASP B 50 8.98 -56.47 23.16
C ASP B 50 10.21 -57.37 22.98
N VAL B 51 11.34 -56.79 22.59
CA VAL B 51 12.52 -57.56 22.28
C VAL B 51 13.69 -57.04 23.09
N THR B 52 14.26 -57.89 23.93
CA THR B 52 15.49 -57.57 24.62
C THR B 52 16.63 -58.16 23.80
N VAL B 53 17.67 -57.36 23.57
CA VAL B 53 18.83 -57.77 22.79
C VAL B 53 20.08 -57.68 23.66
N ASP B 54 20.88 -58.74 23.68
CA ASP B 54 22.24 -58.66 24.21
C ASP B 54 23.13 -58.01 23.16
N VAL B 55 23.41 -56.72 23.32
CA VAL B 55 24.22 -55.99 22.37
C VAL B 55 25.68 -56.43 22.45
N HIS B 56 26.28 -56.72 21.31
CA HIS B 56 27.71 -57.08 21.23
C HIS B 56 28.56 -56.01 20.55
N TRP B 57 27.92 -55.20 19.72
CA TRP B 57 28.60 -54.18 18.93
C TRP B 57 27.70 -52.95 18.76
N SER B 58 28.32 -51.78 18.78
CA SER B 58 27.67 -50.54 18.39
C SER B 58 28.62 -49.77 17.50
N SER B 59 28.34 -48.49 17.28
CA SER B 59 29.26 -47.62 16.56
C SER B 59 29.07 -46.18 17.01
N LEU B 60 29.90 -45.28 16.50
CA LEU B 60 29.70 -43.85 16.69
C LEU B 60 29.54 -43.21 15.33
N ASN B 61 28.38 -42.60 15.13
CA ASN B 61 28.16 -41.72 14.01
C ASN B 61 28.31 -40.25 14.42
N TYR B 62 28.18 -39.32 13.49
CA TYR B 62 28.23 -37.90 13.82
C TYR B 62 27.13 -37.47 14.80
N LYS B 63 25.94 -38.07 14.67
CA LYS B 63 24.82 -37.76 15.55
C LYS B 63 25.11 -38.19 16.99
N ASP B 64 25.67 -39.39 17.14
CA ASP B 64 26.09 -39.91 18.44
C ASP B 64 27.14 -38.99 19.08
N ALA B 65 28.06 -38.49 18.25
CA ALA B 65 29.10 -37.57 18.70
C ALA B 65 28.48 -36.25 19.20
N LEU B 66 27.48 -35.75 18.50
CA LEU B 66 26.78 -34.54 18.91
C LEU B 66 26.08 -34.79 20.25
N ALA B 67 25.48 -35.98 20.39
CA ALA B 67 24.76 -36.34 21.60
C ALA B 67 25.67 -36.42 22.83
N ILE B 68 26.79 -37.13 22.66
CA ILE B 68 27.73 -37.36 23.76
C ILE B 68 28.42 -36.06 24.20
N THR B 69 28.84 -35.22 23.25
CA THR B 69 29.51 -33.96 23.58
C THR B 69 28.53 -32.88 24.03
N GLY B 70 27.24 -33.09 23.78
CA GLY B 70 26.23 -32.08 24.08
C GLY B 70 26.16 -30.94 23.08
N LYS B 71 26.82 -31.08 21.94
CA LYS B 71 26.73 -30.11 20.84
C LYS B 71 25.44 -30.36 20.05
N GLY B 72 24.79 -29.29 19.61
CA GLY B 72 23.41 -29.40 19.16
C GLY B 72 22.48 -29.71 20.33
N LYS B 73 21.25 -30.12 20.01
CA LYS B 73 20.24 -30.43 21.01
C LYS B 73 19.65 -31.74 20.57
N ILE B 74 20.54 -32.72 20.40
CA ILE B 74 20.16 -34.05 19.95
C ILE B 74 19.36 -34.74 21.06
N ILE B 75 19.76 -34.51 22.31
CA ILE B 75 19.14 -35.19 23.44
C ILE B 75 18.41 -34.19 24.32
N ARG B 76 17.11 -34.43 24.52
CA ARG B 76 16.25 -33.55 25.30
C ARG B 76 15.98 -34.07 26.71
N ASN B 77 15.92 -35.39 26.87
CA ASN B 77 15.62 -35.98 28.18
C ASN B 77 16.77 -36.85 28.65
N PHE B 78 17.32 -36.48 29.80
CA PHE B 78 18.36 -37.21 30.47
C PHE B 78 17.74 -37.88 31.71
N PRO B 79 18.25 -39.04 32.14
CA PRO B 79 19.45 -39.68 31.62
C PRO B 79 19.20 -40.43 30.32
N MET B 80 20.23 -40.63 29.52
CA MET B 80 20.07 -41.26 28.21
C MET B 80 21.24 -42.13 27.89
N ILE B 81 20.99 -43.38 27.51
CA ILE B 81 22.03 -44.18 26.88
C ILE B 81 22.01 -43.82 25.41
N PRO B 82 23.12 -43.30 24.88
CA PRO B 82 23.19 -42.93 23.46
C PRO B 82 23.46 -44.16 22.60
N GLY B 83 23.62 -43.95 21.30
CA GLY B 83 23.89 -45.03 20.36
C GLY B 83 22.69 -45.26 19.47
N ILE B 84 22.72 -44.70 18.27
CA ILE B 84 21.66 -44.93 17.29
C ILE B 84 21.79 -46.28 16.59
N ASP B 85 22.89 -46.97 16.84
CA ASP B 85 23.18 -48.29 16.26
C ASP B 85 23.40 -49.33 17.34
N PHE B 86 23.01 -50.56 17.04
CA PHE B 86 23.56 -51.75 17.70
C PHE B 86 23.37 -53.01 16.87
N ALA B 87 24.11 -54.05 17.25
CA ALA B 87 23.94 -55.39 16.70
C ALA B 87 24.29 -56.38 17.79
N GLY B 88 23.51 -57.45 17.89
CA GLY B 88 23.74 -58.46 18.89
C GLY B 88 22.79 -59.64 18.76
N THR B 89 22.61 -60.35 19.86
CA THR B 89 21.78 -61.54 19.91
C THR B 89 20.53 -61.30 20.73
N VAL B 90 19.38 -61.72 20.19
CA VAL B 90 18.10 -61.58 20.88
C VAL B 90 18.13 -62.45 22.14
N ARG B 91 17.83 -61.84 23.27
CA ARG B 91 17.77 -62.53 24.54
C ARG B 91 16.36 -63.06 24.79
N THR B 92 15.36 -62.18 24.74
CA THR B 92 13.95 -62.58 24.81
C THR B 92 13.12 -61.84 23.77
N SER B 93 11.91 -62.34 23.53
CA SER B 93 11.03 -61.80 22.49
C SER B 93 9.55 -62.12 22.77
N GLU B 94 8.71 -61.11 22.58
CA GLU B 94 7.26 -61.28 22.62
C GLU B 94 6.68 -60.97 21.22
N ASP B 95 7.59 -60.70 20.29
CA ASP B 95 7.30 -60.45 18.89
C ASP B 95 7.56 -61.77 18.16
N PRO B 96 6.59 -62.30 17.41
CA PRO B 96 6.75 -63.60 16.73
C PRO B 96 7.81 -63.65 15.61
N ARG B 97 8.11 -62.50 15.01
CA ARG B 97 9.15 -62.39 13.98
C ARG B 97 10.56 -62.64 14.51
N PHE B 98 10.77 -62.43 15.80
CA PHE B 98 12.10 -62.61 16.41
C PHE B 98 12.10 -63.63 17.52
N HIS B 99 13.20 -64.36 17.64
CA HIS B 99 13.32 -65.47 18.59
C HIS B 99 14.65 -65.36 19.36
N ALA B 100 14.71 -65.96 20.55
CA ALA B 100 15.94 -65.98 21.34
C ALA B 100 17.04 -66.75 20.59
N GLY B 101 18.26 -66.20 20.57
CA GLY B 101 19.38 -66.78 19.85
C GLY B 101 19.68 -66.13 18.50
N GLN B 102 18.70 -65.40 17.98
CA GLN B 102 18.75 -64.78 16.64
C GLN B 102 19.65 -63.55 16.58
N GLU B 103 20.50 -63.49 15.55
CA GLU B 103 21.31 -62.31 15.31
C GLU B 103 20.45 -61.22 14.68
N VAL B 104 20.49 -60.02 15.26
CA VAL B 104 19.78 -58.88 14.75
C VAL B 104 20.66 -57.63 14.74
N LEU B 105 20.24 -56.63 13.97
CA LEU B 105 20.84 -55.29 14.00
C LEU B 105 19.76 -54.23 14.10
N LEU B 106 20.18 -53.02 14.44
CA LEU B 106 19.29 -51.87 14.54
C LEU B 106 20.04 -50.60 14.19
N THR B 107 19.42 -49.77 13.35
CA THR B 107 19.84 -48.38 13.16
C THR B 107 18.63 -47.46 13.15
N GLY B 108 18.74 -46.33 13.84
CA GLY B 108 17.74 -45.29 13.80
C GLY B 108 16.48 -45.51 14.64
N TRP B 109 15.35 -45.06 14.11
CA TRP B 109 14.03 -45.17 14.75
C TRP B 109 13.91 -44.39 16.07
N GLY B 110 14.79 -43.41 16.28
CA GLY B 110 14.82 -42.63 17.50
C GLY B 110 15.64 -43.26 18.62
N VAL B 111 16.13 -44.48 18.40
CA VAL B 111 17.02 -45.13 19.35
C VAL B 111 18.31 -44.32 19.40
N GLY B 112 18.88 -44.17 20.60
CA GLY B 112 20.02 -43.32 20.82
C GLY B 112 19.72 -41.82 20.87
N GLU B 113 18.45 -41.44 20.74
CA GLU B 113 18.02 -40.03 20.75
C GLU B 113 16.95 -39.77 21.84
N ASN B 114 15.77 -40.37 21.69
CA ASN B 114 14.71 -40.25 22.70
C ASN B 114 14.31 -41.62 23.30
N HIS B 115 15.13 -42.62 23.03
CA HIS B 115 14.95 -43.98 23.55
C HIS B 115 16.33 -44.56 23.81
N TRP B 116 16.50 -45.18 24.97
CA TRP B 116 17.81 -45.71 25.36
C TRP B 116 18.39 -46.61 24.28
N GLY B 117 19.66 -46.37 23.97
CA GLY B 117 20.28 -46.84 22.75
C GLY B 117 21.27 -47.98 22.87
N GLY B 118 22.19 -48.04 21.90
CA GLY B 118 22.99 -49.22 21.66
C GLY B 118 24.38 -49.24 22.26
N LEU B 119 24.81 -48.15 22.87
CA LEU B 119 26.10 -48.11 23.53
C LEU B 119 25.93 -48.62 24.97
N ALA B 120 25.59 -49.92 25.04
CA ALA B 120 25.25 -50.60 26.28
C ALA B 120 25.14 -52.11 25.98
N GLU B 121 25.30 -52.94 27.02
CA GLU B 121 25.33 -54.39 26.84
C GLU B 121 23.94 -54.98 26.57
N GLN B 122 22.91 -54.19 26.85
CA GLN B 122 21.53 -54.61 26.63
C GLN B 122 20.71 -53.43 26.14
N ALA B 123 19.79 -53.71 25.22
CA ALA B 123 18.77 -52.76 24.79
C ALA B 123 17.40 -53.45 24.74
N ARG B 124 16.36 -52.67 24.97
CA ARG B 124 15.00 -53.15 24.88
C ARG B 124 14.30 -52.23 23.91
N VAL B 125 13.64 -52.82 22.91
CA VAL B 125 13.15 -52.08 21.74
C VAL B 125 11.89 -52.70 21.15
N LYS B 126 11.22 -51.96 20.27
CA LYS B 126 10.11 -52.51 19.50
C LYS B 126 10.67 -53.43 18.40
N GLY B 127 9.96 -54.50 18.12
CA GLY B 127 10.36 -55.41 17.07
C GLY B 127 10.38 -54.79 15.67
N ASP B 128 9.52 -53.79 15.44
CA ASP B 128 9.46 -53.06 14.17
C ASP B 128 10.77 -52.34 13.87
N TRP B 129 11.54 -52.00 14.91
CA TRP B 129 12.79 -51.25 14.75
C TRP B 129 13.97 -52.11 14.36
N LEU B 130 13.83 -53.43 14.52
CA LEU B 130 14.92 -54.37 14.27
C LEU B 130 14.97 -54.86 12.82
N VAL B 131 16.15 -55.29 12.41
CA VAL B 131 16.35 -55.93 11.13
C VAL B 131 17.04 -57.27 11.38
N ALA B 132 16.40 -58.36 10.95
CA ALA B 132 17.02 -59.68 11.04
C ALA B 132 18.32 -59.65 10.27
N MET B 133 19.38 -60.24 10.85
CA MET B 133 20.71 -60.16 10.27
C MET B 133 20.74 -60.64 8.82
N PRO B 134 21.17 -59.78 7.90
CA PRO B 134 21.25 -60.17 6.48
C PRO B 134 22.27 -61.26 6.20
N GLN B 135 21.95 -62.12 5.26
CA GLN B 135 22.89 -63.14 4.78
C GLN B 135 24.18 -62.49 4.29
N GLY B 136 25.32 -63.04 4.72
CA GLY B 136 26.64 -62.57 4.32
C GLY B 136 27.22 -61.54 5.29
N LEU B 137 26.47 -61.28 6.35
CA LEU B 137 26.81 -60.24 7.30
C LEU B 137 26.74 -60.78 8.73
N ASP B 138 27.58 -60.24 9.60
CA ASP B 138 27.51 -60.54 11.04
C ASP B 138 27.41 -59.22 11.83
N ALA B 139 27.21 -59.33 13.14
CA ALA B 139 27.04 -58.16 14.00
C ALA B 139 28.21 -57.17 13.89
N ARG B 140 29.44 -57.66 13.84
CA ARG B 140 30.60 -56.79 13.76
C ARG B 140 30.60 -55.97 12.46
N LYS B 141 30.64 -56.65 11.32
CA LYS B 141 30.53 -55.98 10.01
C LYS B 141 29.31 -55.05 9.93
N ALA B 142 28.18 -55.48 10.48
CA ALA B 142 26.96 -54.66 10.42
C ALA B 142 27.15 -53.31 11.11
N MET B 143 27.98 -53.27 12.14
CA MET B 143 28.23 -52.04 12.89
C MET B 143 29.41 -51.23 12.36
N ILE B 144 30.31 -51.88 11.65
CA ILE B 144 31.32 -51.15 10.89
C ILE B 144 30.59 -50.29 9.86
N ILE B 145 29.57 -50.87 9.21
CA ILE B 145 28.73 -50.14 8.29
C ILE B 145 27.93 -49.09 9.09
N GLY B 146 27.09 -49.57 10.00
CA GLY B 146 26.33 -48.70 10.87
C GLY B 146 25.40 -47.75 10.15
N THR B 147 24.97 -46.72 10.87
CA THR B 147 24.07 -45.74 10.30
C THR B 147 24.75 -45.00 9.14
N ALA B 148 26.05 -44.76 9.24
CA ALA B 148 26.76 -43.99 8.22
C ALA B 148 26.83 -44.73 6.89
N GLY B 149 27.09 -46.02 6.97
CA GLY B 149 27.20 -46.86 5.79
C GLY B 149 25.84 -47.13 5.17
N PHE B 150 24.87 -47.36 6.04
CA PHE B 150 23.47 -47.50 5.65
C PHE B 150 23.04 -46.28 4.88
N THR B 151 23.43 -45.11 5.40
CA THR B 151 23.08 -43.83 4.80
C THR B 151 23.78 -43.65 3.46
N ALA B 152 25.03 -44.09 3.37
CA ALA B 152 25.78 -44.02 2.12
C ALA B 152 25.09 -44.86 1.07
N MET B 153 24.61 -46.03 1.47
CA MET B 153 23.92 -46.90 0.52
C MET B 153 22.65 -46.24 0.00
N LEU B 154 21.88 -45.65 0.90
CA LEU B 154 20.65 -44.95 0.53
C LEU B 154 20.94 -43.79 -0.43
N CYS B 155 22.09 -43.15 -0.27
CA CYS B 155 22.51 -42.06 -1.14
C CYS B 155 22.86 -42.58 -2.54
N VAL B 156 23.59 -43.70 -2.61
CA VAL B 156 23.92 -44.34 -3.89
C VAL B 156 22.64 -44.75 -4.60
N MET B 157 21.69 -45.28 -3.84
CA MET B 157 20.40 -45.73 -4.38
C MET B 157 19.60 -44.55 -4.90
N ALA B 158 19.71 -43.39 -4.25
CA ALA B 158 19.02 -42.18 -4.71
C ALA B 158 19.59 -41.70 -6.05
N LEU B 159 20.91 -41.81 -6.22
CA LEU B 159 21.55 -41.47 -7.48
C LEU B 159 21.10 -42.39 -8.60
N GLU B 160 20.93 -43.67 -8.28
CA GLU B 160 20.45 -44.66 -9.24
C GLU B 160 18.99 -44.40 -9.63
N ASP B 161 18.17 -44.03 -8.65
CA ASP B 161 16.77 -43.67 -8.88
C ASP B 161 16.66 -42.46 -9.81
N ALA B 162 17.68 -41.59 -9.77
CA ALA B 162 17.72 -40.40 -10.61
C ALA B 162 18.35 -40.63 -11.98
N GLY B 163 18.69 -41.88 -12.30
CA GLY B 163 19.26 -42.23 -13.59
C GLY B 163 20.75 -41.92 -13.79
N VAL B 164 21.49 -41.69 -12.71
CA VAL B 164 22.93 -41.40 -12.78
C VAL B 164 23.71 -42.71 -12.83
N ARG B 165 24.47 -42.89 -13.91
CA ARG B 165 25.25 -44.09 -14.17
C ARG B 165 26.73 -43.75 -14.31
N PRO B 166 27.62 -44.74 -14.24
CA PRO B 166 29.06 -44.51 -14.45
C PRO B 166 29.43 -43.71 -15.71
N GLN B 167 28.76 -43.98 -16.83
CA GLN B 167 29.04 -43.29 -18.08
C GLN B 167 28.67 -41.79 -18.07
N ASP B 168 27.79 -41.36 -17.16
CA ASP B 168 27.30 -39.98 -17.15
C ASP B 168 28.30 -38.93 -16.68
N GLY B 169 29.35 -39.36 -15.99
CA GLY B 169 30.39 -38.45 -15.54
C GLY B 169 30.81 -38.68 -14.09
N GLU B 170 31.56 -37.73 -13.55
CA GLU B 170 32.14 -37.89 -12.23
C GLU B 170 31.13 -37.70 -11.11
N ILE B 171 31.30 -38.47 -10.04
CA ILE B 171 30.49 -38.34 -8.84
C ILE B 171 31.36 -37.73 -7.77
N VAL B 172 30.90 -36.65 -7.14
CA VAL B 172 31.64 -36.01 -6.06
C VAL B 172 31.08 -36.40 -4.71
N VAL B 173 31.98 -36.69 -3.76
CA VAL B 173 31.61 -37.06 -2.40
C VAL B 173 32.30 -36.08 -1.45
N THR B 174 31.51 -35.39 -0.63
CA THR B 174 32.04 -34.42 0.32
C THR B 174 32.16 -35.03 1.70
N GLY B 175 33.02 -34.42 2.54
CA GLY B 175 33.35 -34.97 3.84
C GLY B 175 33.76 -36.43 3.67
N ALA B 176 34.59 -36.65 2.66
CA ALA B 176 34.82 -37.98 2.10
C ALA B 176 35.58 -38.91 3.05
N SER B 177 36.41 -38.34 3.92
CA SER B 177 37.23 -39.13 4.83
C SER B 177 36.44 -39.69 6.00
N GLY B 178 35.23 -39.17 6.21
CA GLY B 178 34.37 -39.61 7.29
C GLY B 178 33.69 -40.94 7.04
N GLY B 179 32.70 -41.25 7.86
CA GLY B 179 32.02 -42.54 7.82
C GLY B 179 31.15 -42.74 6.60
N VAL B 180 30.22 -41.82 6.38
CA VAL B 180 29.34 -41.89 5.21
C VAL B 180 30.18 -41.74 3.97
N GLY B 181 31.06 -40.74 3.96
CA GLY B 181 31.91 -40.46 2.82
C GLY B 181 32.78 -41.64 2.42
N SER B 182 33.44 -42.27 3.39
CA SER B 182 34.31 -43.42 3.12
C SER B 182 33.51 -44.55 2.48
N THR B 183 32.36 -44.86 3.06
CA THR B 183 31.50 -45.90 2.53
C THR B 183 31.05 -45.56 1.13
N ALA B 184 30.72 -44.29 0.90
CA ALA B 184 30.20 -43.85 -0.39
C ALA B 184 31.25 -44.02 -1.47
N VAL B 185 32.50 -43.64 -1.17
CA VAL B 185 33.59 -43.71 -2.14
C VAL B 185 33.79 -45.16 -2.55
N ALA B 186 33.81 -46.06 -1.57
CA ALA B 186 34.04 -47.48 -1.81
C ALA B 186 32.91 -48.12 -2.61
N LEU B 187 31.67 -47.77 -2.27
CA LEU B 187 30.50 -48.30 -2.96
C LEU B 187 30.50 -47.88 -4.45
N LEU B 188 30.66 -46.58 -4.69
CA LEU B 188 30.68 -46.00 -6.02
C LEU B 188 31.81 -46.54 -6.89
N HIS B 189 32.98 -46.79 -6.30
CA HIS B 189 34.13 -47.33 -7.03
C HIS B 189 33.85 -48.75 -7.45
N LYS B 190 33.28 -49.54 -6.56
CA LYS B 190 32.89 -50.91 -6.87
C LYS B 190 31.83 -50.96 -7.97
N LEU B 191 30.92 -49.98 -7.95
CA LEU B 191 29.81 -49.95 -8.90
C LEU B 191 30.18 -49.36 -10.26
N GLY B 192 31.45 -48.93 -10.40
CA GLY B 192 32.00 -48.54 -11.70
C GLY B 192 32.15 -47.04 -11.93
N TYR B 193 31.73 -46.22 -10.96
CA TYR B 193 31.79 -44.77 -11.11
C TYR B 193 33.20 -44.24 -10.93
N GLN B 194 33.48 -43.13 -11.60
CA GLN B 194 34.67 -42.33 -11.36
C GLN B 194 34.34 -41.37 -10.21
N VAL B 195 35.03 -41.54 -9.09
CA VAL B 195 34.73 -40.83 -7.84
C VAL B 195 35.74 -39.73 -7.54
N VAL B 196 35.25 -38.54 -7.19
CA VAL B 196 36.09 -37.45 -6.76
C VAL B 196 35.74 -37.12 -5.31
N ALA B 197 36.74 -37.17 -4.43
CA ALA B 197 36.55 -36.90 -3.01
C ALA B 197 36.93 -35.46 -2.68
N VAL B 198 36.15 -34.82 -1.83
CA VAL B 198 36.49 -33.50 -1.28
C VAL B 198 36.83 -33.67 0.19
N SER B 199 38.01 -33.21 0.57
CA SER B 199 38.48 -33.28 1.95
C SER B 199 39.16 -31.96 2.34
N GLY B 200 38.99 -31.57 3.60
CA GLY B 200 39.64 -30.39 4.14
C GLY B 200 40.99 -30.64 4.81
N ARG B 201 41.53 -31.85 4.71
CA ARG B 201 42.80 -32.21 5.34
C ARG B 201 43.71 -32.99 4.39
N GLU B 202 44.97 -32.60 4.33
CA GLU B 202 45.96 -33.26 3.46
C GLU B 202 46.26 -34.71 3.87
N SER B 203 46.15 -35.01 5.16
CA SER B 203 46.46 -36.35 5.67
C SER B 203 45.53 -37.48 5.19
N THR B 204 44.34 -37.14 4.71
CA THR B 204 43.36 -38.14 4.26
C THR B 204 43.58 -38.64 2.83
N HIS B 205 44.52 -38.03 2.11
CA HIS B 205 44.58 -38.20 0.65
C HIS B 205 44.85 -39.64 0.20
N GLU B 206 45.85 -40.29 0.81
CA GLU B 206 46.22 -41.65 0.43
C GLU B 206 45.17 -42.67 0.85
N TYR B 207 44.60 -42.46 2.03
CA TYR B 207 43.46 -43.24 2.50
C TYR B 207 42.26 -43.18 1.52
N LEU B 208 41.97 -41.98 1.02
CA LEU B 208 40.87 -41.78 0.10
C LEU B 208 41.14 -42.41 -1.26
N LYS B 209 42.37 -42.36 -1.74
CA LYS B 209 42.73 -43.01 -3.00
C LYS B 209 42.64 -44.55 -2.87
N SER B 210 42.99 -45.07 -1.69
CA SER B 210 42.97 -46.52 -1.44
C SER B 210 41.53 -47.06 -1.34
N LEU B 211 40.59 -46.19 -1.02
CA LEU B 211 39.18 -46.56 -1.04
C LEU B 211 38.59 -46.57 -2.45
N GLY B 212 39.20 -45.87 -3.40
CA GLY B 212 38.76 -45.83 -4.78
C GLY B 212 38.56 -44.46 -5.41
N ALA B 213 38.97 -43.40 -4.73
CA ALA B 213 38.85 -42.05 -5.25
C ALA B 213 39.89 -41.78 -6.34
N SER B 214 39.45 -41.25 -7.46
CA SER B 214 40.32 -40.91 -8.59
C SER B 214 41.20 -39.72 -8.30
N ARG B 215 40.61 -38.72 -7.66
CA ARG B 215 41.35 -37.57 -7.21
C ARG B 215 40.70 -36.99 -5.99
N VAL B 216 41.45 -36.15 -5.30
CA VAL B 216 40.98 -35.50 -4.10
C VAL B 216 41.10 -34.00 -4.28
N LEU B 217 40.02 -33.28 -4.01
CA LEU B 217 40.02 -31.82 -4.10
C LEU B 217 39.93 -31.26 -2.70
N PRO B 218 40.61 -30.14 -2.45
CA PRO B 218 40.54 -29.49 -1.12
C PRO B 218 39.18 -28.83 -0.85
N ARG B 219 38.77 -28.83 0.41
CA ARG B 219 37.48 -28.27 0.80
C ARG B 219 37.46 -26.76 0.65
N ASP B 220 38.62 -26.10 0.75
CA ASP B 220 38.67 -24.64 0.63
C ASP B 220 38.30 -24.12 -0.80
N GLU B 221 38.32 -25.00 -1.79
CA GLU B 221 37.79 -24.70 -3.13
C GLU B 221 36.25 -24.76 -3.21
N PHE B 222 35.58 -24.94 -2.06
CA PHE B 222 34.13 -25.09 -1.99
C PHE B 222 33.56 -24.16 -0.91
N ALA B 223 33.92 -22.88 -0.99
CA ALA B 223 33.58 -21.89 0.03
C ALA B 223 32.72 -20.73 -0.48
N GLU B 224 32.88 -20.31 -1.73
CA GLU B 224 32.01 -19.29 -2.31
C GLU B 224 31.61 -19.75 -3.71
N SER B 225 30.39 -19.42 -4.12
CA SER B 225 29.91 -19.84 -5.43
C SER B 225 28.96 -18.82 -6.05
N ARG B 226 29.04 -18.68 -7.38
CA ARG B 226 27.98 -18.04 -8.13
C ARG B 226 26.74 -18.95 -8.17
N PRO B 227 25.57 -18.41 -8.53
CA PRO B 227 24.36 -19.24 -8.63
C PRO B 227 24.53 -20.42 -9.61
N LEU B 228 25.18 -20.16 -10.74
CA LEU B 228 25.61 -21.21 -11.66
C LEU B 228 27.12 -21.16 -11.92
N GLU B 229 27.80 -22.27 -11.62
CA GLU B 229 29.21 -22.47 -11.96
C GLU B 229 29.29 -23.37 -13.20
N LYS B 230 30.50 -23.66 -13.66
CA LYS B 230 30.69 -24.61 -14.75
C LYS B 230 30.18 -26.00 -14.35
N GLN B 231 29.40 -26.63 -15.24
CA GLN B 231 28.96 -28.02 -15.03
C GLN B 231 30.15 -28.98 -14.96
N VAL B 232 30.25 -29.74 -13.88
CA VAL B 232 31.32 -30.75 -13.73
C VAL B 232 30.90 -32.09 -13.12
N TRP B 233 29.83 -32.14 -12.34
CA TRP B 233 29.41 -33.36 -11.63
C TRP B 233 28.14 -34.00 -12.23
N ALA B 234 28.22 -35.28 -12.59
CA ALA B 234 27.04 -36.06 -12.99
C ALA B 234 26.12 -36.34 -11.81
N GLY B 235 26.74 -36.54 -10.65
CA GLY B 235 26.01 -36.78 -9.41
C GLY B 235 26.89 -36.44 -8.21
N ALA B 236 26.30 -36.46 -7.02
CA ALA B 236 27.01 -36.08 -5.78
C ALA B 236 26.38 -36.72 -4.54
N ILE B 237 27.23 -37.02 -3.57
CA ILE B 237 26.79 -37.41 -2.24
C ILE B 237 27.40 -36.42 -1.30
N ASP B 238 26.56 -35.71 -0.56
CA ASP B 238 27.00 -34.63 0.31
C ASP B 238 26.73 -34.91 1.79
N THR B 239 27.76 -34.75 2.62
CA THR B 239 27.68 -34.95 4.06
C THR B 239 27.97 -33.68 4.85
N VAL B 240 28.31 -32.59 4.16
CA VAL B 240 28.76 -31.36 4.78
C VAL B 240 27.65 -30.31 4.94
N GLY B 241 26.85 -30.14 3.91
CA GLY B 241 25.81 -29.12 3.88
C GLY B 241 26.41 -27.75 3.69
N ASP B 242 25.76 -26.73 4.23
CA ASP B 242 26.35 -25.39 4.30
C ASP B 242 26.80 -24.85 2.91
N LYS B 243 27.99 -24.27 2.83
CA LYS B 243 28.47 -23.62 1.62
C LYS B 243 29.09 -24.65 0.66
N VAL B 244 29.52 -25.79 1.19
CA VAL B 244 30.01 -26.87 0.35
C VAL B 244 28.89 -27.42 -0.54
N LEU B 245 27.75 -27.72 0.07
CA LEU B 245 26.59 -28.21 -0.66
C LEU B 245 26.08 -27.17 -1.67
N ALA B 246 26.11 -25.89 -1.30
CA ALA B 246 25.67 -24.82 -2.20
C ALA B 246 26.50 -24.76 -3.47
N LYS B 247 27.82 -24.94 -3.32
CA LYS B 247 28.73 -24.90 -4.46
C LYS B 247 28.58 -26.15 -5.32
N VAL B 248 28.44 -27.30 -4.69
CA VAL B 248 28.22 -28.54 -5.40
C VAL B 248 26.96 -28.42 -6.28
N LEU B 249 25.90 -27.83 -5.73
CA LEU B 249 24.65 -27.64 -6.46
C LEU B 249 24.86 -26.76 -7.68
N ALA B 250 25.66 -25.72 -7.52
CA ALA B 250 26.00 -24.84 -8.64
C ALA B 250 26.87 -25.50 -9.71
N GLN B 251 27.53 -26.59 -9.35
CA GLN B 251 28.44 -27.31 -10.25
C GLN B 251 27.82 -28.53 -10.94
N MET B 252 26.55 -28.84 -10.70
CA MET B 252 25.94 -30.05 -11.27
C MET B 252 25.68 -29.92 -12.76
N ASN B 253 25.96 -31.00 -13.49
CA ASN B 253 25.51 -31.17 -14.89
C ASN B 253 24.01 -31.06 -14.98
N TYR B 254 23.52 -30.69 -16.17
CA TYR B 254 22.10 -30.72 -16.46
C TYR B 254 21.53 -32.11 -16.14
N GLY B 255 20.44 -32.15 -15.40
CA GLY B 255 19.79 -33.40 -15.03
C GLY B 255 20.48 -34.20 -13.94
N GLY B 256 21.52 -33.64 -13.34
CA GLY B 256 22.25 -34.33 -12.30
C GLY B 256 21.51 -34.37 -10.99
N CYS B 257 21.99 -35.22 -10.08
CA CYS B 257 21.36 -35.41 -8.79
C CYS B 257 22.36 -35.33 -7.65
N VAL B 258 21.94 -34.69 -6.57
CA VAL B 258 22.70 -34.60 -5.34
C VAL B 258 21.92 -35.28 -4.24
N ALA B 259 22.51 -36.31 -3.65
CA ALA B 259 21.97 -36.96 -2.46
C ALA B 259 22.61 -36.28 -1.27
N ALA B 260 21.81 -35.57 -0.49
CA ALA B 260 22.26 -34.81 0.67
C ALA B 260 21.79 -35.48 1.95
N CYS B 261 22.72 -35.77 2.84
CA CYS B 261 22.41 -36.48 4.07
C CYS B 261 22.99 -35.85 5.34
N GLY B 262 23.79 -34.78 5.21
CA GLY B 262 24.54 -34.25 6.34
C GLY B 262 24.55 -32.75 6.58
N LEU B 263 25.22 -32.39 7.67
CA LEU B 263 25.33 -31.02 8.14
C LEU B 263 26.66 -30.78 8.87
N ALA B 264 27.71 -31.51 8.48
CA ALA B 264 28.99 -31.44 9.18
C ALA B 264 29.63 -30.05 9.16
N GLY B 265 29.36 -29.29 8.10
CA GLY B 265 29.84 -27.92 7.96
C GLY B 265 28.84 -26.86 8.34
N GLY B 266 27.64 -27.26 8.73
CA GLY B 266 26.57 -26.34 9.08
C GLY B 266 25.21 -26.79 8.53
N PHE B 267 24.15 -26.49 9.27
CA PHE B 267 22.81 -26.96 8.94
C PHE B 267 22.11 -26.06 7.92
N THR B 268 22.59 -24.83 7.74
CA THR B 268 21.96 -23.94 6.77
C THR B 268 22.34 -24.32 5.34
N LEU B 269 21.55 -23.83 4.39
CA LEU B 269 21.79 -24.07 2.97
C LEU B 269 21.51 -22.77 2.21
N PRO B 270 22.54 -21.93 2.09
CA PRO B 270 22.42 -20.65 1.38
C PRO B 270 22.69 -20.85 -0.12
N THR B 271 21.65 -21.25 -0.83
CA THR B 271 21.76 -21.60 -2.24
C THR B 271 20.79 -20.74 -3.05
N THR B 272 20.54 -21.12 -4.30
CA THR B 272 19.57 -20.42 -5.17
C THR B 272 18.71 -21.44 -5.90
N VAL B 273 17.72 -20.95 -6.65
CA VAL B 273 16.88 -21.83 -7.46
C VAL B 273 17.48 -22.13 -8.83
N MET B 274 18.57 -21.47 -9.21
CA MET B 274 19.06 -21.54 -10.59
C MET B 274 19.48 -22.92 -11.06
N PRO B 275 20.23 -23.68 -10.29
CA PRO B 275 20.54 -25.06 -10.68
C PRO B 275 19.28 -25.93 -10.90
N PHE B 276 18.28 -25.70 -10.07
CA PHE B 276 17.01 -26.42 -10.17
C PHE B 276 16.21 -26.02 -11.44
N ILE B 277 16.00 -24.72 -11.65
CA ILE B 277 15.07 -24.27 -12.69
C ILE B 277 15.68 -24.17 -14.08
N LEU B 278 17.00 -23.99 -14.16
CA LEU B 278 17.69 -23.92 -15.46
C LEU B 278 18.48 -25.18 -15.81
N ARG B 279 18.75 -26.03 -14.83
CA ARG B 279 19.52 -27.24 -15.05
C ARG B 279 18.81 -28.52 -14.61
N ASN B 280 17.55 -28.43 -14.20
CA ASN B 280 16.74 -29.62 -13.88
C ASN B 280 17.42 -30.52 -12.86
N VAL B 281 18.07 -29.90 -11.88
CA VAL B 281 18.82 -30.63 -10.86
C VAL B 281 17.88 -31.17 -9.78
N ARG B 282 18.09 -32.42 -9.39
CA ARG B 282 17.39 -33.00 -8.25
C ARG B 282 18.26 -32.90 -6.99
N LEU B 283 17.69 -32.36 -5.90
CA LEU B 283 18.30 -32.43 -4.57
C LEU B 283 17.47 -33.41 -3.76
N GLN B 284 17.95 -34.65 -3.68
CA GLN B 284 17.28 -35.69 -2.92
C GLN B 284 17.80 -35.75 -1.50
N GLY B 285 16.98 -35.39 -0.54
CA GLY B 285 17.34 -35.60 0.84
C GLY B 285 17.31 -37.08 1.21
N VAL B 286 18.22 -37.49 2.10
CA VAL B 286 18.32 -38.87 2.54
C VAL B 286 18.31 -38.93 4.07
N ASP B 287 17.27 -39.56 4.60
CA ASP B 287 17.11 -39.78 6.04
C ASP B 287 17.28 -41.27 6.30
N SER B 288 17.91 -41.58 7.43
CA SER B 288 18.14 -42.94 7.85
C SER B 288 17.27 -43.34 9.04
N VAL B 289 16.71 -42.35 9.74
CA VAL B 289 16.01 -42.61 11.00
C VAL B 289 14.74 -43.44 10.76
N MET B 290 13.93 -43.05 9.80
CA MET B 290 12.61 -43.63 9.61
C MET B 290 12.41 -44.32 8.25
N THR B 291 13.52 -44.69 7.59
CA THR B 291 13.48 -45.45 6.34
C THR B 291 12.49 -46.63 6.47
N PRO B 292 11.45 -46.69 5.65
CA PRO B 292 10.50 -47.82 5.73
C PRO B 292 11.14 -49.21 5.59
N PRO B 293 10.53 -50.24 6.20
CA PRO B 293 11.08 -51.60 6.19
C PRO B 293 11.58 -52.15 4.84
N GLU B 294 10.83 -51.96 3.75
CA GLU B 294 11.15 -52.52 2.44
C GLU B 294 12.42 -51.89 1.86
N ARG B 295 12.51 -50.57 1.91
CA ARG B 295 13.69 -49.83 1.44
C ARG B 295 14.91 -50.12 2.34
N ARG B 296 14.66 -50.26 3.64
CA ARG B 296 15.71 -50.50 4.63
C ARG B 296 16.39 -51.85 4.39
N ALA B 297 15.58 -52.90 4.26
CA ALA B 297 16.07 -54.24 3.94
C ALA B 297 16.82 -54.29 2.60
N GLN B 298 16.35 -53.52 1.63
CA GLN B 298 16.95 -53.47 0.29
C GLN B 298 18.36 -52.88 0.41
N ALA B 299 18.50 -51.82 1.20
CA ALA B 299 19.79 -51.16 1.40
C ALA B 299 20.81 -52.11 2.04
N TRP B 300 20.36 -52.88 3.02
CA TRP B 300 21.25 -53.82 3.68
C TRP B 300 21.68 -54.93 2.71
N GLN B 301 20.80 -55.38 1.83
CA GLN B 301 21.15 -56.46 0.88
C GLN B 301 22.19 -55.92 -0.10
N ARG B 302 22.04 -54.65 -0.48
CA ARG B 302 22.94 -53.99 -1.40
C ARG B 302 24.34 -53.79 -0.79
N LEU B 303 24.37 -53.48 0.50
CA LEU B 303 25.64 -53.28 1.22
C LEU B 303 26.43 -54.59 1.22
N VAL B 304 25.74 -55.70 1.37
CA VAL B 304 26.39 -56.98 1.37
C VAL B 304 27.00 -57.25 0.01
N ALA B 305 26.26 -56.95 -1.06
CA ALA B 305 26.69 -57.26 -2.41
C ALA B 305 27.76 -56.31 -2.93
N ASP B 306 27.72 -55.05 -2.51
CA ASP B 306 28.51 -53.99 -3.15
C ASP B 306 29.73 -53.52 -2.37
N LEU B 307 29.75 -53.74 -1.07
CA LEU B 307 30.87 -53.29 -0.25
C LEU B 307 31.96 -54.35 -0.28
N PRO B 308 33.17 -53.99 -0.73
CA PRO B 308 34.27 -54.96 -0.79
C PRO B 308 34.81 -55.26 0.61
N GLU B 309 35.36 -56.45 0.77
CA GLU B 309 35.84 -56.89 2.08
C GLU B 309 36.93 -55.97 2.60
N SER B 310 37.75 -55.43 1.71
CA SER B 310 38.85 -54.55 2.12
C SER B 310 38.40 -53.29 2.86
N PHE B 311 37.14 -52.90 2.67
CA PHE B 311 36.56 -51.75 3.36
C PHE B 311 36.44 -51.98 4.86
N TYR B 312 36.06 -53.19 5.28
CA TYR B 312 35.93 -53.49 6.71
C TYR B 312 37.28 -53.37 7.44
N THR B 313 38.38 -53.62 6.75
CA THR B 313 39.68 -53.50 7.38
C THR B 313 40.30 -52.11 7.21
N GLN B 314 40.00 -51.43 6.12
CA GLN B 314 40.60 -50.12 5.83
C GLN B 314 39.97 -49.01 6.66
N ALA B 315 38.68 -49.14 6.99
CA ALA B 315 37.94 -48.04 7.62
C ALA B 315 37.63 -48.27 9.09
N ALA B 316 37.65 -49.51 9.56
CA ALA B 316 37.23 -49.79 10.94
C ALA B 316 38.28 -49.40 11.98
N LYS B 317 37.81 -48.81 13.07
CA LYS B 317 38.60 -48.55 14.26
C LYS B 317 37.77 -49.01 15.44
N GLU B 318 38.10 -50.16 16.02
CA GLU B 318 37.34 -50.77 17.10
C GLU B 318 37.76 -50.17 18.46
N ILE B 319 36.90 -49.32 19.01
CA ILE B 319 37.09 -48.78 20.37
C ILE B 319 36.28 -49.52 21.44
N SER B 320 36.67 -49.32 22.70
CA SER B 320 35.89 -49.80 23.82
C SER B 320 35.00 -48.68 24.32
N LEU B 321 34.00 -49.07 25.09
CA LEU B 321 32.94 -48.19 25.51
C LEU B 321 33.42 -46.92 26.24
N SER B 322 34.47 -47.01 27.04
CA SER B 322 34.91 -45.81 27.75
C SER B 322 35.88 -44.92 26.94
N GLU B 323 36.21 -45.32 25.71
CA GLU B 323 36.89 -44.44 24.76
C GLU B 323 35.90 -43.64 23.90
N ALA B 324 34.61 -43.88 24.10
CA ALA B 324 33.60 -43.25 23.25
C ALA B 324 33.51 -41.72 23.41
N PRO B 325 33.57 -41.18 24.62
CA PRO B 325 33.62 -39.72 24.78
C PRO B 325 34.80 -39.05 24.07
N ASN B 326 35.97 -39.70 24.04
CA ASN B 326 37.18 -39.18 23.37
C ASN B 326 37.02 -39.14 21.86
N PHE B 327 36.47 -40.20 21.30
CA PHE B 327 36.27 -40.28 19.86
C PHE B 327 35.12 -39.37 19.44
N ALA B 328 34.19 -39.11 20.34
CA ALA B 328 33.09 -38.22 20.07
C ALA B 328 33.62 -36.80 19.94
N GLU B 329 34.61 -36.46 20.76
CA GLU B 329 35.26 -35.15 20.68
C GLU B 329 36.06 -35.05 19.39
N ALA B 330 36.72 -36.14 19.03
CA ALA B 330 37.51 -36.18 17.81
C ALA B 330 36.61 -35.99 16.57
N ILE B 331 35.45 -36.64 16.56
CA ILE B 331 34.52 -36.52 15.45
C ILE B 331 34.09 -35.06 15.26
N ILE B 332 33.67 -34.40 16.34
CA ILE B 332 33.24 -33.00 16.29
C ILE B 332 34.39 -32.06 15.89
N ASN B 333 35.60 -32.37 16.32
CA ASN B 333 36.77 -31.54 16.06
C ASN B 333 37.45 -31.87 14.72
N ASN B 334 36.81 -32.71 13.91
CA ASN B 334 37.31 -33.06 12.57
C ASN B 334 38.68 -33.74 12.65
N GLN B 335 38.72 -34.79 13.48
CA GLN B 335 39.96 -35.53 13.79
C GLN B 335 39.82 -37.06 13.61
N ILE B 336 38.74 -37.52 12.98
CA ILE B 336 38.56 -38.96 12.65
C ILE B 336 38.61 -39.23 11.16
N GLN B 337 38.78 -40.51 10.87
CA GLN B 337 38.89 -41.04 9.53
C GLN B 337 38.22 -42.42 9.54
N GLY B 338 37.29 -42.64 8.62
CA GLY B 338 36.62 -43.92 8.53
C GLY B 338 35.52 -44.07 9.57
N ARG B 339 35.34 -45.29 10.04
CA ARG B 339 34.20 -45.65 10.86
C ARG B 339 34.66 -46.11 12.24
N THR B 340 33.99 -45.63 13.28
CA THR B 340 34.31 -46.02 14.64
C THR B 340 33.39 -47.17 15.06
N LEU B 341 33.96 -48.36 15.15
CA LEU B 341 33.24 -49.53 15.67
C LEU B 341 33.42 -49.57 17.18
N VAL B 342 32.39 -49.97 17.91
CA VAL B 342 32.44 -50.04 19.37
C VAL B 342 32.16 -51.47 19.83
N LYS B 343 33.16 -52.14 20.42
CA LYS B 343 32.91 -53.38 21.17
C LYS B 343 32.34 -52.99 22.53
N VAL B 344 31.08 -53.34 22.78
CA VAL B 344 30.41 -52.93 24.02
C VAL B 344 30.78 -53.82 25.20
N ASN B 345 30.70 -55.14 24.99
CA ASN B 345 30.96 -56.08 26.09
C ASN B 345 32.45 -56.14 26.45
N GLN C 23 6.03 -8.20 -39.41
CA GLN C 23 5.73 -7.53 -38.09
C GLN C 23 6.35 -8.32 -36.96
N ALA C 24 7.07 -7.64 -36.09
CA ALA C 24 7.78 -8.30 -35.01
C ALA C 24 7.96 -7.37 -33.81
N LEU C 25 7.67 -7.88 -32.63
CA LEU C 25 8.07 -7.20 -31.42
C LEU C 25 9.60 -7.30 -31.37
N LEU C 26 10.25 -6.20 -31.01
CA LEU C 26 11.69 -6.07 -31.12
C LEU C 26 12.23 -5.29 -29.92
N LEU C 27 13.28 -5.81 -29.30
CA LEU C 27 13.90 -5.16 -28.16
C LEU C 27 15.24 -4.55 -28.56
N GLU C 28 15.37 -3.24 -28.37
CA GLU C 28 16.63 -2.52 -28.57
C GLU C 28 17.12 -2.07 -27.21
N GLN C 29 18.41 -1.71 -27.11
CA GLN C 29 18.97 -1.25 -25.84
C GLN C 29 19.70 0.08 -25.99
N GLN C 30 19.42 1.01 -25.07
CA GLN C 30 20.24 2.20 -24.93
C GLN C 30 20.30 2.71 -23.49
N ASP C 31 21.51 3.11 -23.06
CA ASP C 31 21.79 3.57 -21.68
C ASP C 31 21.38 2.50 -20.68
N GLY C 32 21.56 1.23 -21.04
CA GLY C 32 21.15 0.13 -20.18
C GLY C 32 19.68 -0.29 -20.26
N LYS C 33 18.78 0.65 -20.53
CA LYS C 33 17.34 0.38 -20.57
C LYS C 33 16.88 -0.27 -21.88
N THR C 34 15.90 -1.16 -21.77
CA THR C 34 15.37 -1.92 -22.90
C THR C 34 14.08 -1.29 -23.42
N LEU C 35 13.99 -1.06 -24.73
CA LEU C 35 12.77 -0.54 -25.38
C LEU C 35 12.12 -1.60 -26.26
N ALA C 36 10.80 -1.71 -26.18
CA ALA C 36 10.02 -2.67 -26.94
C ALA C 36 9.06 -1.94 -27.88
N SER C 37 9.08 -2.34 -29.15
CA SER C 37 8.17 -1.82 -30.15
C SER C 37 7.99 -2.85 -31.27
N VAL C 38 6.85 -2.79 -31.93
CA VAL C 38 6.61 -3.60 -33.13
C VAL C 38 7.11 -2.87 -34.37
N GLN C 39 8.08 -3.46 -35.04
CA GLN C 39 8.66 -2.93 -36.27
C GLN C 39 8.40 -3.88 -37.43
N THR C 40 8.28 -3.34 -38.63
CA THR C 40 8.15 -4.17 -39.82
C THR C 40 9.53 -4.72 -40.19
N LEU C 41 9.81 -5.97 -39.82
CA LEU C 41 11.12 -6.52 -40.09
C LEU C 41 11.23 -7.17 -41.46
N ASP C 42 12.46 -7.18 -41.94
CA ASP C 42 12.78 -7.75 -43.22
C ASP C 42 13.26 -9.20 -43.04
N GLU C 43 12.72 -10.11 -43.87
CA GLU C 43 13.18 -11.50 -44.04
C GLU C 43 14.67 -11.74 -43.82
N SER C 44 15.49 -10.88 -44.44
CA SER C 44 16.94 -11.05 -44.48
C SER C 44 17.67 -10.82 -43.16
N ARG C 45 16.98 -10.23 -42.19
CA ARG C 45 17.54 -10.01 -40.86
C ARG C 45 17.36 -11.23 -39.95
N LEU C 46 16.61 -12.24 -40.40
CA LEU C 46 16.39 -13.49 -39.63
C LEU C 46 17.70 -14.23 -39.35
N PRO C 47 17.75 -14.96 -38.24
CA PRO C 47 18.95 -15.72 -37.85
C PRO C 47 19.17 -16.96 -38.72
N GLU C 48 20.09 -17.85 -38.36
CA GLU C 48 20.28 -19.06 -39.17
C GLU C 48 19.44 -20.23 -38.62
N GLY C 49 19.02 -21.11 -39.55
CA GLY C 49 18.18 -22.26 -39.27
C GLY C 49 17.86 -23.13 -40.48
N ASP C 50 16.97 -24.11 -40.31
CA ASP C 50 16.50 -24.99 -41.41
C ASP C 50 14.97 -24.97 -41.59
N VAL C 51 14.24 -24.27 -40.73
CA VAL C 51 12.78 -24.26 -40.80
C VAL C 51 12.26 -22.87 -40.48
N THR C 52 11.53 -22.28 -41.41
CA THR C 52 10.83 -21.03 -41.17
C THR C 52 9.34 -21.35 -40.99
N VAL C 53 8.77 -20.87 -39.89
CA VAL C 53 7.37 -21.10 -39.55
C VAL C 53 6.66 -19.77 -39.57
N ASP C 54 5.56 -19.69 -40.31
CA ASP C 54 4.65 -18.54 -40.22
C ASP C 54 3.88 -18.62 -38.89
N VAL C 55 4.32 -17.85 -37.90
CA VAL C 55 3.71 -17.86 -36.57
C VAL C 55 2.33 -17.22 -36.58
N HIS C 56 1.34 -17.90 -36.00
CA HIS C 56 -0.01 -17.35 -35.85
C HIS C 56 -0.35 -17.03 -34.39
N TRP C 57 0.39 -17.63 -33.47
CA TRP C 57 0.12 -17.50 -32.04
C TRP C 57 1.41 -17.55 -31.22
N SER C 58 1.42 -16.78 -30.14
CA SER C 58 2.52 -16.79 -29.18
C SER C 58 1.89 -16.61 -27.82
N SER C 59 2.71 -16.29 -26.83
CA SER C 59 2.21 -16.03 -25.49
C SER C 59 3.24 -15.24 -24.70
N LEU C 60 2.83 -14.80 -23.51
CA LEU C 60 3.74 -14.15 -22.59
C LEU C 60 3.90 -15.00 -21.33
N ASN C 61 5.12 -15.42 -21.09
CA ASN C 61 5.47 -16.04 -19.82
C ASN C 61 6.22 -15.03 -18.95
N TYR C 62 6.49 -15.38 -17.70
CA TYR C 62 7.34 -14.53 -16.86
C TYR C 62 8.67 -14.18 -17.54
N LYS C 63 9.30 -15.15 -18.21
CA LYS C 63 10.63 -14.93 -18.80
C LYS C 63 10.56 -13.90 -19.91
N ASP C 64 9.49 -13.96 -20.71
CA ASP C 64 9.24 -12.98 -21.76
C ASP C 64 9.05 -11.60 -21.16
N ALA C 65 8.34 -11.52 -20.06
CA ALA C 65 8.06 -10.26 -19.41
C ALA C 65 9.32 -9.61 -18.84
N LEU C 66 10.25 -10.43 -18.37
CA LEU C 66 11.52 -9.92 -17.86
C LEU C 66 12.36 -9.37 -19.03
N ALA C 67 12.32 -10.11 -20.13
CA ALA C 67 13.02 -9.76 -21.35
C ALA C 67 12.53 -8.41 -21.91
N ILE C 68 11.22 -8.27 -21.98
CA ILE C 68 10.58 -7.12 -22.60
C ILE C 68 10.78 -5.87 -21.75
N THR C 69 10.78 -6.02 -20.43
CA THR C 69 10.91 -4.89 -19.52
C THR C 69 12.36 -4.56 -19.18
N GLY C 70 13.28 -5.45 -19.55
CA GLY C 70 14.68 -5.27 -19.19
C GLY C 70 15.06 -5.70 -17.77
N LYS C 71 14.11 -6.21 -16.99
CA LYS C 71 14.40 -6.74 -15.64
C LYS C 71 15.18 -8.06 -15.77
N GLY C 72 16.11 -8.28 -14.85
CA GLY C 72 17.09 -9.34 -15.02
C GLY C 72 18.00 -9.06 -16.22
N LYS C 73 18.75 -10.09 -16.62
CA LYS C 73 19.66 -10.01 -17.75
C LYS C 73 19.31 -11.19 -18.63
N ILE C 74 18.03 -11.27 -18.98
CA ILE C 74 17.54 -12.38 -19.77
C ILE C 74 18.16 -12.33 -21.16
N ILE C 75 18.31 -11.12 -21.69
CA ILE C 75 18.75 -10.94 -23.05
C ILE C 75 20.08 -10.19 -23.06
N ARG C 76 21.09 -10.79 -23.69
CA ARG C 76 22.43 -10.19 -23.78
C ARG C 76 22.69 -9.50 -25.13
N ASN C 77 22.19 -10.10 -26.21
CA ASN C 77 22.46 -9.58 -27.56
C ASN C 77 21.26 -8.87 -28.17
N PHE C 78 21.43 -7.58 -28.43
CA PHE C 78 20.39 -6.76 -29.05
C PHE C 78 20.79 -6.40 -30.49
N PRO C 79 19.83 -6.13 -31.38
CA PRO C 79 18.39 -6.22 -31.10
C PRO C 79 17.93 -7.67 -31.09
N MET C 80 16.75 -7.91 -30.53
CA MET C 80 16.29 -9.26 -30.21
C MET C 80 14.77 -9.33 -30.33
N ILE C 81 14.27 -10.28 -31.10
CA ILE C 81 12.84 -10.60 -31.05
C ILE C 81 12.66 -11.53 -29.84
N PRO C 82 11.81 -11.15 -28.89
CA PRO C 82 11.55 -11.97 -27.71
C PRO C 82 10.49 -13.03 -28.00
N GLY C 83 10.04 -13.75 -26.98
CA GLY C 83 8.99 -14.75 -27.13
C GLY C 83 9.62 -16.13 -27.18
N ILE C 84 9.57 -16.83 -26.05
CA ILE C 84 10.07 -18.22 -25.95
C ILE C 84 9.10 -19.24 -26.52
N ASP C 85 7.90 -18.80 -26.91
CA ASP C 85 6.86 -19.67 -27.45
C ASP C 85 6.43 -19.18 -28.83
N PHE C 86 6.13 -20.15 -29.70
CA PHE C 86 5.27 -19.89 -30.85
C PHE C 86 4.59 -21.15 -31.34
N ALA C 87 3.54 -20.95 -32.13
CA ALA C 87 2.87 -22.03 -32.84
C ALA C 87 2.37 -21.44 -34.17
N GLY C 88 2.51 -22.22 -35.23
CA GLY C 88 2.06 -21.80 -36.54
C GLY C 88 2.19 -22.88 -37.59
N THR C 89 2.28 -22.45 -38.84
CA THR C 89 2.36 -23.35 -39.98
C THR C 89 3.73 -23.23 -40.64
N VAL C 90 4.31 -24.36 -41.02
CA VAL C 90 5.62 -24.37 -41.65
C VAL C 90 5.58 -23.72 -43.03
N ARG C 91 6.38 -22.67 -43.21
CA ARG C 91 6.57 -22.03 -44.50
C ARG C 91 7.52 -22.85 -45.40
N THR C 92 8.77 -22.99 -44.94
CA THR C 92 9.81 -23.73 -45.66
C THR C 92 10.53 -24.71 -44.71
N SER C 93 11.25 -25.68 -45.28
CA SER C 93 11.83 -26.76 -44.49
C SER C 93 12.88 -27.58 -45.26
N GLU C 94 14.08 -27.70 -44.67
CA GLU C 94 15.15 -28.59 -45.15
C GLU C 94 15.26 -29.80 -44.21
N ASP C 95 14.40 -29.83 -43.19
CA ASP C 95 14.26 -30.95 -42.27
C ASP C 95 13.10 -31.79 -42.79
N PRO C 96 13.34 -33.06 -43.14
CA PRO C 96 12.31 -33.89 -43.78
C PRO C 96 11.20 -34.36 -42.83
N ARG C 97 11.34 -34.13 -41.52
CA ARG C 97 10.28 -34.43 -40.56
C ARG C 97 9.16 -33.38 -40.56
N PHE C 98 9.33 -32.31 -41.34
CA PHE C 98 8.36 -31.21 -41.40
C PHE C 98 8.10 -30.78 -42.83
N HIS C 99 6.85 -30.87 -43.25
CA HIS C 99 6.42 -30.40 -44.58
C HIS C 99 5.80 -29.00 -44.46
N ALA C 100 5.76 -28.27 -45.58
CA ALA C 100 5.09 -26.98 -45.62
C ALA C 100 3.59 -27.19 -45.46
N GLY C 101 2.93 -26.33 -44.70
CA GLY C 101 1.51 -26.49 -44.40
C GLY C 101 1.23 -27.23 -43.11
N GLN C 102 2.25 -27.84 -42.51
CA GLN C 102 2.10 -28.60 -41.26
C GLN C 102 2.02 -27.69 -40.04
N GLU C 103 1.11 -28.00 -39.12
CA GLU C 103 1.05 -27.31 -37.84
C GLU C 103 2.21 -27.77 -36.93
N VAL C 104 2.94 -26.82 -36.36
CA VAL C 104 4.00 -27.07 -35.38
C VAL C 104 3.91 -26.09 -34.20
N LEU C 105 4.57 -26.44 -33.10
CA LEU C 105 4.75 -25.52 -31.96
C LEU C 105 6.21 -25.51 -31.52
N LEU C 106 6.56 -24.55 -30.68
CA LEU C 106 7.91 -24.46 -30.12
C LEU C 106 7.83 -23.79 -28.77
N THR C 107 8.53 -24.37 -27.80
CA THR C 107 8.83 -23.69 -26.54
C THR C 107 10.31 -23.92 -26.17
N GLY C 108 10.96 -22.86 -25.69
CA GLY C 108 12.30 -22.96 -25.16
C GLY C 108 13.42 -23.05 -26.17
N TRP C 109 14.46 -23.81 -25.82
CA TRP C 109 15.66 -24.03 -26.65
C TRP C 109 16.49 -22.76 -26.90
N GLY C 110 16.34 -21.75 -26.06
CA GLY C 110 17.03 -20.48 -26.20
C GLY C 110 16.31 -19.50 -27.11
N VAL C 111 15.23 -19.94 -27.76
CA VAL C 111 14.41 -19.08 -28.58
C VAL C 111 13.75 -18.03 -27.66
N GLY C 112 13.71 -16.78 -28.14
CA GLY C 112 13.25 -15.67 -27.33
C GLY C 112 14.27 -15.18 -26.32
N GLU C 113 15.47 -15.75 -26.30
CA GLU C 113 16.52 -15.34 -25.37
C GLU C 113 17.83 -14.99 -26.07
N ASN C 114 18.44 -15.99 -26.70
CA ASN C 114 19.68 -15.82 -27.47
C ASN C 114 19.49 -16.12 -28.97
N HIS C 115 18.23 -16.19 -29.39
CA HIS C 115 17.88 -16.50 -30.77
C HIS C 115 16.49 -15.90 -31.08
N TRP C 116 16.34 -15.17 -32.21
CA TRP C 116 15.08 -14.45 -32.50
C TRP C 116 13.84 -15.35 -32.33
N GLY C 117 12.85 -14.84 -31.62
CA GLY C 117 11.77 -15.64 -31.08
C GLY C 117 10.41 -15.54 -31.75
N GLY C 118 9.37 -15.83 -30.97
CA GLY C 118 8.05 -16.13 -31.49
C GLY C 118 7.05 -14.99 -31.50
N LEU C 119 7.42 -13.84 -30.95
CA LEU C 119 6.54 -12.68 -30.98
C LEU C 119 6.78 -11.91 -32.29
N ALA C 120 6.40 -12.56 -33.39
CA ALA C 120 6.69 -12.10 -34.74
C ALA C 120 5.93 -12.97 -35.72
N GLU C 121 5.65 -12.44 -36.91
CA GLU C 121 4.90 -13.19 -37.93
C GLU C 121 5.72 -14.34 -38.55
N GLN C 122 7.03 -14.29 -38.36
CA GLN C 122 7.96 -15.31 -38.85
C GLN C 122 9.03 -15.64 -37.82
N ALA C 123 9.42 -16.92 -37.77
CA ALA C 123 10.55 -17.37 -36.95
C ALA C 123 11.33 -18.42 -37.72
N ARG C 124 12.65 -18.28 -37.73
CA ARG C 124 13.57 -19.22 -38.38
C ARG C 124 14.39 -19.91 -37.29
N VAL C 125 14.35 -21.24 -37.26
CA VAL C 125 14.92 -22.04 -36.17
C VAL C 125 15.42 -23.39 -36.66
N LYS C 126 16.06 -24.15 -35.76
CA LYS C 126 16.47 -25.54 -36.01
C LYS C 126 15.28 -26.50 -35.88
N GLY C 127 15.20 -27.51 -36.73
CA GLY C 127 14.13 -28.51 -36.67
C GLY C 127 14.08 -29.32 -35.38
N ASP C 128 15.22 -29.49 -34.73
CA ASP C 128 15.29 -30.15 -33.42
C ASP C 128 14.49 -29.43 -32.33
N TRP C 129 14.29 -28.12 -32.51
CA TRP C 129 13.63 -27.29 -31.50
C TRP C 129 12.11 -27.35 -31.61
N LEU C 130 11.61 -27.87 -32.72
CA LEU C 130 10.16 -27.91 -32.98
C LEU C 130 9.52 -29.16 -32.45
N VAL C 131 8.21 -29.07 -32.23
CA VAL C 131 7.38 -30.20 -31.87
C VAL C 131 6.20 -30.24 -32.83
N ALA C 132 6.06 -31.35 -33.56
CA ALA C 132 4.92 -31.56 -34.44
C ALA C 132 3.65 -31.48 -33.60
N MET C 133 2.63 -30.83 -34.14
CA MET C 133 1.37 -30.61 -33.42
C MET C 133 0.79 -31.89 -32.83
N PRO C 134 0.72 -31.97 -31.50
CA PRO C 134 0.03 -33.07 -30.83
C PRO C 134 -1.42 -33.28 -31.27
N GLN C 135 -1.82 -34.52 -31.50
CA GLN C 135 -3.21 -34.88 -31.75
C GLN C 135 -4.11 -34.32 -30.66
N GLY C 136 -5.23 -33.72 -31.04
CA GLY C 136 -6.19 -33.17 -30.09
C GLY C 136 -5.90 -31.74 -29.65
N LEU C 137 -4.98 -31.09 -30.35
CA LEU C 137 -4.48 -29.76 -29.99
C LEU C 137 -4.26 -28.91 -31.26
N ASP C 138 -4.50 -27.61 -31.19
CA ASP C 138 -4.19 -26.71 -32.33
C ASP C 138 -3.21 -25.61 -31.88
N ALA C 139 -2.78 -24.77 -32.80
CA ALA C 139 -1.78 -23.76 -32.51
C ALA C 139 -2.23 -22.81 -31.41
N ARG C 140 -3.52 -22.48 -31.38
CA ARG C 140 -4.08 -21.55 -30.40
C ARG C 140 -3.99 -22.13 -28.99
N LYS C 141 -4.59 -23.30 -28.82
CA LYS C 141 -4.59 -24.01 -27.54
C LYS C 141 -3.19 -24.32 -27.06
N ALA C 142 -2.29 -24.61 -27.99
CA ALA C 142 -0.89 -24.89 -27.66
C ALA C 142 -0.20 -23.71 -27.01
N MET C 143 -0.57 -22.49 -27.41
CA MET C 143 0.06 -21.28 -26.90
C MET C 143 -0.67 -20.75 -25.64
N ILE C 144 -1.94 -21.10 -25.47
CA ILE C 144 -2.61 -20.84 -24.20
C ILE C 144 -1.84 -21.61 -23.12
N ILE C 145 -1.45 -22.83 -23.44
CA ILE C 145 -0.63 -23.64 -22.54
C ILE C 145 0.74 -22.98 -22.44
N GLY C 146 1.43 -22.92 -23.58
CA GLY C 146 2.73 -22.28 -23.67
C GLY C 146 3.80 -22.90 -22.75
N THR C 147 4.86 -22.13 -22.52
CA THR C 147 5.94 -22.57 -21.67
C THR C 147 5.44 -22.79 -20.25
N ALA C 148 4.51 -21.94 -19.80
CA ALA C 148 4.07 -22.02 -18.41
C ALA C 148 3.30 -23.29 -18.13
N GLY C 149 2.43 -23.66 -19.07
CA GLY C 149 1.61 -24.86 -18.95
C GLY C 149 2.41 -26.13 -19.17
N PHE C 150 3.35 -26.07 -20.13
CA PHE C 150 4.33 -27.12 -20.37
C PHE C 150 5.12 -27.37 -19.08
N THR C 151 5.52 -26.29 -18.43
CA THR C 151 6.30 -26.36 -17.19
C THR C 151 5.45 -26.94 -16.05
N ALA C 152 4.18 -26.56 -15.99
CA ALA C 152 3.28 -27.09 -14.98
C ALA C 152 3.16 -28.59 -15.13
N MET C 153 3.09 -29.06 -16.37
CA MET C 153 2.94 -30.48 -16.66
C MET C 153 4.19 -31.23 -16.21
N LEU C 154 5.37 -30.67 -16.51
CA LEU C 154 6.62 -31.26 -16.06
C LEU C 154 6.71 -31.34 -14.52
N CYS C 155 6.11 -30.37 -13.85
CA CYS C 155 6.08 -30.34 -12.39
C CYS C 155 5.18 -31.44 -11.84
N VAL C 156 4.02 -31.63 -12.45
CA VAL C 156 3.09 -32.68 -12.05
C VAL C 156 3.75 -34.04 -12.26
N MET C 157 4.46 -34.18 -13.38
CA MET C 157 5.16 -35.42 -13.73
C MET C 157 6.30 -35.71 -12.76
N ALA C 158 6.95 -34.67 -12.25
CA ALA C 158 8.00 -34.83 -11.27
C ALA C 158 7.41 -35.35 -9.95
N LEU C 159 6.24 -34.84 -9.58
CA LEU C 159 5.56 -35.32 -8.37
C LEU C 159 5.19 -36.77 -8.49
N GLU C 160 4.75 -37.18 -9.67
CA GLU C 160 4.40 -38.58 -9.96
C GLU C 160 5.64 -39.47 -9.91
N ASP C 161 6.75 -38.98 -10.45
CA ASP C 161 8.02 -39.70 -10.41
C ASP C 161 8.49 -39.92 -8.97
N ALA C 162 8.09 -39.02 -8.08
CA ALA C 162 8.44 -39.13 -6.67
C ALA C 162 7.45 -39.96 -5.84
N GLY C 163 6.46 -40.56 -6.49
CA GLY C 163 5.48 -41.39 -5.82
C GLY C 163 4.39 -40.66 -5.07
N VAL C 164 4.21 -39.38 -5.35
CA VAL C 164 3.16 -38.59 -4.72
C VAL C 164 1.82 -38.83 -5.42
N ARG C 165 0.88 -39.40 -4.67
CA ARG C 165 -0.45 -39.77 -5.15
C ARG C 165 -1.52 -38.96 -4.39
N PRO C 166 -2.72 -38.85 -4.93
CA PRO C 166 -3.79 -38.09 -4.26
C PRO C 166 -4.11 -38.52 -2.81
N GLN C 167 -4.03 -39.80 -2.51
CA GLN C 167 -4.30 -40.30 -1.16
C GLN C 167 -3.19 -39.94 -0.16
N ASP C 168 -2.06 -39.41 -0.65
CA ASP C 168 -0.95 -39.05 0.23
C ASP C 168 -1.13 -37.75 0.99
N GLY C 169 -2.01 -36.87 0.49
CA GLY C 169 -2.30 -35.61 1.16
C GLY C 169 -2.34 -34.43 0.22
N GLU C 170 -2.34 -33.24 0.79
CA GLU C 170 -2.57 -32.01 0.02
C GLU C 170 -1.35 -31.59 -0.78
N ILE C 171 -1.62 -31.06 -1.96
CA ILE C 171 -0.58 -30.49 -2.81
C ILE C 171 -0.72 -28.99 -2.75
N VAL C 172 0.38 -28.28 -2.43
CA VAL C 172 0.38 -26.82 -2.44
C VAL C 172 1.00 -26.26 -3.73
N VAL C 173 0.35 -25.23 -4.28
CA VAL C 173 0.81 -24.54 -5.48
C VAL C 173 0.99 -23.07 -5.14
N THR C 174 2.21 -22.56 -5.34
CA THR C 174 2.50 -21.16 -5.04
C THR C 174 2.47 -20.33 -6.30
N GLY C 175 2.32 -19.01 -6.13
CA GLY C 175 2.08 -18.10 -7.25
C GLY C 175 0.96 -18.64 -8.11
N ALA C 176 -0.10 -19.09 -7.45
CA ALA C 176 -1.11 -19.97 -8.05
C ALA C 176 -1.93 -19.29 -9.12
N SER C 177 -2.13 -17.98 -9.01
CA SER C 177 -2.99 -17.23 -9.93
C SER C 177 -2.31 -16.98 -11.28
N GLY C 178 -1.01 -17.22 -11.34
CA GLY C 178 -0.23 -17.03 -12.55
C GLY C 178 -0.41 -18.12 -13.57
N GLY C 179 0.48 -18.14 -14.56
CA GLY C 179 0.35 -19.05 -15.67
C GLY C 179 0.64 -20.50 -15.32
N VAL C 180 1.82 -20.74 -14.73
CA VAL C 180 2.22 -22.08 -14.33
C VAL C 180 1.27 -22.52 -13.24
N GLY C 181 1.04 -21.64 -12.27
CA GLY C 181 0.21 -21.96 -11.12
C GLY C 181 -1.21 -22.32 -11.52
N SER C 182 -1.82 -21.53 -12.42
CA SER C 182 -3.18 -21.80 -12.88
C SER C 182 -3.26 -23.19 -13.53
N THR C 183 -2.31 -23.48 -14.42
CA THR C 183 -2.26 -24.75 -15.12
C THR C 183 -2.08 -25.88 -14.13
N ALA C 184 -1.23 -25.66 -13.13
CA ALA C 184 -0.93 -26.68 -12.14
C ALA C 184 -2.15 -27.04 -11.31
N VAL C 185 -2.90 -26.03 -10.88
CA VAL C 185 -4.09 -26.25 -10.07
C VAL C 185 -5.09 -27.10 -10.86
N ALA C 186 -5.29 -26.72 -12.13
CA ALA C 186 -6.27 -27.39 -12.99
C ALA C 186 -5.86 -28.83 -13.29
N LEU C 187 -4.58 -29.04 -13.53
CA LEU C 187 -4.06 -30.39 -13.81
C LEU C 187 -4.23 -31.30 -12.60
N LEU C 188 -3.82 -30.80 -11.44
CA LEU C 188 -3.84 -31.56 -10.20
C LEU C 188 -5.26 -31.91 -9.80
N HIS C 189 -6.18 -30.98 -9.97
CA HIS C 189 -7.59 -31.24 -9.65
C HIS C 189 -8.13 -32.32 -10.56
N LYS C 190 -7.84 -32.21 -11.85
CA LYS C 190 -8.28 -33.20 -12.83
C LYS C 190 -7.76 -34.58 -12.42
N LEU C 191 -6.53 -34.64 -11.94
CA LEU C 191 -5.88 -35.91 -11.62
C LEU C 191 -6.26 -36.47 -10.25
N GLY C 192 -7.11 -35.77 -9.52
CA GLY C 192 -7.69 -36.26 -8.27
C GLY C 192 -7.09 -35.72 -6.99
N TYR C 193 -6.03 -34.92 -7.10
CA TYR C 193 -5.35 -34.34 -5.93
C TYR C 193 -6.17 -33.22 -5.30
N GLN C 194 -6.12 -33.17 -3.98
CA GLN C 194 -6.60 -32.03 -3.19
C GLN C 194 -5.56 -30.90 -3.23
N VAL C 195 -5.94 -29.79 -3.84
CA VAL C 195 -5.02 -28.69 -4.14
C VAL C 195 -5.25 -27.49 -3.23
N VAL C 196 -4.17 -26.94 -2.72
CA VAL C 196 -4.20 -25.72 -1.93
C VAL C 196 -3.37 -24.68 -2.66
N ALA C 197 -3.98 -23.53 -2.95
CA ALA C 197 -3.32 -22.46 -3.66
C ALA C 197 -2.80 -21.42 -2.68
N VAL C 198 -1.60 -20.89 -2.94
CA VAL C 198 -1.08 -19.74 -2.21
C VAL C 198 -1.09 -18.51 -3.12
N SER C 199 -1.73 -17.44 -2.69
CA SER C 199 -1.78 -16.20 -3.46
C SER C 199 -1.59 -15.01 -2.56
N GLY C 200 -0.94 -13.98 -3.09
CA GLY C 200 -0.73 -12.73 -2.37
C GLY C 200 -1.78 -11.66 -2.61
N ARG C 201 -2.86 -11.99 -3.33
CA ARG C 201 -3.95 -11.05 -3.61
C ARG C 201 -5.34 -11.65 -3.33
N GLU C 202 -6.17 -10.89 -2.62
CA GLU C 202 -7.54 -11.29 -2.32
C GLU C 202 -8.42 -11.46 -3.58
N SER C 203 -8.10 -10.71 -4.65
CA SER C 203 -8.91 -10.72 -5.88
C SER C 203 -8.84 -12.00 -6.71
N THR C 204 -7.92 -12.90 -6.38
CA THR C 204 -7.73 -14.14 -7.14
C THR C 204 -8.50 -15.32 -6.60
N HIS C 205 -9.14 -15.18 -5.45
CA HIS C 205 -9.65 -16.36 -4.72
C HIS C 205 -10.73 -17.13 -5.47
N GLU C 206 -11.76 -16.43 -5.95
CA GLU C 206 -12.85 -17.08 -6.70
C GLU C 206 -12.34 -17.75 -7.99
N TYR C 207 -11.44 -17.08 -8.70
CA TYR C 207 -10.79 -17.64 -9.89
C TYR C 207 -10.11 -18.98 -9.55
N LEU C 208 -9.35 -18.99 -8.46
CA LEU C 208 -8.56 -20.15 -8.07
C LEU C 208 -9.44 -21.32 -7.66
N LYS C 209 -10.51 -21.03 -6.92
CA LYS C 209 -11.53 -22.04 -6.59
C LYS C 209 -12.20 -22.66 -7.82
N SER C 210 -12.47 -21.84 -8.83
CA SER C 210 -13.12 -22.34 -10.04
C SER C 210 -12.17 -23.17 -10.91
N LEU C 211 -10.85 -22.99 -10.73
CA LEU C 211 -9.86 -23.85 -11.38
C LEU C 211 -9.72 -25.22 -10.70
N GLY C 212 -10.14 -25.31 -9.44
CA GLY C 212 -10.11 -26.56 -8.68
C GLY C 212 -9.41 -26.52 -7.32
N ALA C 213 -9.04 -25.33 -6.85
CA ALA C 213 -8.39 -25.20 -5.53
C ALA C 213 -9.40 -25.36 -4.39
N SER C 214 -9.06 -26.20 -3.42
CA SER C 214 -9.89 -26.44 -2.23
C SER C 214 -9.90 -25.26 -1.27
N ARG C 215 -8.74 -24.62 -1.12
CA ARG C 215 -8.66 -23.36 -0.41
C ARG C 215 -7.51 -22.49 -0.88
N VAL C 216 -7.47 -21.25 -0.41
CA VAL C 216 -6.42 -20.31 -0.78
C VAL C 216 -5.78 -19.71 0.44
N LEU C 217 -4.46 -19.82 0.53
CA LEU C 217 -3.70 -19.28 1.65
C LEU C 217 -2.97 -18.02 1.24
N PRO C 218 -2.87 -17.04 2.12
CA PRO C 218 -2.20 -15.78 1.77
C PRO C 218 -0.68 -15.93 1.76
N ARG C 219 -0.03 -15.20 0.87
CA ARG C 219 1.41 -15.26 0.73
C ARG C 219 2.15 -14.67 1.92
N ASP C 220 1.53 -13.76 2.66
CA ASP C 220 2.21 -13.13 3.79
C ASP C 220 2.45 -14.08 4.98
N GLU C 221 1.81 -15.26 4.94
CA GLU C 221 2.06 -16.35 5.90
C GLU C 221 3.19 -17.29 5.46
N PHE C 222 3.84 -16.98 4.34
CA PHE C 222 4.98 -17.74 3.86
C PHE C 222 6.20 -16.84 3.74
N ALA C 223 6.39 -15.98 4.74
CA ALA C 223 7.49 -15.02 4.80
C ALA C 223 8.66 -15.48 5.70
N GLU C 224 8.36 -16.19 6.79
CA GLU C 224 9.41 -16.72 7.66
C GLU C 224 9.10 -18.16 8.11
N SER C 225 10.16 -18.91 8.41
CA SER C 225 10.05 -20.33 8.78
C SER C 225 11.19 -20.75 9.67
N ARG C 226 10.89 -21.65 10.60
CA ARG C 226 11.91 -22.43 11.28
C ARG C 226 12.44 -23.46 10.28
N PRO C 227 13.59 -24.06 10.57
CA PRO C 227 14.12 -25.10 9.68
C PRO C 227 13.13 -26.25 9.44
N LEU C 228 12.36 -26.62 10.46
CA LEU C 228 11.31 -27.62 10.34
C LEU C 228 10.01 -27.11 10.93
N GLU C 229 8.96 -27.08 10.10
CA GLU C 229 7.64 -26.67 10.54
C GLU C 229 6.78 -27.92 10.66
N LYS C 230 5.54 -27.78 11.10
CA LYS C 230 4.62 -28.91 11.13
C LYS C 230 4.44 -29.50 9.73
N GLN C 231 4.47 -30.82 9.62
CA GLN C 231 4.28 -31.50 8.34
C GLN C 231 2.85 -31.31 7.80
N VAL C 232 2.70 -30.68 6.64
CA VAL C 232 1.36 -30.48 6.06
C VAL C 232 1.19 -30.78 4.56
N TRP C 233 2.26 -30.81 3.75
CA TRP C 233 2.14 -31.05 2.30
C TRP C 233 2.72 -32.39 1.83
N ALA C 234 1.89 -33.20 1.19
CA ALA C 234 2.37 -34.41 0.50
C ALA C 234 3.28 -34.04 -0.66
N GLY C 235 2.95 -32.95 -1.33
CA GLY C 235 3.72 -32.47 -2.46
C GLY C 235 3.52 -30.99 -2.72
N ALA C 236 4.30 -30.42 -3.63
CA ALA C 236 4.24 -28.99 -3.92
C ALA C 236 4.76 -28.65 -5.31
N ILE C 237 4.14 -27.64 -5.92
CA ILE C 237 4.65 -27.03 -7.13
C ILE C 237 4.89 -25.57 -6.81
N ASP C 238 6.14 -25.14 -6.93
CA ASP C 238 6.54 -23.80 -6.53
C ASP C 238 7.00 -22.95 -7.71
N THR C 239 6.44 -21.74 -7.81
CA THR C 239 6.79 -20.78 -8.85
C THR C 239 7.43 -19.49 -8.33
N VAL C 240 7.63 -19.40 -7.01
CA VAL C 240 8.04 -18.17 -6.33
C VAL C 240 9.51 -18.18 -5.92
N GLY C 241 10.02 -19.33 -5.48
CA GLY C 241 11.35 -19.41 -4.90
C GLY C 241 11.45 -18.59 -3.62
N ASP C 242 12.67 -18.14 -3.29
CA ASP C 242 12.88 -17.22 -2.18
C ASP C 242 12.31 -17.78 -0.86
N LYS C 243 11.69 -16.93 -0.04
CA LYS C 243 11.24 -17.34 1.28
C LYS C 243 9.98 -18.20 1.26
N VAL C 244 9.17 -18.06 0.21
CA VAL C 244 7.99 -18.89 0.06
C VAL C 244 8.41 -20.35 -0.13
N LEU C 245 9.36 -20.59 -1.02
CA LEU C 245 9.86 -21.94 -1.25
C LEU C 245 10.55 -22.51 0.01
N ALA C 246 11.25 -21.65 0.75
CA ALA C 246 11.94 -22.08 1.97
C ALA C 246 10.96 -22.60 3.02
N LYS C 247 9.82 -21.92 3.14
CA LYS C 247 8.78 -22.29 4.10
C LYS C 247 8.06 -23.57 3.65
N VAL C 248 7.75 -23.65 2.36
CA VAL C 248 7.10 -24.82 1.81
C VAL C 248 7.97 -26.06 2.09
N LEU C 249 9.28 -25.93 1.90
CA LEU C 249 10.22 -27.04 2.18
C LEU C 249 10.17 -27.47 3.64
N ALA C 250 10.08 -26.50 4.54
CA ALA C 250 9.97 -26.77 5.97
C ALA C 250 8.65 -27.45 6.35
N GLN C 251 7.65 -27.34 5.47
CA GLN C 251 6.31 -27.85 5.72
C GLN C 251 6.03 -29.18 5.06
N MET C 252 7.01 -29.77 4.37
CA MET C 252 6.76 -31.01 3.62
C MET C 252 6.65 -32.23 4.55
N ASN C 253 5.66 -33.08 4.28
CA ASN C 253 5.56 -34.41 4.90
C ASN C 253 6.84 -35.19 4.64
N TYR C 254 7.11 -36.17 5.51
CA TYR C 254 8.18 -37.13 5.29
C TYR C 254 8.01 -37.78 3.91
N GLY C 255 9.09 -37.80 3.13
CA GLY C 255 9.09 -38.40 1.80
C GLY C 255 8.41 -37.58 0.72
N GLY C 256 7.99 -36.35 1.05
CA GLY C 256 7.31 -35.49 0.11
C GLY C 256 8.24 -34.90 -0.94
N CYS C 257 7.65 -34.36 -2.00
CA CYS C 257 8.42 -33.79 -3.08
C CYS C 257 7.95 -32.40 -3.44
N VAL C 258 8.90 -31.51 -3.70
CA VAL C 258 8.65 -30.17 -4.20
C VAL C 258 9.21 -30.03 -5.61
N ALA C 259 8.35 -29.75 -6.58
CA ALA C 259 8.77 -29.41 -7.93
C ALA C 259 8.93 -27.91 -8.02
N ALA C 260 10.16 -27.42 -8.16
CA ALA C 260 10.46 -26.00 -8.16
C ALA C 260 10.83 -25.57 -9.56
N CYS C 261 10.10 -24.56 -10.06
CA CYS C 261 10.32 -24.08 -11.43
C CYS C 261 10.50 -22.57 -11.56
N GLY C 262 10.39 -21.80 -10.48
CA GLY C 262 10.33 -20.35 -10.58
C GLY C 262 11.15 -19.52 -9.63
N LEU C 263 11.06 -18.20 -9.83
CA LEU C 263 11.79 -17.20 -9.05
C LEU C 263 10.99 -15.91 -8.97
N ALA C 264 9.66 -15.99 -9.01
CA ALA C 264 8.82 -14.78 -9.03
C ALA C 264 8.98 -13.88 -7.79
N GLY C 265 9.31 -14.49 -6.66
CA GLY C 265 9.58 -13.76 -5.41
C GLY C 265 11.05 -13.51 -5.11
N GLY C 266 11.94 -13.98 -5.99
CA GLY C 266 13.37 -13.87 -5.81
C GLY C 266 14.12 -15.15 -6.17
N PHE C 267 15.33 -15.00 -6.68
CA PHE C 267 16.10 -16.13 -7.19
C PHE C 267 16.86 -16.87 -6.09
N THR C 268 17.07 -16.23 -4.91
CA THR C 268 17.79 -16.89 -3.82
C THR C 268 16.91 -17.94 -3.14
N LEU C 269 17.56 -18.82 -2.38
CA LEU C 269 16.87 -19.86 -1.64
C LEU C 269 17.54 -20.01 -0.27
N PRO C 270 17.11 -19.20 0.69
CA PRO C 270 17.67 -19.25 2.04
C PRO C 270 16.95 -20.32 2.86
N THR C 271 17.39 -21.56 2.71
CA THR C 271 16.76 -22.70 3.35
C THR C 271 17.77 -23.44 4.24
N THR C 272 17.45 -24.65 4.65
CA THR C 272 18.36 -25.49 5.43
C THR C 272 18.36 -26.91 4.89
N VAL C 273 19.19 -27.78 5.45
CA VAL C 273 19.25 -29.19 5.04
C VAL C 273 18.26 -30.06 5.81
N MET C 274 17.60 -29.51 6.82
CA MET C 274 16.78 -30.30 7.75
C MET C 274 15.63 -31.06 7.09
N PRO C 275 14.83 -30.42 6.25
CA PRO C 275 13.78 -31.14 5.53
C PRO C 275 14.31 -32.29 4.68
N PHE C 276 15.52 -32.10 4.16
CA PHE C 276 16.18 -33.11 3.33
C PHE C 276 16.67 -34.31 4.17
N ILE C 277 17.44 -34.04 5.21
CA ILE C 277 18.12 -35.12 5.95
C ILE C 277 17.27 -35.78 7.06
N LEU C 278 16.25 -35.08 7.55
CA LEU C 278 15.39 -35.61 8.60
C LEU C 278 14.01 -35.97 8.08
N ARG C 279 13.68 -35.54 6.87
CA ARG C 279 12.39 -35.89 6.31
C ARG C 279 12.45 -36.48 4.91
N ASN C 280 13.65 -36.76 4.40
CA ASN C 280 13.79 -37.42 3.11
C ASN C 280 13.05 -36.68 1.99
N VAL C 281 13.13 -35.36 1.97
CA VAL C 281 12.38 -34.55 1.03
C VAL C 281 13.16 -34.48 -0.26
N ARG C 282 12.47 -34.57 -1.40
CA ARG C 282 13.06 -34.33 -2.70
C ARG C 282 12.76 -32.92 -3.17
N LEU C 283 13.76 -32.18 -3.60
CA LEU C 283 13.49 -30.91 -4.28
C LEU C 283 13.86 -31.14 -5.73
N GLN C 284 12.85 -31.39 -6.56
CA GLN C 284 13.04 -31.59 -7.99
C GLN C 284 12.92 -30.28 -8.77
N GLY C 285 14.05 -29.81 -9.27
CA GLY C 285 14.06 -28.72 -10.22
C GLY C 285 13.48 -29.13 -11.56
N VAL C 286 12.69 -28.22 -12.14
CA VAL C 286 12.07 -28.41 -13.45
C VAL C 286 12.46 -27.27 -14.38
N ASP C 287 13.21 -27.62 -15.42
CA ASP C 287 13.58 -26.70 -16.50
C ASP C 287 12.77 -27.06 -17.72
N SER C 288 12.37 -26.06 -18.48
CA SER C 288 11.61 -26.28 -19.71
C SER C 288 12.41 -26.00 -20.98
N VAL C 289 13.55 -25.33 -20.84
CA VAL C 289 14.31 -24.85 -21.99
C VAL C 289 14.90 -26.02 -22.77
N MET C 290 15.50 -26.97 -22.08
CA MET C 290 16.28 -28.05 -22.73
C MET C 290 15.73 -29.44 -22.47
N THR C 291 14.44 -29.52 -22.15
CA THR C 291 13.77 -30.80 -21.96
C THR C 291 14.00 -31.68 -23.20
N PRO C 292 14.61 -32.86 -23.06
CA PRO C 292 14.83 -33.73 -24.24
C PRO C 292 13.55 -34.06 -25.04
N PRO C 293 13.69 -34.35 -26.33
CA PRO C 293 12.54 -34.68 -27.19
C PRO C 293 11.54 -35.67 -26.59
N GLU C 294 12.00 -36.74 -25.97
CA GLU C 294 11.11 -37.80 -25.49
C GLU C 294 10.22 -37.34 -24.32
N ARG C 295 10.84 -36.69 -23.32
CA ARG C 295 10.14 -36.14 -22.16
C ARG C 295 9.22 -35.00 -22.57
N ARG C 296 9.71 -34.18 -23.48
CA ARG C 296 8.96 -33.08 -24.06
C ARG C 296 7.68 -33.56 -24.72
N ALA C 297 7.78 -34.55 -25.59
CA ALA C 297 6.62 -35.10 -26.30
C ALA C 297 5.62 -35.75 -25.32
N GLN C 298 6.15 -36.38 -24.29
CA GLN C 298 5.34 -37.00 -23.25
C GLN C 298 4.47 -35.95 -22.54
N ALA C 299 5.09 -34.82 -22.21
CA ALA C 299 4.41 -33.74 -21.49
C ALA C 299 3.26 -33.18 -22.31
N TRP C 300 3.50 -32.96 -23.60
CA TRP C 300 2.48 -32.41 -24.48
C TRP C 300 1.30 -33.39 -24.63
N GLN C 301 1.59 -34.68 -24.71
CA GLN C 301 0.54 -35.67 -24.86
C GLN C 301 -0.24 -35.80 -23.54
N ARG C 302 0.43 -35.56 -22.42
CA ARG C 302 -0.24 -35.58 -21.13
C ARG C 302 -1.15 -34.36 -20.98
N LEU C 303 -0.72 -33.22 -21.51
CA LEU C 303 -1.49 -31.99 -21.44
C LEU C 303 -2.81 -32.13 -22.18
N VAL C 304 -2.77 -32.76 -23.35
CA VAL C 304 -3.99 -32.98 -24.14
C VAL C 304 -5.00 -33.79 -23.35
N ALA C 305 -4.50 -34.78 -22.61
CA ALA C 305 -5.32 -35.72 -21.87
C ALA C 305 -5.81 -35.15 -20.54
N ASP C 306 -4.99 -34.34 -19.88
CA ASP C 306 -5.27 -33.96 -18.50
C ASP C 306 -5.88 -32.55 -18.33
N LEU C 307 -5.67 -31.67 -19.31
CA LEU C 307 -6.18 -30.30 -19.21
C LEU C 307 -7.64 -30.24 -19.71
N PRO C 308 -8.57 -29.89 -18.82
CA PRO C 308 -9.98 -29.88 -19.20
C PRO C 308 -10.30 -28.78 -20.22
N GLU C 309 -11.43 -28.86 -20.93
CA GLU C 309 -11.79 -27.86 -21.91
C GLU C 309 -11.98 -26.50 -21.25
N SER C 310 -12.60 -26.48 -20.06
CA SER C 310 -12.84 -25.24 -19.33
C SER C 310 -11.58 -24.38 -19.09
N PHE C 311 -10.42 -25.02 -18.94
CA PHE C 311 -9.19 -24.27 -18.72
C PHE C 311 -8.91 -23.27 -19.85
N TYR C 312 -9.15 -23.68 -21.09
CA TYR C 312 -8.82 -22.84 -22.24
C TYR C 312 -9.64 -21.55 -22.32
N THR C 313 -10.86 -21.56 -21.80
CA THR C 313 -11.66 -20.33 -21.74
C THR C 313 -11.51 -19.59 -20.41
N GLN C 314 -11.25 -20.29 -19.31
CA GLN C 314 -11.21 -19.70 -17.96
C GLN C 314 -9.91 -18.96 -17.66
N ALA C 315 -8.83 -19.41 -18.26
CA ALA C 315 -7.52 -18.92 -17.91
C ALA C 315 -6.88 -18.07 -18.99
N ALA C 316 -7.53 -17.91 -20.15
CA ALA C 316 -6.89 -17.21 -21.27
C ALA C 316 -7.44 -15.82 -21.49
N LYS C 317 -6.55 -14.88 -21.75
CA LYS C 317 -6.87 -13.57 -22.30
C LYS C 317 -6.12 -13.42 -23.61
N GLU C 318 -6.84 -13.18 -24.70
CA GLU C 318 -6.21 -12.94 -26.00
C GLU C 318 -5.89 -11.46 -26.16
N ILE C 319 -4.65 -11.18 -26.57
CA ILE C 319 -4.22 -9.83 -26.91
C ILE C 319 -3.55 -9.85 -28.26
N SER C 320 -3.33 -8.66 -28.82
CA SER C 320 -2.60 -8.54 -30.06
C SER C 320 -1.12 -8.28 -29.79
N LEU C 321 -0.29 -8.54 -30.80
CA LEU C 321 1.16 -8.48 -30.69
C LEU C 321 1.72 -7.20 -30.03
N SER C 322 1.27 -6.06 -30.53
CA SER C 322 1.85 -4.78 -30.16
C SER C 322 1.47 -4.33 -28.77
N GLU C 323 0.41 -4.91 -28.21
CA GLU C 323 0.03 -4.62 -26.84
C GLU C 323 0.61 -5.60 -25.82
N ALA C 324 1.51 -6.47 -26.28
CA ALA C 324 2.22 -7.40 -25.39
C ALA C 324 3.03 -6.73 -24.27
N PRO C 325 3.70 -5.63 -24.55
CA PRO C 325 4.40 -4.89 -23.50
C PRO C 325 3.50 -4.37 -22.36
N ASN C 326 2.25 -3.96 -22.62
CA ASN C 326 1.32 -3.60 -21.53
C ASN C 326 1.26 -4.74 -20.53
N PHE C 327 1.06 -5.95 -21.04
CA PHE C 327 0.86 -7.14 -20.22
C PHE C 327 2.17 -7.69 -19.66
N ALA C 328 3.29 -7.42 -20.32
CA ALA C 328 4.58 -7.74 -19.74
C ALA C 328 4.79 -6.94 -18.46
N GLU C 329 4.48 -5.63 -18.49
CA GLU C 329 4.63 -4.77 -17.32
C GLU C 329 3.68 -5.22 -16.21
N ALA C 330 2.49 -5.69 -16.58
CA ALA C 330 1.53 -6.21 -15.62
C ALA C 330 2.03 -7.48 -14.94
N ILE C 331 2.64 -8.39 -15.69
CA ILE C 331 3.21 -9.60 -15.13
C ILE C 331 4.22 -9.26 -14.04
N ILE C 332 5.15 -8.36 -14.37
CA ILE C 332 6.20 -7.94 -13.44
C ILE C 332 5.64 -7.23 -12.21
N ASN C 333 4.52 -6.53 -12.38
CA ASN C 333 3.93 -5.74 -11.31
C ASN C 333 2.87 -6.50 -10.51
N ASN C 334 2.76 -7.80 -10.75
CA ASN C 334 1.85 -8.68 -10.04
C ASN C 334 0.38 -8.29 -10.26
N GLN C 335 0.02 -8.10 -11.53
CA GLN C 335 -1.30 -7.67 -11.94
C GLN C 335 -1.87 -8.54 -13.05
N ILE C 336 -1.32 -9.74 -13.22
CA ILE C 336 -1.77 -10.69 -14.22
C ILE C 336 -2.47 -11.88 -13.56
N GLN C 337 -3.37 -12.51 -14.30
CA GLN C 337 -4.12 -13.68 -13.86
C GLN C 337 -4.29 -14.63 -15.05
N GLY C 338 -3.94 -15.90 -14.84
CA GLY C 338 -3.98 -16.92 -15.88
C GLY C 338 -2.88 -16.74 -16.92
N ARG C 339 -3.27 -16.89 -18.18
CA ARG C 339 -2.35 -16.96 -19.29
C ARG C 339 -2.68 -15.91 -20.35
N THR C 340 -1.64 -15.26 -20.87
CA THR C 340 -1.76 -14.25 -21.90
C THR C 340 -1.41 -14.86 -23.26
N LEU C 341 -2.44 -15.06 -24.07
CA LEU C 341 -2.32 -15.57 -25.43
C LEU C 341 -2.16 -14.41 -26.38
N VAL C 342 -1.23 -14.53 -27.33
CA VAL C 342 -0.95 -13.44 -28.27
C VAL C 342 -1.30 -13.83 -29.69
N LYS C 343 -2.30 -13.16 -30.28
CA LYS C 343 -2.56 -13.27 -31.72
C LYS C 343 -1.50 -12.47 -32.46
N VAL C 344 -0.68 -13.16 -33.23
CA VAL C 344 0.44 -12.52 -33.91
C VAL C 344 0.00 -11.86 -35.20
N ASN C 345 -0.74 -12.60 -36.04
CA ASN C 345 -1.16 -12.07 -37.34
C ASN C 345 -2.35 -11.11 -37.19
N LEU D 22 -0.18 65.48 -22.49
CA LEU D 22 -0.73 64.43 -21.56
C LEU D 22 0.32 63.94 -20.55
N GLN D 23 0.22 64.41 -19.30
CA GLN D 23 1.13 64.00 -18.24
C GLN D 23 0.72 62.64 -17.74
N ALA D 24 1.70 61.81 -17.40
CA ALA D 24 1.44 60.44 -16.93
C ALA D 24 2.63 59.88 -16.14
N LEU D 25 2.34 59.19 -15.04
CA LEU D 25 3.31 58.29 -14.42
C LEU D 25 3.40 57.05 -15.31
N LEU D 26 4.60 56.75 -15.80
CA LEU D 26 4.82 55.61 -16.68
C LEU D 26 5.80 54.64 -16.03
N LEU D 27 5.47 53.36 -16.04
CA LEU D 27 6.34 52.33 -15.49
C LEU D 27 7.05 51.62 -16.64
N GLU D 28 8.37 51.48 -16.54
CA GLU D 28 9.16 50.70 -17.46
C GLU D 28 9.82 49.59 -16.66
N GLN D 29 10.62 48.75 -17.32
CA GLN D 29 11.29 47.66 -16.65
C GLN D 29 12.62 47.38 -17.28
N GLN D 30 13.69 47.51 -16.51
CA GLN D 30 14.96 46.90 -16.88
C GLN D 30 15.66 46.23 -15.72
N ASP D 31 16.34 45.13 -16.05
CA ASP D 31 17.05 44.30 -15.09
C ASP D 31 16.13 43.78 -13.99
N GLY D 32 14.86 43.58 -14.33
CA GLY D 32 13.87 43.08 -13.39
C GLY D 32 13.39 44.07 -12.34
N LYS D 33 13.79 45.33 -12.47
CA LYS D 33 13.34 46.39 -11.59
C LYS D 33 12.42 47.32 -12.35
N THR D 34 11.43 47.87 -11.65
CA THR D 34 10.47 48.79 -12.23
C THR D 34 11.00 50.23 -12.11
N LEU D 35 10.83 51.04 -13.15
CA LEU D 35 11.27 52.43 -13.15
C LEU D 35 10.05 53.32 -13.32
N ALA D 36 9.81 54.19 -12.35
CA ALA D 36 8.66 55.07 -12.37
C ALA D 36 9.14 56.47 -12.65
N SER D 37 8.51 57.15 -13.59
CA SER D 37 8.77 58.56 -13.83
C SER D 37 7.57 59.23 -14.45
N VAL D 38 7.44 60.53 -14.27
CA VAL D 38 6.41 61.30 -14.94
C VAL D 38 6.94 61.74 -16.31
N GLN D 39 6.26 61.28 -17.36
CA GLN D 39 6.58 61.60 -18.74
C GLN D 39 5.41 62.38 -19.36
N THR D 40 5.73 63.09 -20.44
CA THR D 40 4.72 63.71 -21.29
C THR D 40 4.52 62.79 -22.47
N LEU D 41 3.33 62.22 -22.59
CA LEU D 41 3.00 61.29 -23.65
C LEU D 41 2.07 61.92 -24.67
N ASP D 42 2.16 61.45 -25.90
CA ASP D 42 1.20 61.73 -26.96
C ASP D 42 -0.13 61.06 -26.64
N GLU D 43 -1.24 61.69 -27.05
CA GLU D 43 -2.58 61.09 -27.01
C GLU D 43 -2.67 59.79 -27.80
N SER D 44 -1.90 59.70 -28.88
CA SER D 44 -1.89 58.53 -29.77
C SER D 44 -1.32 57.24 -29.12
N ARG D 45 -0.61 57.38 -28.00
CA ARG D 45 -0.06 56.23 -27.29
C ARG D 45 -1.08 55.53 -26.40
N LEU D 46 -2.21 56.19 -26.13
CA LEU D 46 -3.25 55.59 -25.30
C LEU D 46 -3.83 54.37 -26.02
N PRO D 47 -4.29 53.38 -25.24
CA PRO D 47 -4.84 52.16 -25.83
C PRO D 47 -6.23 52.42 -26.39
N GLU D 48 -6.75 51.50 -27.18
CA GLU D 48 -8.10 51.69 -27.72
C GLU D 48 -9.16 51.59 -26.58
N GLY D 49 -10.20 52.40 -26.73
CA GLY D 49 -11.31 52.43 -25.79
C GLY D 49 -12.49 53.18 -26.35
N ASP D 50 -13.68 52.85 -25.89
CA ASP D 50 -14.89 53.54 -26.34
C ASP D 50 -14.95 54.94 -25.76
N VAL D 51 -14.52 55.07 -24.51
CA VAL D 51 -14.70 56.29 -23.73
C VAL D 51 -13.33 56.85 -23.34
N THR D 52 -13.02 58.05 -23.83
CA THR D 52 -11.84 58.79 -23.38
C THR D 52 -12.27 59.72 -22.25
N VAL D 53 -11.53 59.69 -21.15
CA VAL D 53 -11.84 60.51 -19.98
C VAL D 53 -10.67 61.45 -19.68
N ASP D 54 -10.98 62.73 -19.52
CA ASP D 54 -10.06 63.71 -18.92
C ASP D 54 -10.01 63.52 -17.40
N VAL D 55 -9.01 62.76 -16.93
CA VAL D 55 -8.85 62.49 -15.51
C VAL D 55 -8.37 63.73 -14.74
N HIS D 56 -9.10 64.06 -13.67
CA HIS D 56 -8.73 65.14 -12.75
C HIS D 56 -8.16 64.64 -11.41
N TRP D 57 -8.49 63.40 -11.06
CA TRP D 57 -8.17 62.87 -9.74
C TRP D 57 -7.94 61.36 -9.82
N SER D 58 -6.95 60.87 -9.08
CA SER D 58 -6.72 59.45 -8.90
C SER D 58 -6.35 59.23 -7.45
N SER D 59 -5.76 58.08 -7.15
CA SER D 59 -5.29 57.77 -5.80
C SER D 59 -4.25 56.67 -5.81
N LEU D 60 -3.66 56.41 -4.64
CA LEU D 60 -2.76 55.29 -4.46
C LEU D 60 -3.38 54.35 -3.44
N ASN D 61 -3.59 53.12 -3.86
CA ASN D 61 -4.00 52.04 -3.00
C ASN D 61 -2.78 51.17 -2.75
N TYR D 62 -2.89 50.16 -1.91
CA TYR D 62 -1.76 49.26 -1.67
C TYR D 62 -1.31 48.60 -2.98
N LYS D 63 -2.25 48.24 -3.84
CA LYS D 63 -1.97 47.52 -5.08
C LYS D 63 -1.16 48.37 -6.05
N ASP D 64 -1.52 49.66 -6.12
CA ASP D 64 -0.80 50.64 -6.94
C ASP D 64 0.62 50.75 -6.44
N ALA D 65 0.77 50.75 -5.11
CA ALA D 65 2.07 50.83 -4.47
C ALA D 65 2.92 49.61 -4.84
N LEU D 66 2.32 48.44 -4.86
CA LEU D 66 3.02 47.24 -5.27
C LEU D 66 3.53 47.39 -6.71
N ALA D 67 2.66 47.91 -7.58
CA ALA D 67 2.93 48.02 -9.00
C ALA D 67 4.05 49.02 -9.29
N ILE D 68 3.97 50.18 -8.65
CA ILE D 68 4.94 51.26 -8.81
C ILE D 68 6.34 50.89 -8.28
N THR D 69 6.39 50.11 -7.21
CA THR D 69 7.66 49.72 -6.63
C THR D 69 8.22 48.46 -7.28
N GLY D 70 7.38 47.76 -8.05
CA GLY D 70 7.76 46.49 -8.64
C GLY D 70 7.70 45.30 -7.69
N LYS D 71 7.28 45.53 -6.44
CA LYS D 71 7.10 44.44 -5.47
C LYS D 71 5.85 43.63 -5.83
N GLY D 72 5.93 42.31 -5.65
CA GLY D 72 4.98 41.40 -6.31
C GLY D 72 5.16 41.37 -7.84
N LYS D 73 4.13 40.85 -8.50
CA LYS D 73 4.12 40.74 -9.97
C LYS D 73 2.80 41.30 -10.47
N ILE D 74 2.42 42.45 -9.93
CA ILE D 74 1.15 43.06 -10.26
C ILE D 74 1.10 43.38 -11.75
N ILE D 75 2.25 43.76 -12.31
CA ILE D 75 2.35 44.18 -13.70
C ILE D 75 3.25 43.28 -14.52
N ARG D 76 2.68 42.69 -15.57
CA ARG D 76 3.39 41.73 -16.41
C ARG D 76 3.82 42.31 -17.74
N ASN D 77 3.19 43.40 -18.16
CA ASN D 77 3.44 44.01 -19.46
C ASN D 77 3.73 45.50 -19.32
N PHE D 78 4.94 45.87 -19.73
CA PHE D 78 5.41 47.24 -19.70
C PHE D 78 5.58 47.71 -21.15
N PRO D 79 5.43 49.01 -21.41
CA PRO D 79 5.16 50.04 -20.40
C PRO D 79 3.73 49.99 -19.87
N MET D 80 3.53 50.51 -18.68
CA MET D 80 2.22 50.56 -18.05
C MET D 80 1.99 51.89 -17.35
N ILE D 81 0.84 52.50 -17.59
CA ILE D 81 0.39 53.58 -16.70
C ILE D 81 -0.37 52.91 -15.58
N PRO D 82 0.13 53.02 -14.35
CA PRO D 82 -0.54 52.40 -13.20
C PRO D 82 -1.73 53.23 -12.78
N GLY D 83 -2.42 52.84 -11.70
CA GLY D 83 -3.58 53.56 -11.19
C GLY D 83 -4.87 52.81 -11.45
N ILE D 84 -5.28 52.01 -10.46
CA ILE D 84 -6.55 51.27 -10.51
C ILE D 84 -7.79 52.16 -10.33
N ASP D 85 -7.59 53.42 -9.93
CA ASP D 85 -8.67 54.39 -9.77
C ASP D 85 -8.47 55.62 -10.64
N PHE D 86 -9.59 56.16 -11.10
CA PHE D 86 -9.63 57.55 -11.54
C PHE D 86 -11.04 58.14 -11.47
N ALA D 87 -11.11 59.47 -11.52
CA ALA D 87 -12.35 60.20 -11.65
C ALA D 87 -12.07 61.44 -12.47
N GLY D 88 -13.01 61.78 -13.36
CA GLY D 88 -12.87 62.95 -14.18
C GLY D 88 -14.09 63.21 -15.04
N THR D 89 -13.88 63.90 -16.15
CA THR D 89 -14.93 64.29 -17.06
C THR D 89 -14.76 63.56 -18.39
N VAL D 90 -15.85 63.04 -18.95
CA VAL D 90 -15.81 62.38 -20.27
C VAL D 90 -15.47 63.38 -21.39
N ARG D 91 -14.43 63.06 -22.16
CA ARG D 91 -13.98 63.88 -23.28
C ARG D 91 -14.72 63.50 -24.58
N THR D 92 -14.55 62.25 -25.02
CA THR D 92 -15.25 61.71 -26.20
C THR D 92 -15.75 60.33 -25.91
N SER D 93 -16.76 59.91 -26.68
CA SER D 93 -17.39 58.61 -26.46
C SER D 93 -18.03 58.02 -27.72
N GLU D 94 -17.72 56.75 -27.96
CA GLU D 94 -18.39 55.93 -28.99
C GLU D 94 -19.43 55.04 -28.32
N ASP D 95 -19.49 55.09 -26.99
CA ASP D 95 -20.43 54.34 -26.19
C ASP D 95 -21.59 55.27 -25.93
N PRO D 96 -22.79 54.93 -26.39
CA PRO D 96 -23.96 55.82 -26.27
C PRO D 96 -24.46 56.10 -24.84
N ARG D 97 -23.97 55.38 -23.83
CA ARG D 97 -24.39 55.61 -22.45
C ARG D 97 -23.64 56.77 -21.79
N PHE D 98 -22.58 57.22 -22.45
CA PHE D 98 -21.71 58.26 -21.91
C PHE D 98 -21.50 59.38 -22.91
N HIS D 99 -21.62 60.60 -22.44
CA HIS D 99 -21.57 61.80 -23.29
C HIS D 99 -20.47 62.75 -22.79
N ALA D 100 -19.94 63.55 -23.70
CA ALA D 100 -18.94 64.55 -23.35
C ALA D 100 -19.51 65.49 -22.28
N GLY D 101 -18.75 65.72 -21.22
CA GLY D 101 -19.16 66.61 -20.14
C GLY D 101 -19.57 65.92 -18.85
N GLN D 102 -19.78 64.61 -18.95
CA GLN D 102 -20.33 63.84 -17.84
C GLN D 102 -19.27 63.47 -16.82
N GLU D 103 -19.58 63.67 -15.54
CA GLU D 103 -18.70 63.24 -14.47
C GLU D 103 -18.79 61.74 -14.30
N VAL D 104 -17.63 61.09 -14.24
CA VAL D 104 -17.57 59.66 -14.02
C VAL D 104 -16.43 59.29 -13.07
N LEU D 105 -16.50 58.07 -12.55
CA LEU D 105 -15.41 57.48 -11.78
C LEU D 105 -15.16 56.06 -12.26
N LEU D 106 -14.02 55.51 -11.84
CA LEU D 106 -13.65 54.14 -12.17
C LEU D 106 -12.78 53.56 -11.07
N THR D 107 -13.09 52.34 -10.65
CA THR D 107 -12.17 51.54 -9.84
C THR D 107 -12.13 50.10 -10.35
N GLY D 108 -10.94 49.53 -10.41
CA GLY D 108 -10.78 48.13 -10.75
C GLY D 108 -10.92 47.77 -12.23
N TRP D 109 -11.47 46.58 -12.47
CA TRP D 109 -11.69 46.02 -13.82
C TRP D 109 -10.40 45.73 -14.61
N GLY D 110 -9.27 45.61 -13.90
CA GLY D 110 -7.97 45.40 -14.50
C GLY D 110 -7.28 46.68 -14.95
N VAL D 111 -7.95 47.81 -14.81
CA VAL D 111 -7.33 49.10 -15.07
C VAL D 111 -6.23 49.31 -14.02
N GLY D 112 -5.11 49.89 -14.44
CA GLY D 112 -3.94 50.03 -13.59
C GLY D 112 -3.11 48.76 -13.41
N GLU D 113 -3.53 47.66 -14.02
CA GLU D 113 -2.84 46.37 -13.89
C GLU D 113 -2.41 45.84 -15.27
N ASN D 114 -3.38 45.57 -16.12
CA ASN D 114 -3.07 45.11 -17.48
C ASN D 114 -3.71 45.99 -18.56
N HIS D 115 -4.22 47.14 -18.14
CA HIS D 115 -4.77 48.15 -19.03
C HIS D 115 -4.42 49.53 -18.46
N TRP D 116 -3.89 50.40 -19.33
CA TRP D 116 -3.38 51.69 -18.90
C TRP D 116 -4.37 52.44 -18.02
N GLY D 117 -3.86 52.95 -16.90
CA GLY D 117 -4.70 53.33 -15.78
C GLY D 117 -4.88 54.81 -15.54
N GLY D 118 -5.16 55.16 -14.29
CA GLY D 118 -5.70 56.45 -13.93
C GLY D 118 -4.71 57.49 -13.46
N LEU D 119 -3.44 57.11 -13.29
CA LEU D 119 -2.43 58.07 -12.87
C LEU D 119 -1.85 58.77 -14.09
N ALA D 120 -2.72 59.56 -14.73
CA ALA D 120 -2.48 60.18 -16.03
C ALA D 120 -3.62 61.15 -16.34
N GLU D 121 -3.37 62.14 -17.20
CA GLU D 121 -4.38 63.17 -17.49
C GLU D 121 -5.51 62.65 -18.37
N GLN D 122 -5.26 61.56 -19.09
CA GLN D 122 -6.28 60.92 -19.90
C GLN D 122 -6.23 59.41 -19.68
N ALA D 123 -7.41 58.80 -19.67
CA ALA D 123 -7.51 57.36 -19.76
C ALA D 123 -8.53 56.99 -20.83
N ARG D 124 -8.38 55.77 -21.35
CA ARG D 124 -9.26 55.26 -22.38
C ARG D 124 -9.69 53.86 -22.01
N VAL D 125 -11.01 53.66 -21.90
CA VAL D 125 -11.56 52.44 -21.28
C VAL D 125 -12.90 52.03 -21.88
N LYS D 126 -13.35 50.83 -21.52
CA LYS D 126 -14.69 50.36 -21.85
C LYS D 126 -15.74 51.03 -20.95
N GLY D 127 -16.88 51.36 -21.54
CA GLY D 127 -17.97 51.98 -20.81
C GLY D 127 -18.53 51.13 -19.67
N ASP D 128 -18.45 49.80 -19.79
CA ASP D 128 -18.86 48.89 -18.71
C ASP D 128 -18.04 49.07 -17.42
N TRP D 129 -16.82 49.59 -17.55
CA TRP D 129 -15.92 49.75 -16.41
C TRP D 129 -16.20 51.02 -15.61
N LEU D 130 -16.95 51.94 -16.19
CA LEU D 130 -17.24 53.24 -15.58
C LEU D 130 -18.48 53.22 -14.68
N VAL D 131 -18.51 54.16 -13.75
CA VAL D 131 -19.66 54.38 -12.89
C VAL D 131 -19.98 55.86 -13.00
N ALA D 132 -21.20 56.16 -13.44
CA ALA D 132 -21.69 57.55 -13.49
C ALA D 132 -21.63 58.12 -12.08
N MET D 133 -21.17 59.37 -11.98
CA MET D 133 -20.93 60.00 -10.69
C MET D 133 -22.18 59.95 -9.84
N PRO D 134 -22.14 59.21 -8.74
CA PRO D 134 -23.26 59.20 -7.79
C PRO D 134 -23.59 60.60 -7.30
N GLN D 135 -24.87 60.85 -7.09
CA GLN D 135 -25.32 62.12 -6.51
C GLN D 135 -24.84 62.21 -5.08
N GLY D 136 -24.45 63.41 -4.66
CA GLY D 136 -23.94 63.64 -3.31
C GLY D 136 -22.43 63.53 -3.29
N LEU D 137 -21.86 63.20 -4.45
CA LEU D 137 -20.44 62.91 -4.59
C LEU D 137 -19.84 63.65 -5.80
N ASP D 138 -18.59 64.08 -5.69
CA ASP D 138 -17.86 64.67 -6.84
C ASP D 138 -16.56 63.90 -7.09
N ALA D 139 -15.84 64.22 -8.17
CA ALA D 139 -14.64 63.47 -8.57
C ALA D 139 -13.55 63.40 -7.48
N ARG D 140 -13.36 64.49 -6.75
CA ARG D 140 -12.36 64.53 -5.69
C ARG D 140 -12.70 63.59 -4.54
N LYS D 141 -13.90 63.75 -3.98
CA LYS D 141 -14.37 62.90 -2.89
C LYS D 141 -14.37 61.42 -3.30
N ALA D 142 -14.71 61.15 -4.55
CA ALA D 142 -14.78 59.78 -5.05
C ALA D 142 -13.42 59.09 -5.02
N MET D 143 -12.33 59.85 -5.20
CA MET D 143 -10.98 59.30 -5.19
C MET D 143 -10.31 59.31 -3.82
N ILE D 144 -10.78 60.16 -2.91
CA ILE D 144 -10.40 60.05 -1.51
C ILE D 144 -10.88 58.67 -1.01
N ILE D 145 -12.08 58.27 -1.40
CA ILE D 145 -12.62 56.96 -1.10
C ILE D 145 -11.79 55.94 -1.87
N GLY D 146 -11.83 56.03 -3.18
CA GLY D 146 -11.05 55.15 -4.05
C GLY D 146 -11.37 53.69 -3.89
N THR D 147 -10.46 52.84 -4.37
CA THR D 147 -10.63 51.40 -4.29
C THR D 147 -10.67 50.95 -2.82
N ALA D 148 -9.87 51.59 -1.97
CA ALA D 148 -9.76 51.19 -0.58
C ALA D 148 -11.07 51.41 0.18
N GLY D 149 -11.70 52.55 -0.07
CA GLY D 149 -12.93 52.90 0.59
C GLY D 149 -14.11 52.13 0.05
N PHE D 150 -14.09 51.93 -1.27
CA PHE D 150 -15.05 51.08 -1.97
C PHE D 150 -15.00 49.69 -1.33
N THR D 151 -13.78 49.19 -1.12
CA THR D 151 -13.53 47.88 -0.56
C THR D 151 -14.01 47.81 0.89
N ALA D 152 -13.77 48.88 1.64
CA ALA D 152 -14.22 48.94 3.02
C ALA D 152 -15.72 48.84 3.08
N MET D 153 -16.41 49.50 2.15
CA MET D 153 -17.86 49.47 2.10
C MET D 153 -18.36 48.06 1.80
N LEU D 154 -17.72 47.39 0.83
CA LEU D 154 -18.08 46.00 0.49
C LEU D 154 -17.90 45.07 1.69
N CYS D 155 -16.92 45.37 2.53
CA CYS D 155 -16.64 44.58 3.72
C CYS D 155 -17.72 44.78 4.77
N VAL D 156 -18.15 46.04 4.96
CA VAL D 156 -19.23 46.36 5.89
C VAL D 156 -20.53 45.71 5.42
N MET D 157 -20.74 45.71 4.11
CA MET D 157 -21.92 45.07 3.52
C MET D 157 -21.90 43.55 3.69
N ALA D 158 -20.71 42.96 3.67
CA ALA D 158 -20.56 41.53 3.88
C ALA D 158 -20.91 41.14 5.31
N LEU D 159 -20.51 41.98 6.26
CA LEU D 159 -20.86 41.78 7.66
C LEU D 159 -22.37 41.88 7.89
N GLU D 160 -23.01 42.81 7.20
CA GLU D 160 -24.46 42.96 7.26
C GLU D 160 -25.18 41.77 6.64
N ASP D 161 -24.67 41.26 5.52
CA ASP D 161 -25.21 40.08 4.86
C ASP D 161 -25.16 38.87 5.80
N ALA D 162 -24.17 38.87 6.68
CA ALA D 162 -23.97 37.78 7.64
C ALA D 162 -24.74 37.94 8.95
N GLY D 163 -25.56 38.98 9.02
CA GLY D 163 -26.39 39.24 10.19
C GLY D 163 -25.69 39.86 11.39
N VAL D 164 -24.54 40.50 11.18
CA VAL D 164 -23.80 41.13 12.28
C VAL D 164 -24.33 42.55 12.50
N ARG D 165 -24.78 42.82 13.72
CA ARG D 165 -25.38 44.10 14.09
C ARG D 165 -24.59 44.71 15.26
N PRO D 166 -24.70 46.03 15.45
CA PRO D 166 -24.04 46.69 16.58
C PRO D 166 -24.21 46.01 17.95
N GLN D 167 -25.41 45.54 18.27
CA GLN D 167 -25.66 44.83 19.52
C GLN D 167 -24.92 43.48 19.69
N ASP D 168 -24.51 42.86 18.58
CA ASP D 168 -23.88 41.53 18.64
C ASP D 168 -22.48 41.53 19.25
N GLY D 169 -21.83 42.68 19.32
CA GLY D 169 -20.53 42.76 19.95
C GLY D 169 -19.53 43.57 19.16
N GLU D 170 -18.27 43.48 19.53
CA GLU D 170 -17.24 44.33 18.96
C GLU D 170 -16.80 43.88 17.58
N ILE D 171 -16.52 44.85 16.71
CA ILE D 171 -15.98 44.60 15.38
C ILE D 171 -14.52 44.98 15.40
N VAL D 172 -13.64 44.07 14.96
CA VAL D 172 -12.20 44.35 14.87
C VAL D 172 -11.78 44.66 13.44
N VAL D 173 -10.94 45.69 13.29
CA VAL D 173 -10.44 46.13 11.99
C VAL D 173 -8.92 46.09 12.05
N THR D 174 -8.30 45.31 11.18
CA THR D 174 -6.84 45.21 11.16
C THR D 174 -6.24 46.12 10.09
N GLY D 175 -4.96 46.43 10.24
CA GLY D 175 -4.29 47.39 9.38
C GLY D 175 -5.09 48.69 9.34
N ALA D 176 -5.55 49.08 10.53
CA ALA D 176 -6.64 50.04 10.69
C ALA D 176 -6.27 51.45 10.26
N SER D 177 -4.98 51.78 10.38
CA SER D 177 -4.50 53.12 10.06
C SER D 177 -4.40 53.37 8.56
N GLY D 178 -4.46 52.29 7.78
CA GLY D 178 -4.40 52.38 6.33
C GLY D 178 -5.67 52.89 5.68
N GLY D 179 -5.74 52.73 4.37
CA GLY D 179 -6.85 53.26 3.59
C GLY D 179 -8.16 52.53 3.81
N VAL D 180 -8.14 51.22 3.62
CA VAL D 180 -9.34 50.40 3.82
C VAL D 180 -9.71 50.47 5.29
N GLY D 181 -8.72 50.28 6.14
CA GLY D 181 -8.94 50.27 7.58
C GLY D 181 -9.55 51.57 8.09
N SER D 182 -9.01 52.71 7.66
CA SER D 182 -9.51 54.02 8.09
C SER D 182 -10.98 54.19 7.70
N THR D 183 -11.29 53.84 6.46
CA THR D 183 -12.64 53.96 5.95
C THR D 183 -13.57 53.04 6.72
N ALA D 184 -13.08 51.84 7.04
CA ALA D 184 -13.90 50.83 7.73
C ALA D 184 -14.26 51.30 9.14
N VAL D 185 -13.29 51.86 9.84
CA VAL D 185 -13.49 52.33 11.22
C VAL D 185 -14.55 53.43 11.21
N ALA D 186 -14.43 54.36 10.27
CA ALA D 186 -15.36 55.48 10.18
C ALA D 186 -16.76 55.04 9.81
N LEU D 187 -16.87 54.10 8.87
CA LEU D 187 -18.15 53.58 8.43
C LEU D 187 -18.87 52.87 9.58
N LEU D 188 -18.12 52.00 10.27
CA LEU D 188 -18.68 51.18 11.35
C LEU D 188 -19.14 52.05 12.53
N HIS D 189 -18.32 53.01 12.94
CA HIS D 189 -18.67 53.94 14.03
C HIS D 189 -19.97 54.71 13.71
N LYS D 190 -20.08 55.21 12.47
CA LYS D 190 -21.30 55.88 12.02
C LYS D 190 -22.53 54.95 12.04
N LEU D 191 -22.31 53.68 11.71
CA LEU D 191 -23.40 52.70 11.65
C LEU D 191 -23.79 52.15 13.02
N GLY D 192 -23.07 52.58 14.06
CA GLY D 192 -23.41 52.27 15.45
C GLY D 192 -22.60 51.16 16.11
N TYR D 193 -21.66 50.54 15.39
CA TYR D 193 -20.85 49.46 15.95
C TYR D 193 -19.80 49.99 16.91
N GLN D 194 -19.47 49.20 17.91
CA GLN D 194 -18.27 49.41 18.71
C GLN D 194 -17.05 48.80 18.03
N VAL D 195 -16.14 49.65 17.59
CA VAL D 195 -15.00 49.26 16.79
C VAL D 195 -13.71 49.18 17.59
N VAL D 196 -12.93 48.14 17.32
CA VAL D 196 -11.61 47.98 17.88
C VAL D 196 -10.61 47.92 16.73
N ALA D 197 -9.62 48.80 16.77
CA ALA D 197 -8.60 48.88 15.74
C ALA D 197 -7.34 48.14 16.16
N VAL D 198 -6.73 47.44 15.23
CA VAL D 198 -5.41 46.83 15.45
C VAL D 198 -4.39 47.57 14.61
N SER D 199 -3.35 48.06 15.24
CA SER D 199 -2.27 48.76 14.56
C SER D 199 -0.94 48.33 15.11
N GLY D 200 0.08 48.29 14.24
CA GLY D 200 1.44 47.98 14.63
C GLY D 200 2.32 49.19 14.94
N ARG D 201 1.73 50.38 14.98
CA ARG D 201 2.47 51.60 15.30
C ARG D 201 1.76 52.40 16.40
N GLU D 202 2.55 52.91 17.35
CA GLU D 202 2.01 53.75 18.41
C GLU D 202 1.54 55.13 17.91
N SER D 203 2.12 55.61 16.80
CA SER D 203 1.79 56.93 16.25
C SER D 203 0.38 57.08 15.64
N THR D 204 -0.29 55.96 15.38
CA THR D 204 -1.62 56.00 14.78
C THR D 204 -2.74 56.11 15.81
N HIS D 205 -2.42 56.00 17.09
CA HIS D 205 -3.45 55.76 18.10
C HIS D 205 -4.47 56.90 18.16
N GLU D 206 -3.99 58.14 18.27
CA GLU D 206 -4.87 59.31 18.32
C GLU D 206 -5.70 59.45 17.05
N TYR D 207 -5.05 59.33 15.90
CA TYR D 207 -5.75 59.31 14.61
C TYR D 207 -6.93 58.29 14.59
N LEU D 208 -6.66 57.06 14.99
CA LEU D 208 -7.68 56.00 15.01
C LEU D 208 -8.82 56.29 15.97
N LYS D 209 -8.50 56.83 17.14
CA LYS D 209 -9.56 57.23 18.08
C LYS D 209 -10.45 58.31 17.46
N SER D 210 -9.85 59.28 16.76
CA SER D 210 -10.62 60.36 16.16
C SER D 210 -11.53 59.89 15.03
N LEU D 211 -11.19 58.79 14.35
CA LEU D 211 -12.07 58.20 13.32
C LEU D 211 -13.28 57.45 13.88
N GLY D 212 -13.20 57.04 15.15
CA GLY D 212 -14.29 56.34 15.83
C GLY D 212 -13.95 55.03 16.53
N ALA D 213 -12.67 54.69 16.63
CA ALA D 213 -12.24 53.47 17.30
C ALA D 213 -12.33 53.65 18.82
N SER D 214 -12.96 52.66 19.48
CA SER D 214 -13.09 52.63 20.94
C SER D 214 -11.77 52.36 21.64
N ARG D 215 -10.96 51.48 21.06
CA ARG D 215 -9.62 51.23 21.55
C ARG D 215 -8.75 50.66 20.44
N VAL D 216 -7.45 50.63 20.71
CA VAL D 216 -6.47 50.21 19.74
C VAL D 216 -5.53 49.17 20.35
N LEU D 217 -5.58 47.96 19.84
CA LEU D 217 -4.69 46.89 20.28
C LEU D 217 -3.46 46.84 19.38
N PRO D 218 -2.29 46.55 19.97
CA PRO D 218 -1.06 46.44 19.20
C PRO D 218 -1.04 45.18 18.32
N ARG D 219 -0.35 45.25 17.19
CA ARG D 219 -0.35 44.16 16.22
C ARG D 219 0.49 42.98 16.68
N ASP D 220 1.49 43.22 17.53
CA ASP D 220 2.32 42.15 18.06
C ASP D 220 1.53 41.13 18.94
N GLU D 221 0.28 41.44 19.28
CA GLU D 221 -0.62 40.53 20.01
C GLU D 221 -1.44 39.65 19.07
N PHE D 222 -1.07 39.62 17.78
CA PHE D 222 -1.81 38.91 16.73
C PHE D 222 -0.82 38.11 15.86
N ALA D 223 0.11 37.41 16.52
CA ALA D 223 1.21 36.75 15.83
C ALA D 223 1.02 35.25 15.82
N GLU D 224 0.90 34.67 17.01
CA GLU D 224 0.73 33.22 17.12
C GLU D 224 -0.66 32.99 17.70
N SER D 225 -1.23 31.84 17.39
CA SER D 225 -2.56 31.53 17.91
C SER D 225 -2.80 30.05 18.01
N ARG D 226 -3.65 29.69 18.95
CA ARG D 226 -4.21 28.35 19.02
C ARG D 226 -5.32 28.24 17.97
N PRO D 227 -5.70 27.02 17.59
CA PRO D 227 -6.83 26.81 16.66
C PRO D 227 -8.11 27.54 17.11
N LEU D 228 -8.42 27.47 18.40
CA LEU D 228 -9.52 28.21 19.02
C LEU D 228 -9.02 29.00 20.22
N GLU D 229 -9.18 30.31 20.16
CA GLU D 229 -8.94 31.21 21.29
C GLU D 229 -10.27 31.62 21.94
N LYS D 230 -10.20 32.47 22.96
CA LYS D 230 -11.42 32.98 23.59
C LYS D 230 -12.24 33.78 22.60
N GLN D 231 -13.54 33.51 22.56
CA GLN D 231 -14.47 34.23 21.70
C GLN D 231 -14.58 35.69 22.11
N VAL D 232 -14.20 36.60 21.22
CA VAL D 232 -14.27 38.04 21.52
C VAL D 232 -14.86 38.96 20.43
N TRP D 233 -14.87 38.54 19.16
CA TRP D 233 -15.32 39.38 18.05
C TRP D 233 -16.66 38.95 17.43
N ALA D 234 -17.63 39.86 17.39
CA ALA D 234 -18.88 39.64 16.65
C ALA D 234 -18.66 39.63 15.12
N GLY D 235 -17.71 40.45 14.69
CA GLY D 235 -17.33 40.55 13.29
C GLY D 235 -15.95 41.16 13.12
N ALA D 236 -15.45 41.14 11.89
CA ALA D 236 -14.10 41.65 11.63
C ALA D 236 -13.94 42.06 10.18
N ILE D 237 -13.12 43.08 9.96
CA ILE D 237 -12.66 43.47 8.62
C ILE D 237 -11.16 43.37 8.65
N ASP D 238 -10.60 42.52 7.79
CA ASP D 238 -9.18 42.25 7.78
C ASP D 238 -8.48 42.70 6.49
N THR D 239 -7.40 43.45 6.65
CA THR D 239 -6.61 43.93 5.53
C THR D 239 -5.20 43.37 5.49
N VAL D 240 -4.85 42.49 6.45
CA VAL D 240 -3.46 42.09 6.66
C VAL D 240 -3.20 40.67 6.14
N GLY D 241 -4.14 39.77 6.35
CA GLY D 241 -3.96 38.37 6.02
C GLY D 241 -2.99 37.69 6.97
N ASP D 242 -2.29 36.70 6.45
CA ASP D 242 -1.22 36.05 7.18
C ASP D 242 -1.65 35.65 8.58
N LYS D 243 -0.81 35.91 9.58
CA LYS D 243 -1.01 35.38 10.93
C LYS D 243 -1.98 36.23 11.73
N VAL D 244 -2.12 37.51 11.34
CA VAL D 244 -3.11 38.39 11.96
C VAL D 244 -4.51 37.87 11.67
N LEU D 245 -4.77 37.54 10.41
CA LEU D 245 -6.07 36.99 10.03
C LEU D 245 -6.32 35.64 10.70
N ALA D 246 -5.28 34.82 10.82
CA ALA D 246 -5.41 33.50 11.47
C ALA D 246 -5.83 33.62 12.93
N LYS D 247 -5.30 34.60 13.63
CA LYS D 247 -5.62 34.82 15.04
C LYS D 247 -7.04 35.40 15.17
N VAL D 248 -7.38 36.34 14.30
CA VAL D 248 -8.71 36.93 14.32
C VAL D 248 -9.77 35.82 14.13
N LEU D 249 -9.51 34.90 13.21
CA LEU D 249 -10.42 33.79 12.96
C LEU D 249 -10.60 32.94 14.22
N ALA D 250 -9.51 32.71 14.93
CA ALA D 250 -9.56 31.93 16.17
C ALA D 250 -10.30 32.65 17.29
N GLN D 251 -10.46 33.96 17.17
CA GLN D 251 -11.09 34.77 18.21
C GLN D 251 -12.54 35.13 17.92
N MET D 252 -13.10 34.65 16.80
CA MET D 252 -14.48 35.00 16.45
C MET D 252 -15.50 34.32 17.37
N ASN D 253 -16.52 35.09 17.77
CA ASN D 253 -17.73 34.56 18.40
C ASN D 253 -18.42 33.54 17.48
N TYR D 254 -19.17 32.63 18.09
CA TYR D 254 -20.01 31.68 17.36
C TYR D 254 -20.92 32.45 16.38
N GLY D 255 -20.92 32.02 15.13
CA GLY D 255 -21.72 32.66 14.08
C GLY D 255 -21.18 33.98 13.55
N GLY D 256 -19.99 34.37 13.99
CA GLY D 256 -19.40 35.62 13.55
C GLY D 256 -18.89 35.54 12.12
N CYS D 257 -18.60 36.72 11.56
CA CYS D 257 -18.14 36.83 10.20
C CYS D 257 -16.88 37.69 10.09
N VAL D 258 -15.95 37.24 9.27
CA VAL D 258 -14.75 38.00 8.91
C VAL D 258 -14.81 38.32 7.42
N ALA D 259 -14.80 39.62 7.09
CA ALA D 259 -14.64 40.10 5.74
C ALA D 259 -13.15 40.31 5.52
N ALA D 260 -12.56 39.50 4.65
CA ALA D 260 -11.13 39.56 4.36
C ALA D 260 -10.88 40.11 2.99
N CYS D 261 -10.08 41.16 2.89
CA CYS D 261 -9.81 41.83 1.62
C CYS D 261 -8.36 42.07 1.30
N GLY D 262 -7.43 41.74 2.20
CA GLY D 262 -6.03 42.11 2.04
C GLY D 262 -4.95 41.08 2.32
N LEU D 263 -3.71 41.53 2.11
CA LEU D 263 -2.51 40.72 2.24
C LEU D 263 -1.30 41.58 2.68
N ALA D 264 -1.55 42.65 3.42
CA ALA D 264 -0.49 43.58 3.82
C ALA D 264 0.62 42.93 4.67
N GLY D 265 0.25 41.93 5.47
CA GLY D 265 1.20 41.16 6.27
C GLY D 265 1.66 39.85 5.65
N GLY D 266 1.17 39.52 4.47
CA GLY D 266 1.50 38.29 3.78
C GLY D 266 0.27 37.66 3.14
N PHE D 267 0.48 36.99 1.99
CA PHE D 267 -0.62 36.41 1.21
C PHE D 267 -1.05 35.02 1.72
N THR D 268 -0.22 34.34 2.50
CA THR D 268 -0.60 33.02 3.02
C THR D 268 -1.62 33.16 4.12
N LEU D 269 -2.26 32.04 4.44
CA LEU D 269 -3.24 31.99 5.51
C LEU D 269 -3.08 30.66 6.24
N PRO D 270 -2.18 30.63 7.23
CA PRO D 270 -1.92 29.42 8.01
C PRO D 270 -2.91 29.31 9.19
N THR D 271 -4.09 28.79 8.88
CA THR D 271 -5.19 28.71 9.82
C THR D 271 -5.62 27.25 10.01
N THR D 272 -6.77 27.02 10.63
CA THR D 272 -7.34 25.69 10.78
C THR D 272 -8.81 25.74 10.42
N VAL D 273 -9.45 24.59 10.36
CA VAL D 273 -10.88 24.51 10.11
C VAL D 273 -11.74 24.70 11.38
N MET D 274 -11.10 24.84 12.54
CA MET D 274 -11.80 24.75 13.82
C MET D 274 -12.84 25.86 14.04
N PRO D 275 -12.48 27.12 13.77
CA PRO D 275 -13.46 28.20 13.86
C PRO D 275 -14.67 27.95 12.97
N PHE D 276 -14.43 27.39 11.80
CA PHE D 276 -15.47 27.12 10.84
C PHE D 276 -16.41 25.99 11.31
N ILE D 277 -15.85 24.84 11.67
CA ILE D 277 -16.66 23.65 11.95
C ILE D 277 -17.22 23.55 13.38
N LEU D 278 -16.61 24.26 14.33
CA LEU D 278 -17.10 24.27 15.72
C LEU D 278 -17.72 25.61 16.13
N ARG D 279 -17.52 26.67 15.34
CA ARG D 279 -18.13 27.95 15.65
C ARG D 279 -18.90 28.61 14.49
N ASN D 280 -19.17 27.85 13.44
CA ASN D 280 -20.02 28.34 12.34
C ASN D 280 -19.55 29.68 11.79
N VAL D 281 -18.23 29.88 11.74
CA VAL D 281 -17.69 31.16 11.35
C VAL D 281 -17.71 31.26 9.83
N ARG D 282 -18.08 32.44 9.33
CA ARG D 282 -18.02 32.76 7.92
C ARG D 282 -16.76 33.58 7.62
N LEU D 283 -15.97 33.14 6.63
CA LEU D 283 -14.89 33.95 6.08
C LEU D 283 -15.32 34.41 4.70
N GLN D 284 -15.87 35.62 4.63
CA GLN D 284 -16.25 36.21 3.38
C GLN D 284 -15.09 36.96 2.76
N GLY D 285 -14.58 36.45 1.65
CA GLY D 285 -13.64 37.18 0.85
C GLY D 285 -14.29 38.35 0.12
N VAL D 286 -13.57 39.47 0.07
CA VAL D 286 -14.04 40.67 -0.60
C VAL D 286 -13.07 41.09 -1.72
N ASP D 287 -13.57 41.02 -2.94
CA ASP D 287 -12.87 41.50 -4.12
C ASP D 287 -13.56 42.76 -4.61
N SER D 288 -12.75 43.66 -5.16
CA SER D 288 -13.19 44.94 -5.66
C SER D 288 -12.96 45.06 -7.16
N VAL D 289 -12.13 44.19 -7.73
CA VAL D 289 -11.72 44.32 -9.13
C VAL D 289 -12.89 44.07 -10.05
N MET D 290 -13.65 43.00 -9.80
CA MET D 290 -14.72 42.57 -10.72
C MET D 290 -16.12 42.60 -10.10
N THR D 291 -16.32 43.46 -9.11
CA THR D 291 -17.61 43.57 -8.43
C THR D 291 -18.68 43.88 -9.47
N PRO D 292 -19.70 43.03 -9.61
CA PRO D 292 -20.70 43.24 -10.67
C PRO D 292 -21.39 44.60 -10.58
N PRO D 293 -21.87 45.14 -11.72
CA PRO D 293 -22.53 46.46 -11.75
C PRO D 293 -23.49 46.74 -10.59
N GLU D 294 -24.36 45.80 -10.24
CA GLU D 294 -25.40 46.06 -9.26
C GLU D 294 -24.84 46.26 -7.86
N ARG D 295 -23.96 45.38 -7.45
CA ARG D 295 -23.31 45.49 -6.15
C ARG D 295 -22.43 46.73 -6.09
N ARG D 296 -21.68 46.96 -7.16
CA ARG D 296 -20.86 48.14 -7.33
C ARG D 296 -21.65 49.43 -7.06
N ALA D 297 -22.80 49.59 -7.72
CA ALA D 297 -23.62 50.80 -7.58
C ALA D 297 -24.19 50.93 -6.17
N GLN D 298 -24.50 49.81 -5.53
CA GLN D 298 -25.04 49.79 -4.18
C GLN D 298 -23.99 50.32 -3.19
N ALA D 299 -22.75 49.91 -3.38
CA ALA D 299 -21.67 50.29 -2.48
C ALA D 299 -21.39 51.80 -2.52
N TRP D 300 -21.40 52.37 -3.71
CA TRP D 300 -21.16 53.80 -3.88
C TRP D 300 -22.31 54.60 -3.28
N GLN D 301 -23.53 54.16 -3.51
CA GLN D 301 -24.75 54.76 -2.94
C GLN D 301 -24.65 54.79 -1.39
N ARG D 302 -24.13 53.69 -0.82
CA ARG D 302 -24.03 53.54 0.62
C ARG D 302 -22.90 54.37 1.20
N LEU D 303 -21.85 54.56 0.40
CA LEU D 303 -20.70 55.37 0.82
C LEU D 303 -21.13 56.82 0.96
N VAL D 304 -22.05 57.26 0.10
CA VAL D 304 -22.57 58.62 0.21
C VAL D 304 -23.41 58.77 1.48
N ALA D 305 -24.19 57.74 1.79
CA ALA D 305 -25.07 57.74 2.96
C ALA D 305 -24.32 57.72 4.28
N ASP D 306 -23.27 56.90 4.34
CA ASP D 306 -22.73 56.43 5.61
C ASP D 306 -21.34 56.95 5.98
N LEU D 307 -20.58 57.46 5.02
CA LEU D 307 -19.28 58.07 5.31
C LEU D 307 -19.44 59.52 5.77
N PRO D 308 -19.04 59.84 6.99
CA PRO D 308 -19.19 61.22 7.49
C PRO D 308 -18.26 62.20 6.76
N GLU D 309 -18.69 63.46 6.63
CA GLU D 309 -17.95 64.47 5.89
C GLU D 309 -16.57 64.74 6.47
N SER D 310 -16.42 64.52 7.77
CA SER D 310 -15.14 64.72 8.46
C SER D 310 -14.05 63.78 7.94
N PHE D 311 -14.45 62.68 7.32
CA PHE D 311 -13.51 61.70 6.79
C PHE D 311 -12.68 62.27 5.66
N TYR D 312 -13.32 63.01 4.75
CA TYR D 312 -12.63 63.60 3.59
C TYR D 312 -11.49 64.55 4.00
N THR D 313 -11.65 65.23 5.12
CA THR D 313 -10.59 66.11 5.63
C THR D 313 -9.61 65.37 6.55
N GLN D 314 -10.10 64.36 7.26
CA GLN D 314 -9.32 63.72 8.33
C GLN D 314 -8.35 62.68 7.80
N ALA D 315 -8.68 62.09 6.65
CA ALA D 315 -7.90 60.98 6.13
C ALA D 315 -7.17 61.31 4.84
N ALA D 316 -7.50 62.44 4.21
CA ALA D 316 -6.94 62.72 2.88
C ALA D 316 -5.60 63.43 2.94
N LYS D 317 -4.74 63.04 2.01
CA LYS D 317 -3.48 63.68 1.76
C LYS D 317 -3.39 63.78 0.24
N GLU D 318 -3.35 65.01 -0.29
CA GLU D 318 -3.44 65.25 -1.73
C GLU D 318 -2.05 65.47 -2.30
N ILE D 319 -1.61 64.54 -3.13
CA ILE D 319 -0.29 64.65 -3.75
C ILE D 319 -0.34 64.92 -5.25
N SER D 320 0.83 65.24 -5.79
CA SER D 320 0.99 65.37 -7.23
C SER D 320 1.52 64.08 -7.81
N LEU D 321 1.43 63.97 -9.13
CA LEU D 321 1.87 62.78 -9.86
C LEU D 321 3.31 62.42 -9.59
N SER D 322 4.18 63.41 -9.56
CA SER D 322 5.61 63.12 -9.39
C SER D 322 6.01 62.74 -7.94
N GLU D 323 5.09 62.90 -6.98
CA GLU D 323 5.28 62.40 -5.62
C GLU D 323 4.75 60.98 -5.44
N ALA D 324 4.11 60.43 -6.47
CA ALA D 324 3.54 59.08 -6.36
C ALA D 324 4.56 57.95 -6.08
N PRO D 325 5.74 57.97 -6.69
CA PRO D 325 6.78 56.99 -6.32
C PRO D 325 7.20 57.06 -4.84
N ASN D 326 7.30 58.26 -4.27
CA ASN D 326 7.64 58.42 -2.84
C ASN D 326 6.55 57.85 -1.92
N PHE D 327 5.30 58.13 -2.25
CA PHE D 327 4.19 57.69 -1.43
C PHE D 327 3.98 56.20 -1.60
N ALA D 328 4.29 55.67 -2.79
CA ALA D 328 4.25 54.23 -3.02
C ALA D 328 5.24 53.52 -2.10
N GLU D 329 6.46 54.05 -1.98
CA GLU D 329 7.47 53.44 -1.11
C GLU D 329 7.02 53.48 0.33
N ALA D 330 6.46 54.61 0.75
CA ALA D 330 5.99 54.78 2.10
C ALA D 330 4.92 53.74 2.43
N ILE D 331 4.05 53.45 1.48
CA ILE D 331 3.00 52.44 1.66
C ILE D 331 3.57 51.04 1.91
N ILE D 332 4.51 50.62 1.06
CA ILE D 332 5.13 49.30 1.19
C ILE D 332 5.85 49.20 2.54
N ASN D 333 6.47 50.29 2.95
CA ASN D 333 7.29 50.32 4.14
C ASN D 333 6.51 50.67 5.38
N ASN D 334 5.18 50.55 5.30
CA ASN D 334 4.30 50.76 6.44
C ASN D 334 4.57 52.13 7.09
N GLN D 335 4.41 53.17 6.29
CA GLN D 335 4.71 54.52 6.70
C GLN D 335 3.63 55.55 6.30
N ILE D 336 2.48 55.11 5.79
CA ILE D 336 1.38 56.04 5.52
C ILE D 336 0.20 55.83 6.44
N GLN D 337 -0.73 56.77 6.36
CA GLN D 337 -1.84 56.86 7.26
C GLN D 337 -2.99 57.50 6.48
N GLY D 338 -4.17 56.88 6.51
CA GLY D 338 -5.29 57.36 5.73
C GLY D 338 -5.17 57.03 4.24
N ARG D 339 -5.63 57.98 3.44
CA ARG D 339 -5.84 57.81 2.02
C ARG D 339 -5.01 58.81 1.23
N THR D 340 -4.32 58.33 0.21
CA THR D 340 -3.52 59.19 -0.65
C THR D 340 -4.33 59.57 -1.89
N LEU D 341 -4.81 60.80 -1.92
CA LEU D 341 -5.48 61.35 -3.09
C LEU D 341 -4.41 61.90 -4.03
N VAL D 342 -4.66 61.83 -5.33
CA VAL D 342 -3.72 62.31 -6.34
C VAL D 342 -4.36 63.35 -7.28
N LYS D 343 -3.86 64.59 -7.24
CA LYS D 343 -4.27 65.58 -8.23
C LYS D 343 -3.47 65.31 -9.48
N VAL D 344 -4.16 64.99 -10.56
CA VAL D 344 -3.49 64.51 -11.76
C VAL D 344 -2.99 65.67 -12.63
N ASN D 345 -3.82 66.67 -12.83
CA ASN D 345 -3.45 67.80 -13.71
C ASN D 345 -2.87 68.97 -12.91
#